data_8C7M
#
_entry.id   8C7M
#
_cell.length_a   73.663
_cell.length_b   140.178
_cell.length_c   219.363
_cell.angle_alpha   90.00
_cell.angle_beta   90.00
_cell.angle_gamma   90.00
#
_symmetry.space_group_name_H-M   'P 21 21 21'
#
loop_
_entity.id
_entity.type
_entity.pdbx_description
1 polymer 'Interleukin-12 receptor subunit beta-1'
2 polymer 'FAb4 Heavy chain'
3 polymer 'FAb4 Crystal Kappa Light chain'
4 non-polymer 2-acetamido-2-deoxy-beta-D-glucopyranose
5 non-polymer 'CHLORIDE ION'
6 water water
#
loop_
_entity_poly.entity_id
_entity_poly.type
_entity_poly.pdbx_seq_one_letter_code
_entity_poly.pdbx_strand_id
1 'polypeptide(L)'
;PPENPPQPQVRFSVEQLGQDGRRRLTLKEQPTQLELPEGCQGLAPGTEVTYRLQLHMLSCPCKAKATRTLHLGKMPYLSG
AAYNVAVISSNQFGPGLNQTWHIPADTHTEPVALNISVGTNGTTMYWPARAQSMTYCIEWQPVGQDGGLATCSLTAPQDP
DPAGMATYSWSRESGAMGQEKCYYITIFASAHPEKLTLWSTVLSTYHFGGNASAAGTPHHVSVKNHSLDSVSVDWAPSLL
STCPGVLKEYVVRCRDEDSKQVSEHPVQPTETQVTLSGLRAGVAYTVQVRADTAWLRGVWSQPQRFSIEDEVD
;
A,B
2 'polypeptide(L)'
;QVQLVESGGGVVQPGRSLRLSCAASGFTFTSYGMSWVRQAPGKGLEWVAGISYDASDTEYADSVKGRFTISRDNSKNTLY
LQMNSLRAEDTAVYYCARSPDYIIDYGFDYWGRGTLVTVSSASTKGPSVFPLAPSSKSTSGGTAALGCLVKDYFPEPVTV
SWNSGALTSGVHTFPAVLQSSGLYSLSSVVTVPSSSLGTQTYICNVNHKPSNTKVDKRVEPKSCGHHHHHH
;
C,H
3 'polypeptide(L)'
;AIQMTQSPSSLSASVGDRVTITCRASQGISSDLAWYQQKPGKAPKLLIYDASSLQSGVPSRFSGSGSGTDFTLTISSLQP
EDFATYYCQQYWWYPFTFGQGTKVEIKRTVAAPSVFIFPPSDEQLKSGTASVVCLLNNFYPREAKVQWKVDNALQSGNSQ
ESVTEQDSKDSTYSLSSTLTLSKADYEKHKVYACEVTQGTTSVTKSFNRGEC
;
D,L
#
# COMPACT_ATOMS: atom_id res chain seq x y z
N GLN A 7 -26.83 5.00 45.99
CA GLN A 7 -26.14 5.89 45.05
C GLN A 7 -24.93 6.52 45.73
N PRO A 8 -23.75 6.40 45.11
CA PRO A 8 -22.54 7.00 45.69
C PRO A 8 -22.34 8.41 45.20
N GLN A 9 -21.93 9.31 46.11
CA GLN A 9 -21.67 10.70 45.75
C GLN A 9 -20.26 10.80 45.17
N VAL A 10 -20.09 10.23 43.99
CA VAL A 10 -18.86 10.37 43.22
C VAL A 10 -19.08 11.42 42.15
N ARG A 11 -18.05 12.21 41.86
CA ARG A 11 -18.14 13.20 40.79
C ARG A 11 -17.00 13.01 39.81
N PHE A 12 -17.32 13.15 38.52
CA PHE A 12 -16.37 12.91 37.44
C PHE A 12 -15.60 14.18 37.09
N SER A 13 -14.44 13.98 36.48
CA SER A 13 -13.68 15.03 35.83
C SER A 13 -13.21 14.51 34.49
N VAL A 14 -12.91 15.44 33.57
CA VAL A 14 -12.44 15.08 32.24
C VAL A 14 -11.30 16.00 31.86
N GLU A 15 -10.28 15.44 31.23
CA GLU A 15 -9.19 16.24 30.68
C GLU A 15 -9.65 16.95 29.42
N GLN A 16 -8.94 18.01 29.06
CA GLN A 16 -9.11 18.57 27.74
C GLN A 16 -8.54 17.62 26.69
N LEU A 17 -9.05 17.73 25.48
CA LEU A 17 -8.60 16.86 24.39
C LEU A 17 -7.11 17.07 24.14
N GLY A 18 -6.34 15.97 24.23
CA GLY A 18 -4.91 16.03 24.03
C GLY A 18 -4.54 15.90 22.57
N GLN A 19 -3.22 15.97 22.32
CA GLN A 19 -2.72 15.87 20.96
C GLN A 19 -3.03 14.53 20.32
N ASP A 20 -3.26 13.49 21.12
CA ASP A 20 -3.64 12.18 20.59
C ASP A 20 -5.13 12.07 20.30
N GLY A 21 -5.90 13.13 20.55
CA GLY A 21 -7.34 13.03 20.42
C GLY A 21 -8.00 12.25 21.52
N ARG A 22 -7.37 12.15 22.69
CA ARG A 22 -7.89 11.42 23.82
C ARG A 22 -8.01 12.36 25.03
N ARG A 23 -8.83 11.94 25.99
CA ARG A 23 -8.97 12.63 27.26
C ARG A 23 -9.44 11.63 28.31
N ARG A 24 -8.85 11.69 29.50
CA ARG A 24 -9.14 10.71 30.54
C ARG A 24 -10.32 11.17 31.39
N LEU A 25 -11.34 10.34 31.45
CA LEU A 25 -12.44 10.51 32.41
C LEU A 25 -12.00 9.94 33.75
N THR A 26 -11.82 10.81 34.74
CA THR A 26 -11.41 10.41 36.09
C THR A 26 -12.60 10.50 37.04
N LEU A 27 -12.40 9.95 38.24
CA LEU A 27 -13.48 9.79 39.19
C LEU A 27 -12.96 10.03 40.61
N LYS A 28 -13.79 10.66 41.44
CA LYS A 28 -13.43 10.97 42.81
C LYS A 28 -14.66 10.83 43.71
N GLU A 29 -14.44 10.32 44.92
CA GLU A 29 -15.52 10.01 45.85
C GLU A 29 -15.54 11.01 46.99
N GLN A 30 -16.63 11.78 47.08
CA GLN A 30 -16.84 12.73 48.17
C GLN A 30 -18.31 12.72 48.56
N PRO A 31 -18.70 11.81 49.48
CA PRO A 31 -20.07 11.74 50.01
C PRO A 31 -20.32 12.71 51.16
N THR A 50 -23.01 -2.95 45.54
CA THR A 50 -21.84 -2.50 44.79
C THR A 50 -22.25 -1.58 43.65
N TYR A 51 -21.31 -0.79 43.14
CA TYR A 51 -21.57 0.19 42.11
C TYR A 51 -20.68 -0.07 40.90
N ARG A 52 -21.22 0.22 39.72
CA ARG A 52 -20.52 0.02 38.46
C ARG A 52 -20.79 1.23 37.56
N LEU A 53 -19.97 1.36 36.53
CA LEU A 53 -20.02 2.50 35.62
C LEU A 53 -20.51 2.03 34.25
N GLN A 54 -21.51 2.71 33.73
CA GLN A 54 -22.01 2.44 32.38
C GLN A 54 -21.66 3.63 31.49
N LEU A 55 -21.00 3.34 30.37
CA LEU A 55 -20.46 4.36 29.48
C LEU A 55 -21.08 4.20 28.11
N HIS A 56 -21.70 5.26 27.61
CA HIS A 56 -22.40 5.25 26.33
C HIS A 56 -21.84 6.36 25.46
N MET A 57 -21.24 5.99 24.33
CA MET A 57 -20.71 6.96 23.39
C MET A 57 -21.81 7.35 22.41
N LEU A 58 -22.18 8.63 22.41
CA LEU A 58 -23.30 9.09 21.60
C LEU A 58 -22.89 9.36 20.15
N SER A 59 -21.73 9.96 19.94
CA SER A 59 -21.29 10.28 18.60
C SER A 59 -21.00 9.01 17.80
N CYS A 60 -21.07 9.14 16.47
CA CYS A 60 -20.91 8.03 15.53
C CYS A 60 -21.93 6.95 15.84
N PRO A 61 -23.22 7.19 15.56
CA PRO A 61 -24.24 6.21 15.95
C PRO A 61 -24.22 4.93 15.12
N CYS A 62 -23.54 4.92 13.97
CA CYS A 62 -23.55 3.74 13.11
C CYS A 62 -22.51 2.70 13.50
N LYS A 63 -21.86 2.85 14.65
CA LYS A 63 -20.93 1.84 15.13
C LYS A 63 -21.68 0.68 15.78
N ALA A 64 -21.04 -0.48 15.78
CA ALA A 64 -21.71 -1.69 16.25
C ALA A 64 -21.76 -1.77 17.78
N LYS A 65 -20.69 -1.38 18.46
CA LYS A 65 -20.62 -1.42 19.91
C LYS A 65 -20.63 0.02 20.43
N ALA A 66 -21.62 0.35 21.25
CA ALA A 66 -21.82 1.72 21.71
C ALA A 66 -21.72 1.89 23.22
N THR A 67 -21.87 0.84 24.00
CA THR A 67 -21.84 0.94 25.46
C THR A 67 -20.89 -0.11 26.04
N ARG A 68 -20.35 0.21 27.21
CA ARG A 68 -19.54 -0.73 27.98
C ARG A 68 -19.78 -0.46 29.46
N THR A 69 -19.86 -1.53 30.24
CA THR A 69 -19.95 -1.43 31.69
C THR A 69 -18.57 -1.68 32.28
N LEU A 70 -18.11 -0.75 33.12
CA LEU A 70 -16.76 -0.79 33.65
C LEU A 70 -16.79 -0.71 35.17
N HIS A 71 -15.70 -1.17 35.78
CA HIS A 71 -15.47 -0.92 37.19
C HIS A 71 -15.20 0.57 37.40
N LEU A 72 -15.67 1.09 38.53
CA LEU A 72 -15.53 2.52 38.80
C LEU A 72 -14.07 2.95 38.85
N GLY A 73 -13.19 2.06 39.33
CA GLY A 73 -11.82 2.46 39.61
C GLY A 73 -10.96 2.65 38.38
N LYS A 74 -11.27 1.95 37.29
CA LYS A 74 -10.51 2.12 36.06
C LYS A 74 -11.10 3.29 35.28
N MET A 75 -10.23 4.19 34.83
CA MET A 75 -10.64 5.49 34.32
C MET A 75 -10.19 5.63 32.87
N PRO A 76 -11.09 5.38 31.91
CA PRO A 76 -10.67 5.23 30.52
C PRO A 76 -10.32 6.57 29.87
N TYR A 77 -9.60 6.46 28.75
CA TYR A 77 -9.28 7.62 27.92
C TYR A 77 -10.33 7.71 26.82
N LEU A 78 -11.29 8.61 26.99
CA LEU A 78 -12.34 8.80 26.00
C LEU A 78 -11.80 9.61 24.81
N SER A 79 -12.64 9.72 23.79
CA SER A 79 -12.36 10.61 22.66
C SER A 79 -13.04 11.95 22.91
N GLY A 80 -13.01 12.82 21.92
CA GLY A 80 -13.75 14.08 22.01
C GLY A 80 -15.23 13.95 21.73
N ALA A 81 -15.72 12.73 21.56
CA ALA A 81 -17.13 12.49 21.29
C ALA A 81 -17.98 12.84 22.51
N ALA A 82 -19.29 12.91 22.28
CA ALA A 82 -20.23 13.08 23.38
C ALA A 82 -20.52 11.73 24.03
N TYR A 83 -20.57 11.72 25.37
CA TYR A 83 -20.79 10.50 26.12
C TYR A 83 -21.89 10.70 27.15
N ASN A 84 -22.59 9.62 27.45
CA ASN A 84 -23.41 9.50 28.65
C ASN A 84 -22.71 8.53 29.60
N VAL A 85 -22.36 9.01 30.79
CA VAL A 85 -21.74 8.17 31.81
C VAL A 85 -22.70 8.14 33.00
N ALA A 86 -22.90 6.94 33.55
CA ALA A 86 -23.81 6.75 34.66
C ALA A 86 -23.24 5.75 35.64
N VAL A 87 -23.41 6.05 36.93
CA VAL A 87 -23.06 5.11 38.00
C VAL A 87 -24.30 4.31 38.35
N ILE A 88 -24.25 3.00 38.11
CA ILE A 88 -25.38 2.11 38.32
C ILE A 88 -25.11 1.28 39.57
N SER A 89 -26.14 1.10 40.39
CA SER A 89 -26.02 0.40 41.66
C SER A 89 -26.47 -1.06 41.54
N SER A 90 -25.78 -1.92 42.28
CA SER A 90 -26.11 -3.34 42.39
C SER A 90 -26.37 -3.66 43.86
N ASN A 91 -27.63 -3.89 44.20
CA ASN A 91 -28.01 -4.18 45.58
C ASN A 91 -28.33 -5.66 45.77
N ASN A 98 -29.48 6.08 39.92
CA ASN A 98 -28.35 6.27 39.01
C ASN A 98 -28.05 7.75 38.75
N GLN A 99 -26.83 8.17 39.06
CA GLN A 99 -26.36 9.50 38.72
C GLN A 99 -25.77 9.48 37.31
N THR A 100 -26.15 10.48 36.51
CA THR A 100 -25.75 10.52 35.11
C THR A 100 -25.09 11.85 34.81
N TRP A 101 -24.06 11.82 33.97
CA TRP A 101 -23.40 13.02 33.48
C TRP A 101 -23.33 12.93 31.97
N HIS A 102 -23.80 13.99 31.30
CA HIS A 102 -23.67 14.11 29.85
C HIS A 102 -22.33 14.78 29.58
N ILE A 103 -21.35 13.99 29.15
CA ILE A 103 -20.01 14.50 28.89
C ILE A 103 -20.03 15.31 27.60
N PRO A 104 -19.73 16.61 27.65
CA PRO A 104 -19.77 17.41 26.43
C PRO A 104 -18.69 17.02 25.44
N ALA A 105 -18.99 17.21 24.16
CA ALA A 105 -17.98 17.01 23.13
C ALA A 105 -16.84 18.01 23.28
N ASP A 106 -15.64 17.56 22.93
CA ASP A 106 -14.44 18.41 23.00
C ASP A 106 -13.53 18.01 21.84
N THR A 107 -13.73 18.66 20.69
CA THR A 107 -13.09 18.26 19.46
C THR A 107 -11.79 19.05 19.22
N HIS A 108 -11.07 18.61 18.20
CA HIS A 108 -9.89 19.31 17.69
C HIS A 108 -10.22 19.85 16.30
N THR A 109 -10.05 21.15 16.09
CA THR A 109 -10.42 21.80 14.84
C THR A 109 -9.17 22.02 13.99
N GLU A 110 -9.27 21.65 12.70
CA GLU A 110 -8.17 21.81 11.76
C GLU A 110 -8.30 23.15 11.03
N PRO A 111 -7.25 23.98 11.02
CA PRO A 111 -7.30 25.20 10.21
C PRO A 111 -7.26 24.93 8.71
N VAL A 112 -6.64 23.83 8.29
CA VAL A 112 -6.55 23.50 6.87
C VAL A 112 -7.82 22.77 6.46
N ALA A 113 -8.49 23.28 5.42
CA ALA A 113 -9.70 22.65 4.93
C ALA A 113 -9.39 21.35 4.20
N LEU A 114 -10.32 20.41 4.30
CA LEU A 114 -10.16 19.11 3.66
C LEU A 114 -10.58 19.17 2.19
N ASN A 115 -9.93 18.34 1.37
CA ASN A 115 -10.32 18.20 -0.03
C ASN A 115 -11.58 17.35 -0.10
N ILE A 116 -12.72 18.00 0.02
CA ILE A 116 -14.02 17.36 -0.13
C ILE A 116 -14.61 17.83 -1.45
N SER A 117 -14.87 16.88 -2.36
CA SER A 117 -15.37 17.19 -3.69
C SER A 117 -16.72 16.52 -3.87
N VAL A 118 -17.76 17.34 -4.02
CA VAL A 118 -19.11 16.86 -4.29
C VAL A 118 -19.40 17.07 -5.76
N GLY A 119 -19.81 16.01 -6.44
CA GLY A 119 -19.99 16.08 -7.88
C GLY A 119 -21.14 15.27 -8.42
N THR A 120 -21.22 15.18 -9.75
CA THR A 120 -22.36 14.53 -10.40
C THR A 120 -22.43 13.05 -10.05
N ASN A 121 -21.30 12.41 -9.79
CA ASN A 121 -21.25 10.97 -9.61
C ASN A 121 -21.07 10.55 -8.15
N GLY A 122 -20.89 11.49 -7.23
CA GLY A 122 -20.75 11.16 -5.84
C GLY A 122 -19.93 12.21 -5.11
N THR A 123 -19.49 11.83 -3.91
CA THR A 123 -18.72 12.69 -3.02
C THR A 123 -17.50 11.93 -2.51
N THR A 124 -16.38 12.64 -2.38
CA THR A 124 -15.11 12.03 -1.96
C THR A 124 -14.46 12.91 -0.90
N MET A 125 -13.84 12.28 0.10
CA MET A 125 -13.13 12.96 1.17
C MET A 125 -11.69 12.50 1.27
N TYR A 126 -10.84 13.39 1.79
CA TYR A 126 -9.47 13.06 2.16
C TYR A 126 -9.16 13.74 3.48
N TRP A 127 -8.55 12.99 4.40
CA TRP A 127 -8.19 13.53 5.71
C TRP A 127 -6.88 12.90 6.15
N PRO A 128 -6.13 13.57 7.03
CA PRO A 128 -4.81 13.05 7.43
C PRO A 128 -4.95 11.76 8.21
N ALA A 129 -4.34 10.70 7.69
CA ALA A 129 -4.36 9.40 8.34
C ALA A 129 -3.24 9.30 9.37
N ARG A 130 -3.35 8.30 10.24
CA ARG A 130 -2.34 8.06 11.26
C ARG A 130 -1.60 6.75 11.02
N ALA A 131 -1.75 5.80 11.95
CA ALA A 131 -1.12 4.49 11.79
C ALA A 131 -1.92 3.62 10.82
N GLN A 132 -1.34 2.48 10.48
CA GLN A 132 -1.96 1.60 9.51
C GLN A 132 -3.18 0.89 10.11
N SER A 133 -3.92 0.22 9.23
CA SER A 133 -5.10 -0.58 9.60
C SER A 133 -6.00 0.15 10.59
N MET A 134 -6.32 1.40 10.26
CA MET A 134 -7.16 2.23 11.11
C MET A 134 -8.57 2.29 10.55
N THR A 135 -9.55 2.20 11.46
CA THR A 135 -10.96 2.32 11.09
C THR A 135 -11.42 3.73 11.45
N TYR A 136 -12.08 4.39 10.49
CA TYR A 136 -12.50 5.77 10.65
C TYR A 136 -14.03 5.86 10.60
N CYS A 137 -14.59 6.75 11.41
CA CYS A 137 -16.00 7.06 11.38
C CYS A 137 -16.15 8.53 11.02
N ILE A 138 -16.86 8.81 9.93
CA ILE A 138 -17.12 10.17 9.47
C ILE A 138 -18.55 10.53 9.80
N GLU A 139 -18.72 11.66 10.48
CA GLU A 139 -20.03 12.10 10.97
C GLU A 139 -20.21 13.57 10.58
N TRP A 140 -21.37 13.89 10.00
CA TRP A 140 -21.62 15.27 9.63
C TRP A 140 -23.11 15.58 9.79
N GLN A 141 -23.39 16.88 9.92
CA GLN A 141 -24.71 17.41 10.11
C GLN A 141 -24.71 18.83 9.54
N PRO A 142 -25.78 19.24 8.85
CA PRO A 142 -25.86 20.63 8.41
C PRO A 142 -25.97 21.58 9.59
N VAL A 143 -25.14 22.63 9.58
CA VAL A 143 -25.09 23.56 10.69
C VAL A 143 -26.42 24.30 10.80
N GLY A 144 -26.89 24.50 12.03
CA GLY A 144 -28.13 25.21 12.26
C GLY A 144 -29.36 24.45 11.80
N LEU A 149 -30.57 16.02 10.46
CA LEU A 149 -30.06 15.02 9.52
C LEU A 149 -28.64 14.61 9.86
N ALA A 150 -28.51 13.79 10.91
CA ALA A 150 -27.22 13.29 11.37
C ALA A 150 -26.79 12.11 10.52
N THR A 151 -25.74 12.30 9.71
CA THR A 151 -25.25 11.25 8.82
C THR A 151 -24.03 10.60 9.44
N CYS A 152 -23.92 9.28 9.29
CA CYS A 152 -22.85 8.50 9.87
C CYS A 152 -22.32 7.51 8.84
N SER A 153 -21.00 7.39 8.76
CA SER A 153 -20.36 6.47 7.84
C SER A 153 -19.15 5.83 8.52
N LEU A 154 -19.02 4.52 8.34
CA LEU A 154 -17.94 3.75 8.96
C LEU A 154 -17.11 3.14 7.84
N THR A 155 -15.80 3.39 7.86
CA THR A 155 -14.91 2.91 6.83
C THR A 155 -14.32 1.56 7.20
N ALA A 156 -13.88 0.82 6.18
CA ALA A 156 -13.07 -0.35 6.41
C ALA A 156 -11.67 0.07 6.86
N PRO A 157 -10.94 -0.83 7.53
CA PRO A 157 -9.56 -0.50 7.90
C PRO A 157 -8.73 -0.15 6.69
N GLN A 158 -7.96 0.93 6.79
CA GLN A 158 -7.17 1.40 5.66
C GLN A 158 -5.91 2.07 6.18
N ASP A 159 -4.87 2.03 5.35
CA ASP A 159 -3.57 2.61 5.63
C ASP A 159 -3.45 3.99 4.99
N PRO A 160 -2.49 4.81 5.41
CA PRO A 160 -2.26 6.08 4.72
C PRO A 160 -1.77 5.86 3.30
N ASP A 161 -2.21 6.72 2.40
CA ASP A 161 -1.69 6.75 1.04
C ASP A 161 -0.30 7.38 1.03
N PRO A 162 0.41 7.35 -0.11
CA PRO A 162 1.76 7.95 -0.15
C PRO A 162 1.80 9.40 0.30
N ALA A 163 0.66 10.09 0.26
CA ALA A 163 0.56 11.46 0.73
C ALA A 163 0.19 11.57 2.21
N GLY A 164 0.00 10.44 2.89
CA GLY A 164 -0.38 10.48 4.29
C GLY A 164 -1.85 10.75 4.53
N MET A 165 -2.71 10.36 3.59
CA MET A 165 -4.14 10.65 3.66
C MET A 165 -4.94 9.36 3.65
N ALA A 166 -6.06 9.39 4.36
CA ALA A 166 -7.10 8.38 4.22
C ALA A 166 -8.24 8.94 3.38
N THR A 167 -9.06 8.06 2.84
CA THR A 167 -10.10 8.49 1.92
C THR A 167 -11.34 7.65 2.08
N TYR A 168 -12.47 8.23 1.64
CA TYR A 168 -13.72 7.51 1.53
C TYR A 168 -14.60 8.26 0.53
N SER A 169 -15.51 7.52 -0.10
CA SER A 169 -16.35 8.09 -1.14
C SER A 169 -17.76 7.57 -1.00
N TRP A 170 -18.72 8.36 -1.48
CA TRP A 170 -20.13 8.01 -1.46
C TRP A 170 -20.70 8.12 -2.86
N SER A 171 -21.70 7.28 -3.14
CA SER A 171 -22.40 7.37 -4.41
C SER A 171 -23.29 8.61 -4.44
N ARG A 172 -23.74 8.97 -5.65
CA ARG A 172 -24.67 10.08 -5.79
C ARG A 172 -25.96 9.82 -5.03
N GLU A 173 -26.43 8.57 -5.03
CA GLU A 173 -27.67 8.22 -4.34
C GLU A 173 -27.62 8.60 -2.86
N SER A 174 -26.44 8.56 -2.25
CA SER A 174 -26.31 8.88 -0.83
C SER A 174 -26.57 10.35 -0.54
N GLY A 175 -26.44 11.22 -1.54
CA GLY A 175 -26.58 12.65 -1.31
C GLY A 175 -25.62 13.20 -0.28
N ALA A 176 -24.42 12.63 -0.19
CA ALA A 176 -23.44 13.02 0.83
C ALA A 176 -23.02 14.47 0.68
N MET A 177 -23.52 15.33 1.58
CA MET A 177 -23.25 16.77 1.53
C MET A 177 -23.57 17.35 0.16
N GLY A 178 -24.67 16.87 -0.44
CA GLY A 178 -25.07 17.35 -1.74
C GLY A 178 -25.87 18.62 -1.75
N GLN A 179 -26.35 19.08 -0.59
CA GLN A 179 -27.15 20.29 -0.51
C GLN A 179 -26.25 21.48 -0.25
N GLU A 180 -26.55 22.60 -0.91
CA GLU A 180 -25.74 23.80 -0.81
C GLU A 180 -25.88 24.45 0.56
N LYS A 181 -25.27 23.82 1.57
CA LYS A 181 -25.33 24.31 2.94
C LYS A 181 -23.97 24.12 3.60
N CYS A 182 -23.80 24.75 4.75
CA CYS A 182 -22.59 24.59 5.55
C CYS A 182 -22.74 23.36 6.44
N TYR A 183 -21.81 22.43 6.33
CA TYR A 183 -21.82 21.19 7.08
C TYR A 183 -20.74 21.18 8.14
N TYR A 184 -21.05 20.63 9.30
CA TYR A 184 -20.07 20.41 10.37
C TYR A 184 -19.71 18.94 10.40
N ILE A 185 -18.42 18.64 10.33
CA ILE A 185 -17.91 17.29 10.15
C ILE A 185 -16.99 16.96 11.32
N THR A 186 -17.10 15.73 11.82
CA THR A 186 -16.18 15.20 12.83
C THR A 186 -15.77 13.79 12.42
N ILE A 187 -14.47 13.51 12.51
CA ILE A 187 -13.90 12.22 12.13
C ILE A 187 -13.28 11.58 13.37
N PHE A 188 -13.57 10.29 13.57
CA PHE A 188 -13.01 9.51 14.66
C PHE A 188 -12.18 8.36 14.08
N ALA A 189 -11.25 7.85 14.90
CA ALA A 189 -10.39 6.76 14.49
C ALA A 189 -10.26 5.74 15.62
N SER A 190 -10.10 4.48 15.23
CA SER A 190 -9.85 3.41 16.19
C SER A 190 -9.16 2.25 15.49
N ALA A 191 -8.15 1.69 16.15
CA ALA A 191 -7.54 0.45 15.67
C ALA A 191 -8.34 -0.78 16.07
N HIS A 192 -9.26 -0.65 17.03
CA HIS A 192 -10.12 -1.74 17.48
C HIS A 192 -11.51 -1.19 17.69
N PRO A 193 -12.28 -1.03 16.61
CA PRO A 193 -13.60 -0.38 16.73
C PRO A 193 -14.58 -1.14 17.60
N GLU A 194 -14.33 -2.43 17.87
CA GLU A 194 -15.19 -3.20 18.76
C GLU A 194 -14.91 -2.92 20.23
N LYS A 195 -13.84 -2.20 20.54
CA LYS A 195 -13.52 -1.79 21.90
C LYS A 195 -13.91 -0.32 22.07
N LEU A 196 -14.93 -0.08 22.88
CA LEU A 196 -15.54 1.25 22.95
C LEU A 196 -14.56 2.29 23.48
N THR A 197 -13.73 1.93 24.46
CA THR A 197 -12.86 2.88 25.13
C THR A 197 -11.55 3.12 24.37
N LEU A 198 -11.49 2.79 23.08
CA LEU A 198 -10.27 2.99 22.30
C LEU A 198 -10.45 3.98 21.16
N TRP A 199 -11.59 4.65 21.08
CA TRP A 199 -11.81 5.65 20.05
C TRP A 199 -11.00 6.92 20.34
N SER A 200 -10.54 7.56 19.27
CA SER A 200 -9.82 8.82 19.36
C SER A 200 -10.43 9.82 18.37
N THR A 201 -10.31 11.10 18.70
CA THR A 201 -10.76 12.15 17.80
C THR A 201 -9.66 12.48 16.80
N VAL A 202 -10.03 12.61 15.52
CA VAL A 202 -9.10 12.99 14.48
C VAL A 202 -9.17 14.50 14.28
N LEU A 203 -10.32 14.97 13.80
CA LEU A 203 -10.48 16.41 13.55
C LEU A 203 -11.97 16.73 13.42
N SER A 204 -12.26 18.02 13.51
CA SER A 204 -13.56 18.56 13.13
C SER A 204 -13.33 19.71 12.17
N THR A 205 -14.28 19.90 11.24
CA THR A 205 -14.10 20.88 10.19
C THR A 205 -15.45 21.25 9.61
N TYR A 206 -15.46 22.33 8.84
CA TYR A 206 -16.65 22.82 8.14
C TYR A 206 -16.47 22.68 6.64
N HIS A 207 -17.58 22.43 5.95
CA HIS A 207 -17.57 22.30 4.50
C HIS A 207 -18.92 22.74 3.95
N PHE A 208 -18.87 23.47 2.82
CA PHE A 208 -20.08 23.91 2.14
C PHE A 208 -20.39 22.92 1.02
N GLY A 209 -21.53 22.25 1.12
CA GLY A 209 -21.87 21.17 0.21
C GLY A 209 -22.44 21.66 -1.10
N GLY A 210 -22.82 20.67 -1.93
CA GLY A 210 -23.37 20.96 -3.24
C GLY A 210 -22.34 21.60 -4.16
N ASN A 211 -22.86 22.39 -5.12
CA ASN A 211 -22.02 23.10 -6.07
C ASN A 211 -21.55 24.40 -5.39
N ALA A 212 -20.55 24.25 -4.53
CA ALA A 212 -20.04 25.40 -3.79
C ALA A 212 -19.43 26.45 -4.70
N SER A 213 -18.80 26.03 -5.80
CA SER A 213 -18.21 26.99 -6.73
C SER A 213 -19.25 27.94 -7.29
N ALA A 214 -20.41 27.41 -7.69
CA ALA A 214 -21.47 28.25 -8.23
C ALA A 214 -22.18 29.03 -7.13
N ALA A 215 -22.50 28.37 -6.02
CA ALA A 215 -23.25 29.01 -4.95
C ALA A 215 -22.47 30.14 -4.28
N GLY A 216 -21.13 30.07 -4.30
CA GLY A 216 -20.32 31.07 -3.66
C GLY A 216 -20.14 32.37 -4.43
N THR A 217 -20.72 32.49 -5.62
CA THR A 217 -20.52 33.68 -6.44
C THR A 217 -20.99 34.93 -5.70
N PRO A 218 -20.15 35.96 -5.59
CA PRO A 218 -20.58 37.18 -4.92
C PRO A 218 -21.70 37.87 -5.68
N HIS A 219 -22.59 38.53 -4.93
CA HIS A 219 -23.72 39.24 -5.48
C HIS A 219 -23.55 40.73 -5.27
N HIS A 220 -24.34 41.50 -6.02
CA HIS A 220 -24.36 42.96 -5.89
C HIS A 220 -22.98 43.58 -6.13
N VAL A 221 -22.30 43.10 -7.18
CA VAL A 221 -21.05 43.72 -7.58
C VAL A 221 -21.33 45.09 -8.17
N SER A 222 -20.58 46.10 -7.72
CA SER A 222 -20.81 47.48 -8.12
C SER A 222 -19.49 48.18 -8.37
N VAL A 223 -19.50 49.12 -9.32
CA VAL A 223 -18.32 49.91 -9.67
C VAL A 223 -18.65 51.38 -9.43
N LYS A 224 -17.81 52.06 -8.67
CA LYS A 224 -18.04 53.45 -8.29
C LYS A 224 -16.82 54.31 -8.60
N ASN A 225 -17.10 55.55 -9.02
CA ASN A 225 -16.05 56.51 -9.35
C ASN A 225 -15.30 56.92 -8.08
N HIS A 226 -14.00 56.58 -8.04
CA HIS A 226 -13.16 56.85 -6.87
C HIS A 226 -12.22 58.02 -7.07
N SER A 227 -11.70 58.21 -8.29
CA SER A 227 -10.82 59.34 -8.61
C SER A 227 -10.86 59.54 -10.13
N LEU A 228 -10.02 60.46 -10.62
CA LEU A 228 -9.99 60.72 -12.05
C LEU A 228 -9.45 59.55 -12.87
N ASP A 229 -8.78 58.59 -12.23
CA ASP A 229 -8.19 57.46 -12.93
C ASP A 229 -8.45 56.13 -12.23
N SER A 230 -9.38 56.08 -11.27
CA SER A 230 -9.55 54.88 -10.48
C SER A 230 -11.03 54.69 -10.13
N VAL A 231 -11.40 53.43 -9.90
CA VAL A 231 -12.74 53.07 -9.50
C VAL A 231 -12.65 52.16 -8.29
N SER A 232 -13.70 52.19 -7.46
CA SER A 232 -13.84 51.27 -6.35
C SER A 232 -14.81 50.16 -6.74
N VAL A 233 -14.41 48.91 -6.50
CA VAL A 233 -15.25 47.75 -6.75
C VAL A 233 -15.68 47.17 -5.42
N ASP A 234 -16.99 47.01 -5.23
CA ASP A 234 -17.56 46.47 -4.01
C ASP A 234 -18.50 45.34 -4.36
N TRP A 235 -18.59 44.37 -3.46
CA TRP A 235 -19.51 43.25 -3.63
C TRP A 235 -20.01 42.80 -2.27
N ALA A 236 -21.14 42.09 -2.28
CA ALA A 236 -21.65 41.50 -1.07
C ALA A 236 -20.81 40.30 -0.68
N PRO A 237 -20.68 40.01 0.63
CA PRO A 237 -19.88 38.85 1.05
C PRO A 237 -20.42 37.57 0.42
N SER A 238 -19.50 36.71 -0.01
CA SER A 238 -19.88 35.43 -0.57
C SER A 238 -20.63 34.60 0.46
N LEU A 239 -21.55 33.76 -0.02
CA LEU A 239 -22.24 32.83 0.86
C LEU A 239 -21.26 31.90 1.56
N LEU A 240 -20.10 31.64 0.93
CA LEU A 240 -19.07 30.81 1.56
C LEU A 240 -18.51 31.45 2.81
N SER A 241 -18.56 32.77 2.92
CA SER A 241 -17.98 33.46 4.08
C SER A 241 -18.69 33.12 5.37
N THR A 242 -19.95 32.68 5.31
CA THR A 242 -20.68 32.27 6.51
C THR A 242 -20.26 30.91 7.04
N CYS A 243 -19.51 30.14 6.25
CA CYS A 243 -19.07 28.80 6.66
C CYS A 243 -17.62 28.88 7.07
N PRO A 244 -17.30 28.64 8.35
CA PRO A 244 -15.96 28.99 8.86
C PRO A 244 -14.85 28.25 8.14
N GLY A 245 -13.84 29.01 7.69
CA GLY A 245 -12.65 28.47 7.07
C GLY A 245 -12.78 28.07 5.62
N VAL A 246 -13.97 28.15 5.04
CA VAL A 246 -14.16 27.70 3.66
C VAL A 246 -13.61 28.72 2.67
N LEU A 247 -13.98 29.99 2.82
CA LEU A 247 -13.58 31.02 1.87
C LEU A 247 -12.10 31.33 2.01
N LYS A 248 -11.34 31.08 0.94
CA LYS A 248 -9.91 31.39 0.93
C LYS A 248 -9.65 32.85 0.60
N GLU A 249 -10.20 33.32 -0.52
CA GLU A 249 -9.93 34.68 -0.99
C GLU A 249 -10.95 35.03 -2.07
N TYR A 250 -11.07 36.33 -2.33
CA TYR A 250 -11.73 36.81 -3.54
C TYR A 250 -10.69 37.12 -4.61
N VAL A 251 -11.11 37.05 -5.87
CA VAL A 251 -10.28 37.44 -7.00
C VAL A 251 -11.10 38.36 -7.89
N VAL A 252 -10.54 39.53 -8.19
CA VAL A 252 -11.18 40.52 -9.05
C VAL A 252 -10.43 40.54 -10.37
N ARG A 253 -11.16 40.27 -11.46
CA ARG A 253 -10.60 40.27 -12.80
C ARG A 253 -11.07 41.52 -13.53
N CYS A 254 -10.12 42.30 -14.03
CA CYS A 254 -10.41 43.50 -14.81
C CYS A 254 -9.85 43.30 -16.21
N ARG A 255 -10.68 43.57 -17.22
CA ARG A 255 -10.30 43.36 -18.61
C ARG A 255 -10.31 44.70 -19.34
N ASP A 256 -9.18 45.04 -19.96
CA ASP A 256 -9.08 46.19 -20.84
C ASP A 256 -9.64 45.79 -22.20
N GLU A 257 -10.78 46.36 -22.58
CA GLU A 257 -11.47 45.95 -23.79
C GLU A 257 -10.80 46.45 -25.08
N ASP A 258 -9.75 47.26 -24.97
CA ASP A 258 -9.04 47.74 -26.16
C ASP A 258 -7.76 46.95 -26.42
N SER A 259 -6.92 46.81 -25.40
CA SER A 259 -5.72 45.99 -25.51
C SER A 259 -5.97 44.52 -25.24
N LYS A 260 -7.16 44.17 -24.75
CA LYS A 260 -7.58 42.81 -24.43
C LYS A 260 -6.76 42.22 -23.30
N GLN A 261 -5.99 43.04 -22.60
CA GLN A 261 -5.18 42.58 -21.47
C GLN A 261 -6.07 42.30 -20.27
N VAL A 262 -5.65 41.34 -19.45
CA VAL A 262 -6.41 40.88 -18.30
C VAL A 262 -5.51 40.91 -17.06
N SER A 263 -6.06 41.37 -15.95
CA SER A 263 -5.33 41.41 -14.69
C SER A 263 -6.23 40.90 -13.58
N GLU A 264 -5.66 40.09 -12.69
CA GLU A 264 -6.35 39.53 -11.54
C GLU A 264 -5.78 40.10 -10.25
N HIS A 265 -6.65 40.48 -9.33
CA HIS A 265 -6.24 41.04 -8.05
C HIS A 265 -6.82 40.20 -6.92
N PRO A 266 -5.99 39.48 -6.17
CA PRO A 266 -6.51 38.73 -5.03
C PRO A 266 -6.89 39.66 -3.89
N VAL A 267 -7.92 39.28 -3.14
CA VAL A 267 -8.44 40.09 -2.06
C VAL A 267 -8.63 39.20 -0.84
N GLN A 268 -8.27 39.73 0.33
CA GLN A 268 -8.43 38.99 1.57
C GLN A 268 -9.90 38.64 1.76
N PRO A 269 -10.21 37.48 2.34
CA PRO A 269 -11.63 37.10 2.51
C PRO A 269 -12.39 37.99 3.48
N THR A 270 -11.68 38.74 4.33
CA THR A 270 -12.33 39.69 5.23
C THR A 270 -12.63 41.03 4.56
N GLU A 271 -12.20 41.21 3.31
CA GLU A 271 -12.40 42.45 2.57
C GLU A 271 -13.31 42.19 1.38
N THR A 272 -14.27 43.09 1.17
CA THR A 272 -15.18 43.05 0.03
C THR A 272 -15.08 44.32 -0.80
N GLN A 273 -13.88 44.90 -0.88
CA GLN A 273 -13.66 46.13 -1.64
C GLN A 273 -12.24 46.15 -2.18
N VAL A 274 -12.08 46.67 -3.39
CA VAL A 274 -10.77 46.85 -3.99
C VAL A 274 -10.81 48.07 -4.89
N THR A 275 -9.67 48.73 -5.04
CA THR A 275 -9.55 49.91 -5.89
C THR A 275 -8.71 49.56 -7.12
N LEU A 276 -9.26 49.81 -8.30
CA LEU A 276 -8.55 49.60 -9.55
C LEU A 276 -8.05 50.94 -10.05
N SER A 277 -6.75 51.02 -10.32
CA SER A 277 -6.09 52.28 -10.68
C SER A 277 -5.37 52.12 -12.01
N GLY A 278 -4.93 53.25 -12.54
CA GLY A 278 -4.21 53.24 -13.80
C GLY A 278 -5.08 53.10 -15.03
N LEU A 279 -6.34 53.51 -14.95
CA LEU A 279 -7.24 53.38 -16.09
C LEU A 279 -7.01 54.51 -17.08
N ARG A 280 -7.28 54.22 -18.35
CA ARG A 280 -7.10 55.18 -19.43
C ARG A 280 -8.43 55.72 -19.89
N ALA A 281 -8.46 56.99 -20.25
CA ALA A 281 -9.70 57.63 -20.70
C ALA A 281 -10.15 57.05 -22.04
N GLY A 282 -11.47 56.99 -22.22
CA GLY A 282 -12.06 56.45 -23.43
C GLY A 282 -12.05 54.94 -23.53
N VAL A 283 -11.23 54.26 -22.73
CA VAL A 283 -11.14 52.81 -22.78
C VAL A 283 -12.30 52.20 -22.01
N ALA A 284 -12.92 51.18 -22.60
CA ALA A 284 -13.95 50.40 -21.92
C ALA A 284 -13.31 49.32 -21.06
N TYR A 285 -13.90 49.04 -19.91
CA TYR A 285 -13.37 48.05 -18.99
C TYR A 285 -14.47 47.10 -18.54
N THR A 286 -14.07 45.88 -18.16
CA THR A 286 -14.96 44.87 -17.64
C THR A 286 -14.40 44.33 -16.33
N VAL A 287 -15.28 44.16 -15.35
CA VAL A 287 -14.88 43.70 -14.02
C VAL A 287 -15.74 42.51 -13.64
N GLN A 288 -15.09 41.47 -13.10
CA GLN A 288 -15.78 40.31 -12.55
C GLN A 288 -15.14 39.93 -11.22
N VAL A 289 -15.92 39.32 -10.34
CA VAL A 289 -15.45 38.87 -9.04
C VAL A 289 -15.79 37.40 -8.87
N ARG A 290 -14.89 36.64 -8.25
CA ARG A 290 -15.15 35.25 -7.91
C ARG A 290 -14.68 35.00 -6.49
N ALA A 291 -15.22 33.94 -5.89
CA ALA A 291 -14.87 33.53 -4.53
C ALA A 291 -14.30 32.13 -4.58
N ASP A 292 -13.08 31.98 -4.08
CA ASP A 292 -12.34 30.72 -4.15
C ASP A 292 -12.24 30.08 -2.77
N THR A 293 -12.33 28.75 -2.75
CA THR A 293 -12.01 27.97 -1.57
C THR A 293 -10.57 27.47 -1.69
N ALA A 294 -10.15 26.69 -0.69
CA ALA A 294 -8.83 26.10 -0.74
C ALA A 294 -8.67 25.08 -1.86
N TRP A 295 -9.78 24.60 -2.44
CA TRP A 295 -9.72 23.51 -3.40
C TRP A 295 -10.53 23.74 -4.67
N LEU A 296 -11.29 24.84 -4.78
CA LEU A 296 -12.15 25.06 -5.92
C LEU A 296 -12.08 26.51 -6.39
N ARG A 297 -11.92 26.71 -7.69
CA ARG A 297 -12.11 28.02 -8.30
C ARG A 297 -13.59 28.35 -8.39
N GLY A 298 -13.96 29.55 -7.93
CA GLY A 298 -15.34 29.96 -7.97
C GLY A 298 -15.78 30.47 -9.34
N VAL A 299 -17.09 30.46 -9.55
CA VAL A 299 -17.68 30.98 -10.78
C VAL A 299 -17.66 32.50 -10.75
N TRP A 300 -17.34 33.11 -11.88
CA TRP A 300 -17.30 34.56 -11.97
C TRP A 300 -18.69 35.16 -11.87
N SER A 301 -18.77 36.35 -11.29
CA SER A 301 -20.01 37.12 -11.28
C SER A 301 -20.32 37.63 -12.69
N GLN A 302 -21.54 38.14 -12.85
CA GLN A 302 -21.91 38.79 -14.10
C GLN A 302 -20.97 39.96 -14.36
N PRO A 303 -20.51 40.15 -15.59
CA PRO A 303 -19.52 41.21 -15.86
C PRO A 303 -20.13 42.60 -15.77
N GLN A 304 -19.35 43.52 -15.24
CA GLN A 304 -19.71 44.93 -15.15
C GLN A 304 -18.93 45.70 -16.20
N ARG A 305 -19.63 46.42 -17.07
CA ARG A 305 -19.03 47.25 -18.08
C ARG A 305 -18.99 48.71 -17.63
N PHE A 306 -17.86 49.37 -17.82
CA PHE A 306 -17.73 50.77 -17.45
C PHE A 306 -16.58 51.39 -18.23
N SER A 307 -16.54 52.73 -18.19
CA SER A 307 -15.45 53.48 -18.77
C SER A 307 -15.29 54.78 -17.99
N ILE A 308 -14.10 55.38 -18.11
CA ILE A 308 -13.84 56.64 -17.41
C ILE A 308 -14.79 57.72 -17.94
N GLU A 309 -15.43 58.44 -17.03
CA GLU A 309 -16.39 59.47 -17.40
C GLU A 309 -15.73 60.62 -18.13
N GLN B 7 18.71 -19.63 -34.08
CA GLN B 7 19.35 -18.39 -33.65
C GLN B 7 19.96 -17.63 -34.81
N PRO B 8 19.64 -16.34 -34.92
CA PRO B 8 20.23 -15.52 -35.96
C PRO B 8 21.54 -14.88 -35.54
N GLN B 9 22.51 -14.92 -36.45
CA GLN B 9 23.83 -14.35 -36.22
C GLN B 9 23.78 -12.84 -36.50
N VAL B 10 23.20 -12.13 -35.52
CA VAL B 10 23.14 -10.67 -35.55
C VAL B 10 24.31 -10.13 -34.74
N ARG B 11 24.90 -9.04 -35.22
CA ARG B 11 26.00 -8.39 -34.52
C ARG B 11 25.65 -6.93 -34.26
N PHE B 12 26.01 -6.47 -33.06
CA PHE B 12 25.67 -5.14 -32.60
C PHE B 12 26.74 -4.13 -33.00
N SER B 13 26.33 -2.86 -33.01
CA SER B 13 27.25 -1.74 -33.08
C SER B 13 26.82 -0.70 -32.06
N VAL B 14 27.76 0.15 -31.65
CA VAL B 14 27.48 1.17 -30.66
C VAL B 14 28.15 2.47 -31.10
N GLU B 15 27.44 3.59 -30.92
CA GLU B 15 28.01 4.90 -31.17
C GLU B 15 29.00 5.28 -30.07
N GLN B 16 29.87 6.23 -30.37
CA GLN B 16 30.63 6.86 -29.32
C GLN B 16 29.70 7.73 -28.48
N LEU B 17 30.10 7.95 -27.22
CA LEU B 17 29.30 8.77 -26.33
C LEU B 17 29.16 10.17 -26.89
N GLY B 18 27.92 10.61 -27.09
CA GLY B 18 27.66 11.93 -27.64
C GLY B 18 27.62 13.00 -26.57
N GLN B 19 27.43 14.24 -27.05
CA GLN B 19 27.38 15.38 -26.14
C GLN B 19 26.22 15.29 -25.15
N ASP B 20 25.16 14.56 -25.51
CA ASP B 20 24.02 14.37 -24.61
C ASP B 20 24.24 13.26 -23.58
N GLY B 21 25.41 12.61 -23.60
CA GLY B 21 25.63 11.48 -22.73
C GLY B 21 24.89 10.22 -23.15
N ARG B 22 24.54 10.11 -24.42
CA ARG B 22 23.83 8.96 -24.96
C ARG B 22 24.63 8.35 -26.10
N ARG B 23 24.31 7.09 -26.42
CA ARG B 23 24.89 6.40 -27.57
C ARG B 23 23.92 5.32 -27.99
N ARG B 24 23.71 5.21 -29.30
CA ARG B 24 22.71 4.28 -29.83
C ARG B 24 23.34 2.91 -30.05
N LEU B 25 22.76 1.90 -29.41
CA LEU B 25 23.08 0.50 -29.72
C LEU B 25 22.28 0.09 -30.94
N THR B 26 22.98 -0.17 -32.05
CA THR B 26 22.33 -0.56 -33.29
C THR B 26 22.55 -2.05 -33.54
N LEU B 27 21.80 -2.57 -34.50
CA LEU B 27 21.76 -4.00 -34.75
C LEU B 27 21.65 -4.27 -36.24
N LYS B 28 22.32 -5.32 -36.68
CA LYS B 28 22.31 -5.73 -38.09
C LYS B 28 22.36 -7.24 -38.14
N GLU B 29 21.56 -7.82 -39.04
CA GLU B 29 21.44 -9.27 -39.16
C GLU B 29 22.11 -9.68 -40.46
N GLN B 30 23.24 -10.38 -40.35
CA GLN B 30 23.99 -10.85 -41.51
C GLN B 30 24.61 -12.21 -41.20
N PRO B 31 23.90 -13.30 -41.49
CA PRO B 31 24.45 -14.65 -41.28
C PRO B 31 25.36 -15.09 -42.43
N THR B 50 10.58 -17.25 -32.10
CA THR B 50 10.85 -15.82 -32.21
C THR B 50 12.06 -15.43 -31.36
N TYR B 51 12.66 -14.28 -31.67
CA TYR B 51 13.86 -13.82 -30.99
C TYR B 51 13.61 -12.45 -30.38
N ARG B 52 14.20 -12.23 -29.21
CA ARG B 52 14.04 -10.97 -28.49
C ARG B 52 15.38 -10.56 -27.86
N LEU B 53 15.45 -9.29 -27.46
CA LEU B 53 16.67 -8.70 -26.93
C LEU B 53 16.48 -8.42 -25.44
N GLN B 54 17.44 -8.89 -24.65
CA GLN B 54 17.47 -8.62 -23.21
C GLN B 54 18.64 -7.69 -22.90
N LEU B 55 18.35 -6.59 -22.22
CA LEU B 55 19.32 -5.53 -21.96
C LEU B 55 19.49 -5.37 -20.45
N HIS B 56 20.72 -5.50 -19.97
CA HIS B 56 21.04 -5.43 -18.55
C HIS B 56 22.07 -4.35 -18.31
N MET B 57 21.69 -3.31 -17.57
CA MET B 57 22.59 -2.21 -17.23
C MET B 57 23.33 -2.55 -15.95
N LEU B 58 24.66 -2.66 -16.04
CA LEU B 58 25.45 -3.07 -14.89
C LEU B 58 25.76 -1.91 -13.95
N SER B 59 26.09 -0.74 -14.51
CA SER B 59 26.44 0.40 -13.68
C SER B 59 25.22 0.90 -12.91
N CYS B 60 25.50 1.60 -11.80
CA CYS B 60 24.49 2.10 -10.86
C CYS B 60 23.65 0.93 -10.35
N PRO B 61 24.22 0.05 -9.53
CA PRO B 61 23.47 -1.16 -9.11
C PRO B 61 22.34 -0.89 -8.15
N CYS B 62 22.29 0.29 -7.52
CA CYS B 62 21.25 0.57 -6.53
C CYS B 62 19.97 1.08 -7.16
N LYS B 63 19.84 1.04 -8.48
CA LYS B 63 18.59 1.43 -9.12
C LYS B 63 17.58 0.29 -9.03
N ALA B 64 16.29 0.66 -9.11
CA ALA B 64 15.24 -0.32 -8.92
C ALA B 64 15.04 -1.21 -10.14
N LYS B 65 15.11 -0.64 -11.34
CA LYS B 65 14.94 -1.36 -12.58
C LYS B 65 16.28 -1.47 -13.28
N ALA B 66 16.74 -2.70 -13.51
CA ALA B 66 18.06 -2.94 -14.08
C ALA B 66 18.04 -3.65 -15.43
N THR B 67 16.96 -4.33 -15.78
CA THR B 67 16.87 -5.06 -17.04
C THR B 67 15.58 -4.72 -17.77
N ARG B 68 15.62 -4.85 -19.09
CA ARG B 68 14.44 -4.71 -19.92
C ARG B 68 14.56 -5.63 -21.13
N THR B 69 13.45 -6.26 -21.49
CA THR B 69 13.37 -7.07 -22.70
C THR B 69 12.73 -6.26 -23.81
N LEU B 70 13.40 -6.20 -24.96
CA LEU B 70 12.97 -5.36 -26.07
C LEU B 70 12.89 -6.18 -27.34
N HIS B 71 12.12 -5.67 -28.29
CA HIS B 71 12.14 -6.20 -29.65
C HIS B 71 13.48 -5.86 -30.31
N LEU B 72 13.97 -6.78 -31.14
CA LEU B 72 15.27 -6.60 -31.79
C LEU B 72 15.31 -5.33 -32.65
N GLY B 73 14.18 -4.98 -33.28
CA GLY B 73 14.22 -3.95 -34.29
C GLY B 73 14.34 -2.53 -33.77
N LYS B 74 13.89 -2.28 -32.54
CA LYS B 74 14.05 -0.97 -31.94
C LYS B 74 15.39 -0.89 -31.24
N MET B 75 16.13 0.18 -31.50
CA MET B 75 17.54 0.29 -31.13
C MET B 75 17.73 1.44 -30.17
N PRO B 76 17.78 1.17 -28.86
CA PRO B 76 17.71 2.26 -27.87
C PRO B 76 19.00 3.06 -27.81
N TYR B 77 18.88 4.23 -27.20
CA TYR B 77 20.02 5.09 -26.93
C TYR B 77 20.49 4.82 -25.51
N LEU B 78 21.55 4.05 -25.37
CA LEU B 78 22.10 3.72 -24.07
C LEU B 78 22.89 4.90 -23.52
N SER B 79 23.34 4.75 -22.27
CA SER B 79 24.26 5.71 -21.67
C SER B 79 25.69 5.21 -21.85
N GLY B 80 26.64 5.89 -21.22
CA GLY B 80 28.01 5.42 -21.23
C GLY B 80 28.29 4.30 -20.24
N ALA B 81 27.27 3.80 -19.57
CA ALA B 81 27.42 2.72 -18.61
C ALA B 81 27.77 1.41 -19.31
N ALA B 82 28.20 0.44 -18.52
CA ALA B 82 28.43 -0.90 -19.02
C ALA B 82 27.11 -1.67 -19.08
N TYR B 83 26.92 -2.42 -20.17
CA TYR B 83 25.70 -3.17 -20.38
C TYR B 83 26.05 -4.61 -20.77
N ASN B 84 25.16 -5.53 -20.40
CA ASN B 84 25.11 -6.86 -20.97
C ASN B 84 23.88 -6.96 -21.86
N VAL B 85 24.09 -7.24 -23.14
CA VAL B 85 23.01 -7.43 -24.10
C VAL B 85 23.08 -8.85 -24.62
N ALA B 86 21.92 -9.51 -24.70
CA ALA B 86 21.84 -10.89 -25.13
C ALA B 86 20.63 -11.07 -26.04
N VAL B 87 20.80 -11.86 -27.09
CA VAL B 87 19.69 -12.23 -27.96
C VAL B 87 19.14 -13.55 -27.45
N ILE B 88 17.89 -13.54 -26.99
CA ILE B 88 17.25 -14.71 -26.39
C ILE B 88 16.21 -15.25 -27.36
N SER B 89 16.21 -16.57 -27.51
CA SER B 89 15.29 -17.26 -28.40
C SER B 89 14.12 -17.83 -27.61
N SER B 90 12.96 -17.86 -28.24
CA SER B 90 11.75 -18.47 -27.67
C SER B 90 11.26 -19.56 -28.61
N ASN B 91 11.55 -20.81 -28.28
CA ASN B 91 11.14 -21.96 -29.09
C ASN B 91 10.06 -22.76 -28.41
N GLY B 94 11.00 -23.22 -25.07
CA GLY B 94 11.24 -21.99 -24.34
C GLY B 94 12.62 -21.40 -24.56
N PRO B 95 13.61 -21.91 -23.83
CA PRO B 95 14.97 -21.39 -23.94
C PRO B 95 15.69 -21.98 -25.16
N GLY B 96 16.92 -21.50 -25.36
CA GLY B 96 17.71 -21.95 -26.49
C GLY B 96 19.12 -21.38 -26.46
N LEU B 97 19.73 -21.25 -27.63
CA LEU B 97 21.08 -20.70 -27.72
C LEU B 97 21.00 -19.18 -27.65
N ASN B 98 21.89 -18.57 -26.85
CA ASN B 98 21.86 -17.13 -26.63
C ASN B 98 23.26 -16.57 -26.89
N GLN B 99 23.35 -15.64 -27.83
CA GLN B 99 24.58 -14.88 -28.04
C GLN B 99 24.57 -13.63 -27.17
N THR B 100 25.71 -13.37 -26.52
CA THR B 100 25.82 -12.28 -25.56
C THR B 100 26.98 -11.37 -25.91
N TRP B 101 26.79 -10.06 -25.71
CA TRP B 101 27.84 -9.07 -25.87
C TRP B 101 27.91 -8.21 -24.62
N HIS B 102 29.11 -8.08 -24.06
CA HIS B 102 29.35 -7.17 -22.94
C HIS B 102 29.71 -5.81 -23.52
N ILE B 103 28.77 -4.87 -23.47
CA ILE B 103 28.99 -3.53 -24.01
C ILE B 103 29.92 -2.77 -23.08
N PRO B 104 31.10 -2.37 -23.54
CA PRO B 104 32.04 -1.67 -22.66
C PRO B 104 31.53 -0.29 -22.28
N ALA B 105 31.93 0.15 -21.08
CA ALA B 105 31.62 1.50 -20.66
C ALA B 105 32.34 2.50 -21.56
N ASP B 106 31.70 3.65 -21.78
CA ASP B 106 32.27 4.71 -22.62
C ASP B 106 31.80 6.04 -22.03
N THR B 107 32.58 6.56 -21.08
CA THR B 107 32.19 7.71 -20.28
C THR B 107 32.75 9.00 -20.87
N HIS B 108 32.29 10.11 -20.31
CA HIS B 108 32.81 11.44 -20.62
C HIS B 108 33.55 11.96 -19.40
N THR B 109 34.82 12.32 -19.59
CA THR B 109 35.68 12.76 -18.50
C THR B 109 35.77 14.28 -18.49
N GLU B 110 35.59 14.88 -17.33
CA GLU B 110 35.65 16.32 -17.17
C GLU B 110 37.06 16.76 -16.82
N PRO B 111 37.63 17.73 -17.54
CA PRO B 111 38.94 18.26 -17.13
C PRO B 111 38.86 19.05 -15.83
N VAL B 112 37.72 19.66 -15.54
CA VAL B 112 37.53 20.40 -14.30
C VAL B 112 37.12 19.43 -13.21
N ALA B 113 37.87 19.42 -12.10
CA ALA B 113 37.56 18.54 -10.99
C ALA B 113 36.30 19.02 -10.27
N LEU B 114 35.55 18.07 -9.72
CA LEU B 114 34.31 18.40 -9.03
C LEU B 114 34.59 18.91 -7.62
N ASN B 115 33.71 19.78 -7.15
CA ASN B 115 33.79 20.32 -5.80
C ASN B 115 33.26 19.27 -4.84
N ILE B 116 34.15 18.37 -4.45
CA ILE B 116 33.85 17.33 -3.47
C ILE B 116 34.61 17.66 -2.19
N SER B 117 33.88 17.86 -1.10
CA SER B 117 34.46 18.24 0.18
C SER B 117 34.13 17.17 1.21
N VAL B 118 35.16 16.49 1.70
CA VAL B 118 35.03 15.50 2.76
C VAL B 118 35.47 16.14 4.08
N GLY B 119 34.62 16.06 5.09
CA GLY B 119 34.89 16.76 6.33
C GLY B 119 34.43 16.03 7.58
N THR B 120 34.51 16.72 8.72
CA THR B 120 34.21 16.09 10.00
C THR B 120 32.74 15.65 10.08
N ASN B 121 31.85 16.35 9.40
CA ASN B 121 30.41 16.10 9.54
C ASN B 121 29.80 15.37 8.35
N GLY B 122 30.56 15.11 7.29
CA GLY B 122 30.04 14.39 6.15
C GLY B 122 30.77 14.78 4.88
N THR B 123 30.15 14.42 3.75
CA THR B 123 30.71 14.65 2.44
C THR B 123 29.64 15.28 1.54
N THR B 124 30.06 16.22 0.69
CA THR B 124 29.15 16.96 -0.17
C THR B 124 29.73 17.02 -1.58
N MET B 125 28.85 16.91 -2.58
CA MET B 125 29.24 16.98 -3.98
C MET B 125 28.47 18.08 -4.70
N TYR B 126 29.08 18.61 -5.76
CA TYR B 126 28.43 19.51 -6.69
C TYR B 126 28.85 19.16 -8.10
N TRP B 127 27.88 19.08 -9.01
CA TRP B 127 28.18 18.75 -10.40
C TRP B 127 27.21 19.51 -11.29
N PRO B 128 27.57 19.78 -12.54
CA PRO B 128 26.70 20.57 -13.42
C PRO B 128 25.41 19.85 -13.73
N ALA B 129 24.29 20.48 -13.38
CA ALA B 129 22.97 19.92 -13.64
C ALA B 129 22.50 20.28 -15.04
N ARG B 130 21.46 19.59 -15.49
CA ARG B 130 20.87 19.83 -16.80
C ARG B 130 19.47 20.41 -16.67
N ALA B 131 18.45 19.69 -17.15
CA ALA B 131 17.09 20.15 -17.03
C ALA B 131 16.56 19.89 -15.62
N GLN B 132 15.38 20.44 -15.34
CA GLN B 132 14.78 20.32 -14.02
C GLN B 132 14.24 18.91 -13.80
N SER B 133 13.86 18.64 -12.54
CA SER B 133 13.28 17.36 -12.13
C SER B 133 14.10 16.18 -12.65
N MET B 134 15.41 16.24 -12.44
CA MET B 134 16.33 15.20 -12.87
C MET B 134 16.75 14.34 -11.68
N THR B 135 16.80 13.03 -11.91
CA THR B 135 17.28 12.08 -10.91
C THR B 135 18.70 11.67 -11.27
N TYR B 136 19.61 11.71 -10.28
CA TYR B 136 21.01 11.43 -10.49
C TYR B 136 21.44 10.20 -9.69
N CYS B 137 22.33 9.41 -10.28
CA CYS B 137 22.95 8.28 -9.60
C CYS B 137 24.45 8.51 -9.53
N ILE B 138 25.00 8.51 -8.32
CA ILE B 138 26.42 8.69 -8.08
C ILE B 138 27.03 7.34 -7.72
N GLU B 139 28.10 6.99 -8.42
CA GLU B 139 28.76 5.69 -8.27
C GLU B 139 30.26 5.92 -8.13
N TRP B 140 30.87 5.29 -7.13
CA TRP B 140 32.31 5.42 -6.96
C TRP B 140 32.90 4.13 -6.40
N GLN B 141 34.20 3.94 -6.65
CA GLN B 141 34.91 2.73 -6.15
C GLN B 141 36.39 3.11 -6.01
N PRO B 142 37.11 2.62 -4.98
CA PRO B 142 38.53 2.91 -4.87
C PRO B 142 39.26 2.31 -6.07
N VAL B 143 40.16 3.10 -6.66
CA VAL B 143 40.93 2.62 -7.86
C VAL B 143 41.88 1.52 -7.39
N GLY B 144 42.11 0.52 -8.23
CA GLY B 144 43.03 -0.58 -7.89
C GLY B 144 42.82 -1.08 -6.48
N GLY B 147 42.19 -2.62 -3.89
CA GLY B 147 40.93 -3.38 -3.92
C GLY B 147 39.94 -2.85 -2.90
N GLY B 148 38.77 -2.38 -3.36
CA GLY B 148 37.74 -1.84 -2.44
C GLY B 148 36.34 -2.15 -2.91
N LEU B 149 35.37 -2.16 -1.99
CA LEU B 149 33.95 -2.42 -2.34
C LEU B 149 33.38 -1.19 -3.03
N ALA B 150 32.29 -1.35 -3.78
CA ALA B 150 31.72 -0.23 -4.57
C ALA B 150 30.61 0.48 -3.80
N THR B 151 30.37 1.74 -4.13
CA THR B 151 29.29 2.52 -3.52
C THR B 151 28.33 3.01 -4.60
N CYS B 152 27.04 3.04 -4.27
CA CYS B 152 26.00 3.50 -5.18
C CYS B 152 25.05 4.40 -4.41
N SER B 153 24.68 5.52 -5.01
CA SER B 153 23.77 6.47 -4.38
C SER B 153 22.82 7.04 -5.42
N LEU B 154 21.54 7.12 -5.04
CA LEU B 154 20.48 7.60 -5.92
C LEU B 154 19.84 8.84 -5.30
N THR B 155 19.80 9.93 -6.05
CA THR B 155 19.27 11.18 -5.54
C THR B 155 17.78 11.31 -5.84
N ALA B 156 17.12 12.15 -5.05
CA ALA B 156 15.75 12.55 -5.36
C ALA B 156 15.76 13.52 -6.55
N PRO B 157 14.63 13.65 -7.24
CA PRO B 157 14.55 14.62 -8.34
C PRO B 157 14.86 16.03 -7.85
N GLN B 158 15.71 16.73 -8.59
CA GLN B 158 16.15 18.06 -8.18
C GLN B 158 16.41 18.91 -9.41
N ASP B 159 16.27 20.22 -9.23
CA ASP B 159 16.51 21.23 -10.25
C ASP B 159 17.91 21.82 -10.09
N PRO B 160 18.43 22.49 -11.11
CA PRO B 160 19.71 23.19 -10.94
C PRO B 160 19.58 24.34 -9.96
N ASP B 161 20.62 24.55 -9.17
CA ASP B 161 20.71 25.71 -8.29
C ASP B 161 21.04 26.94 -9.12
N PRO B 162 21.00 28.15 -8.52
CA PRO B 162 21.32 29.36 -9.28
C PRO B 162 22.66 29.32 -9.99
N ALA B 163 23.58 28.48 -9.54
CA ALA B 163 24.88 28.30 -10.18
C ALA B 163 24.88 27.22 -11.26
N GLY B 164 23.75 26.57 -11.50
CA GLY B 164 23.69 25.51 -12.49
C GLY B 164 24.23 24.18 -12.02
N MET B 165 24.17 23.92 -10.72
CA MET B 165 24.76 22.72 -10.13
C MET B 165 23.69 21.89 -9.43
N ALA B 166 23.89 20.57 -9.45
CA ALA B 166 23.15 19.65 -8.60
C ALA B 166 24.03 19.24 -7.43
N THR B 167 23.40 18.72 -6.38
CA THR B 167 24.13 18.43 -5.16
C THR B 167 23.56 17.19 -4.48
N TYR B 168 24.39 16.59 -3.63
CA TYR B 168 23.99 15.50 -2.76
C TYR B 168 24.97 15.44 -1.59
N SER B 169 24.51 14.91 -0.46
CA SER B 169 25.31 14.91 0.75
C SER B 169 25.20 13.56 1.46
N TRP B 170 26.25 13.22 2.21
CA TRP B 170 26.30 12.01 3.01
C TRP B 170 26.71 12.36 4.43
N SER B 171 26.23 11.58 5.39
CA SER B 171 26.63 11.75 6.78
C SER B 171 28.05 11.24 7.00
N ARG B 172 28.63 11.64 8.14
CA ARG B 172 29.96 11.14 8.51
C ARG B 172 29.97 9.63 8.66
N GLU B 173 28.91 9.07 9.27
CA GLU B 173 28.84 7.63 9.50
C GLU B 173 28.96 6.85 8.19
N SER B 174 28.53 7.43 7.08
CA SER B 174 28.58 6.73 5.80
C SER B 174 30.00 6.48 5.33
N GLY B 175 30.98 7.25 5.83
CA GLY B 175 32.34 7.12 5.36
C GLY B 175 32.50 7.34 3.87
N ALA B 176 31.68 8.23 3.29
CA ALA B 176 31.69 8.44 1.85
C ALA B 176 33.03 9.01 1.39
N MET B 177 33.83 8.18 0.74
CA MET B 177 35.16 8.55 0.28
C MET B 177 35.99 9.15 1.41
N GLY B 178 35.85 8.57 2.61
CA GLY B 178 36.59 9.04 3.77
C GLY B 178 37.99 8.50 3.90
N GLN B 179 38.34 7.51 3.08
CA GLN B 179 39.65 6.88 3.14
C GLN B 179 40.60 7.59 2.18
N GLU B 180 41.84 7.78 2.64
CA GLU B 180 42.83 8.52 1.86
C GLU B 180 43.29 7.70 0.65
N LYS B 181 42.44 7.59 -0.36
CA LYS B 181 42.74 6.83 -1.55
C LYS B 181 42.16 7.55 -2.75
N CYS B 182 42.57 7.11 -3.94
CA CYS B 182 42.05 7.65 -5.19
C CYS B 182 40.76 6.93 -5.55
N TYR B 183 39.68 7.68 -5.74
CA TYR B 183 38.37 7.14 -6.07
C TYR B 183 38.01 7.50 -7.50
N TYR B 184 37.36 6.57 -8.20
CA TYR B 184 36.82 6.83 -9.53
C TYR B 184 35.31 6.97 -9.43
N ILE B 185 34.78 8.07 -9.94
CA ILE B 185 33.38 8.45 -9.77
C ILE B 185 32.72 8.58 -11.14
N THR B 186 31.49 8.08 -11.25
CA THR B 186 30.67 8.25 -12.44
C THR B 186 29.27 8.66 -12.01
N ILE B 187 28.71 9.67 -12.69
CA ILE B 187 27.38 10.19 -12.39
C ILE B 187 26.48 9.95 -13.59
N PHE B 188 25.28 9.45 -13.34
CA PHE B 188 24.27 9.25 -14.38
C PHE B 188 23.04 10.10 -14.06
N ALA B 189 22.26 10.39 -15.10
CA ALA B 189 21.06 11.20 -14.94
C ALA B 189 19.91 10.60 -15.74
N SER B 190 18.69 10.77 -15.21
CA SER B 190 17.49 10.36 -15.90
C SER B 190 16.30 11.14 -15.35
N ALA B 191 15.44 11.60 -16.25
CA ALA B 191 14.17 12.20 -15.86
C ALA B 191 13.11 11.16 -15.54
N HIS B 192 13.34 9.91 -15.94
CA HIS B 192 12.42 8.81 -15.65
C HIS B 192 13.25 7.60 -15.27
N PRO B 193 13.73 7.54 -14.02
CA PRO B 193 14.62 6.44 -13.63
C PRO B 193 13.98 5.08 -13.70
N GLU B 194 12.65 4.99 -13.76
CA GLU B 194 11.98 3.70 -13.90
C GLU B 194 12.01 3.18 -15.33
N LYS B 195 12.44 4.01 -16.29
CA LYS B 195 12.58 3.60 -17.68
C LYS B 195 14.07 3.35 -17.95
N LEU B 196 14.43 2.09 -18.16
CA LEU B 196 15.83 1.70 -18.21
C LEU B 196 16.57 2.37 -19.36
N THR B 197 15.93 2.50 -20.52
CA THR B 197 16.57 2.98 -21.73
C THR B 197 16.64 4.51 -21.80
N LEU B 198 16.45 5.22 -20.69
CA LEU B 198 16.48 6.69 -20.69
C LEU B 198 17.60 7.26 -19.85
N TRP B 199 18.50 6.43 -19.34
CA TRP B 199 19.64 6.93 -18.57
C TRP B 199 20.65 7.61 -19.49
N SER B 200 21.29 8.65 -18.97
CA SER B 200 22.34 9.36 -19.68
C SER B 200 23.54 9.52 -18.77
N THR B 201 24.72 9.59 -19.39
CA THR B 201 25.96 9.84 -18.65
C THR B 201 26.15 11.34 -18.44
N VAL B 202 26.51 11.71 -17.22
CA VAL B 202 26.82 13.10 -16.90
C VAL B 202 28.31 13.32 -17.05
N LEU B 203 29.10 12.68 -16.18
CA LEU B 203 30.55 12.81 -16.22
C LEU B 203 31.18 11.68 -15.42
N SER B 204 32.47 11.49 -15.64
CA SER B 204 33.31 10.67 -14.78
C SER B 204 34.52 11.49 -14.36
N THR B 205 35.04 11.19 -13.16
CA THR B 205 36.12 12.00 -12.60
C THR B 205 36.82 11.19 -11.52
N TYR B 206 37.99 11.69 -11.11
CA TYR B 206 38.78 11.11 -10.04
C TYR B 206 38.80 12.06 -8.85
N HIS B 207 38.87 11.48 -7.65
CA HIS B 207 38.92 12.28 -6.43
C HIS B 207 39.71 11.53 -5.38
N PHE B 208 40.55 12.25 -4.65
CA PHE B 208 41.34 11.68 -3.56
C PHE B 208 40.61 11.96 -2.25
N GLY B 209 40.19 10.89 -1.58
CA GLY B 209 39.35 11.00 -0.41
C GLY B 209 40.13 11.31 0.86
N GLY B 210 39.39 11.34 1.97
CA GLY B 210 39.96 11.64 3.27
C GLY B 210 40.49 13.07 3.35
N ASN B 211 41.49 13.26 4.21
CA ASN B 211 42.13 14.56 4.38
C ASN B 211 43.18 14.72 3.29
N ALA B 212 42.69 15.06 2.09
CA ALA B 212 43.59 15.19 0.93
C ALA B 212 44.58 16.32 1.11
N SER B 213 44.18 17.40 1.79
CA SER B 213 45.10 18.52 2.03
C SER B 213 46.30 18.06 2.84
N ALA B 214 46.08 17.28 3.89
CA ALA B 214 47.18 16.79 4.71
C ALA B 214 47.95 15.67 4.03
N ALA B 215 47.25 14.71 3.43
CA ALA B 215 47.91 13.57 2.81
C ALA B 215 48.77 14.00 1.62
N GLY B 216 48.41 15.10 0.97
CA GLY B 216 49.13 15.59 -0.20
C GLY B 216 50.41 16.34 0.09
N THR B 217 50.78 16.49 1.36
CA THR B 217 51.96 17.27 1.72
C THR B 217 53.20 16.70 1.07
N PRO B 218 53.99 17.50 0.35
CA PRO B 218 55.21 16.98 -0.26
C PRO B 218 56.23 16.59 0.79
N HIS B 219 56.96 15.50 0.52
CA HIS B 219 58.00 15.00 1.40
C HIS B 219 59.35 15.05 0.70
N HIS B 220 60.42 14.92 1.50
CA HIS B 220 61.79 14.90 1.00
C HIS B 220 62.11 16.19 0.23
N VAL B 221 61.68 17.32 0.78
CA VAL B 221 62.04 18.61 0.22
C VAL B 221 63.53 18.86 0.45
N SER B 222 64.24 19.25 -0.60
CA SER B 222 65.68 19.43 -0.53
C SER B 222 66.08 20.69 -1.28
N VAL B 223 67.14 21.32 -0.80
CA VAL B 223 67.69 22.54 -1.39
C VAL B 223 69.13 22.27 -1.78
N LYS B 224 69.47 22.60 -3.02
CA LYS B 224 70.80 22.34 -3.54
C LYS B 224 71.38 23.64 -4.05
N ASN B 225 72.66 23.87 -3.75
CA ASN B 225 73.34 25.08 -4.17
C ASN B 225 73.52 25.05 -5.68
N HIS B 226 72.86 25.95 -6.40
CA HIS B 226 72.85 25.93 -7.86
C HIS B 226 73.80 26.97 -8.45
N SER B 227 73.88 28.16 -7.85
CA SER B 227 74.84 29.17 -8.25
C SER B 227 74.98 30.15 -7.10
N LEU B 228 75.87 31.13 -7.28
CA LEU B 228 76.11 32.17 -6.30
C LEU B 228 74.97 33.18 -6.22
N ASP B 229 73.84 32.86 -6.87
CA ASP B 229 72.66 33.73 -6.82
C ASP B 229 71.35 32.95 -6.87
N SER B 230 71.43 31.63 -6.94
CA SER B 230 70.22 30.81 -7.12
C SER B 230 70.41 29.46 -6.47
N VAL B 231 69.29 28.84 -6.10
CA VAL B 231 69.27 27.49 -5.55
C VAL B 231 68.19 26.68 -6.25
N SER B 232 68.38 25.37 -6.31
CA SER B 232 67.37 24.45 -6.82
C SER B 232 66.65 23.81 -5.65
N VAL B 233 65.32 23.82 -5.70
CA VAL B 233 64.47 23.18 -4.70
C VAL B 233 63.85 21.94 -5.34
N ASP B 234 64.03 20.79 -4.69
CA ASP B 234 63.50 19.52 -5.19
C ASP B 234 62.69 18.83 -4.10
N TRP B 235 61.64 18.12 -4.53
CA TRP B 235 60.81 17.37 -3.59
C TRP B 235 60.30 16.11 -4.29
N ALA B 236 59.86 15.15 -3.48
CA ALA B 236 59.22 13.95 -4.02
C ALA B 236 57.80 14.28 -4.50
N PRO B 237 57.32 13.59 -5.53
CA PRO B 237 55.95 13.84 -6.01
C PRO B 237 54.92 13.61 -4.92
N SER B 238 53.93 14.50 -4.88
CA SER B 238 52.82 14.36 -3.94
C SER B 238 52.03 13.09 -4.25
N LEU B 239 51.46 12.50 -3.19
CA LEU B 239 50.58 11.34 -3.36
C LEU B 239 49.38 11.68 -4.24
N LEU B 240 48.97 12.96 -4.27
CA LEU B 240 47.86 13.37 -5.12
C LEU B 240 48.17 13.20 -6.59
N SER B 241 49.45 13.20 -6.96
CA SER B 241 49.83 13.08 -8.37
C SER B 241 49.45 11.73 -8.96
N THR B 242 49.28 10.71 -8.12
CA THR B 242 48.87 9.39 -8.59
C THR B 242 47.39 9.32 -8.97
N CYS B 243 46.60 10.32 -8.59
CA CYS B 243 45.18 10.32 -8.88
C CYS B 243 44.92 11.29 -10.03
N PRO B 244 44.49 10.82 -11.19
CA PRO B 244 44.50 11.67 -12.41
C PRO B 244 43.63 12.91 -12.26
N GLY B 245 44.22 14.06 -12.58
CA GLY B 245 43.50 15.32 -12.61
C GLY B 245 43.26 15.96 -11.26
N VAL B 246 43.63 15.31 -10.16
CA VAL B 246 43.37 15.87 -8.84
C VAL B 246 44.37 16.99 -8.52
N LEU B 247 45.66 16.71 -8.67
CA LEU B 247 46.68 17.69 -8.33
C LEU B 247 46.67 18.82 -9.36
N LYS B 248 46.36 20.04 -8.90
CA LYS B 248 46.34 21.18 -9.81
C LYS B 248 47.72 21.77 -9.97
N GLU B 249 48.42 22.04 -8.87
CA GLU B 249 49.72 22.68 -8.93
C GLU B 249 50.44 22.51 -7.59
N TYR B 250 51.76 22.69 -7.64
CA TYR B 250 52.57 22.89 -6.45
C TYR B 250 52.78 24.39 -6.22
N VAL B 251 53.02 24.76 -4.97
CA VAL B 251 53.34 26.13 -4.60
C VAL B 251 54.58 26.10 -3.71
N VAL B 252 55.59 26.88 -4.08
CA VAL B 252 56.83 27.00 -3.31
C VAL B 252 56.85 28.39 -2.68
N ARG B 253 56.93 28.43 -1.35
CA ARG B 253 57.00 29.68 -0.60
C ARG B 253 58.42 29.85 -0.08
N CYS B 254 59.04 30.98 -0.40
CA CYS B 254 60.40 31.29 0.02
C CYS B 254 60.40 32.52 0.92
N ARG B 255 61.08 32.42 2.05
CA ARG B 255 61.19 33.51 3.02
C ARG B 255 62.65 33.92 3.15
N ASP B 256 62.93 35.20 2.93
CA ASP B 256 64.25 35.77 3.18
C ASP B 256 64.36 36.04 4.67
N GLU B 257 65.22 35.31 5.37
CA GLU B 257 65.27 35.40 6.82
C GLU B 257 65.93 36.69 7.32
N ASP B 258 66.52 37.49 6.43
CA ASP B 258 67.12 38.76 6.81
C ASP B 258 66.25 39.96 6.43
N SER B 259 65.76 40.00 5.20
CA SER B 259 64.86 41.07 4.77
C SER B 259 63.40 40.81 5.14
N LYS B 260 63.08 39.60 5.63
CA LYS B 260 61.77 39.18 6.11
C LYS B 260 60.71 39.14 5.02
N GLN B 261 61.09 39.25 3.75
CA GLN B 261 60.13 39.19 2.65
C GLN B 261 59.72 37.75 2.37
N VAL B 262 58.46 37.57 1.95
CA VAL B 262 57.89 36.26 1.66
C VAL B 262 57.23 36.30 0.29
N SER B 263 57.45 35.25 -0.50
CA SER B 263 56.87 35.15 -1.84
C SER B 263 56.40 33.72 -2.10
N GLU B 264 55.27 33.59 -2.82
CA GLU B 264 54.73 32.30 -3.20
C GLU B 264 54.85 32.13 -4.71
N HIS B 265 55.34 30.97 -5.15
CA HIS B 265 55.59 30.71 -6.57
C HIS B 265 54.87 29.43 -6.99
N PRO B 266 53.89 29.49 -7.90
CA PRO B 266 53.25 28.27 -8.38
C PRO B 266 54.15 27.49 -9.33
N VAL B 267 53.98 26.16 -9.29
CA VAL B 267 54.80 25.23 -10.07
C VAL B 267 53.87 24.21 -10.73
N GLN B 268 54.18 23.83 -11.97
CA GLN B 268 53.39 22.85 -12.69
C GLN B 268 53.34 21.53 -11.91
N PRO B 269 52.21 20.81 -11.94
CA PRO B 269 52.12 19.56 -11.19
C PRO B 269 52.97 18.43 -11.75
N THR B 270 53.41 18.52 -13.00
CA THR B 270 54.29 17.51 -13.58
C THR B 270 55.75 17.71 -13.21
N GLU B 271 56.08 18.81 -12.52
CA GLU B 271 57.44 19.12 -12.14
C GLU B 271 57.57 19.10 -10.61
N THR B 272 58.65 18.48 -10.14
CA THR B 272 58.95 18.45 -8.71
C THR B 272 60.31 19.10 -8.43
N GLN B 273 60.65 20.10 -9.24
CA GLN B 273 61.90 20.83 -9.10
C GLN B 273 61.67 22.25 -9.60
N VAL B 274 62.26 23.22 -8.90
CA VAL B 274 62.17 24.63 -9.30
C VAL B 274 63.44 25.34 -8.86
N THR B 275 63.79 26.39 -9.60
CA THR B 275 64.97 27.21 -9.30
C THR B 275 64.52 28.56 -8.77
N LEU B 276 65.01 28.93 -7.59
CA LEU B 276 64.76 30.23 -6.99
C LEU B 276 65.95 31.13 -7.23
N SER B 277 65.72 32.32 -7.77
CA SER B 277 66.78 33.22 -8.18
C SER B 277 66.65 34.56 -7.47
N GLY B 278 67.70 35.37 -7.60
CA GLY B 278 67.76 36.66 -6.94
C GLY B 278 68.10 36.59 -5.48
N LEU B 279 68.74 35.51 -5.04
CA LEU B 279 69.10 35.34 -3.64
C LEU B 279 70.43 36.03 -3.33
N ARG B 280 70.61 36.39 -2.06
CA ARG B 280 71.82 37.08 -1.62
C ARG B 280 72.73 36.11 -0.88
N ALA B 281 74.04 36.26 -1.10
CA ALA B 281 75.02 35.40 -0.46
C ALA B 281 75.09 35.69 1.05
N GLY B 282 75.36 34.64 1.82
CA GLY B 282 75.44 34.75 3.26
C GLY B 282 74.11 34.85 3.99
N VAL B 283 73.03 35.24 3.29
CA VAL B 283 71.72 35.38 3.89
C VAL B 283 71.07 34.01 4.01
N ALA B 284 70.44 33.76 5.15
CA ALA B 284 69.69 32.52 5.33
C ALA B 284 68.29 32.64 4.72
N TYR B 285 67.81 31.54 4.15
CA TYR B 285 66.49 31.50 3.52
C TYR B 285 65.72 30.29 4.03
N THR B 286 64.39 30.39 3.96
CA THR B 286 63.48 29.32 4.34
C THR B 286 62.51 29.05 3.19
N VAL B 287 62.30 27.77 2.90
CA VAL B 287 61.44 27.35 1.79
C VAL B 287 60.43 26.31 2.30
N GLN B 288 59.18 26.45 1.86
CA GLN B 288 58.14 25.46 2.10
C GLN B 288 57.42 25.17 0.80
N VAL B 289 56.93 23.94 0.68
CA VAL B 289 56.21 23.49 -0.52
C VAL B 289 54.86 22.94 -0.11
N ARG B 290 53.84 23.21 -0.93
CA ARG B 290 52.51 22.64 -0.74
C ARG B 290 51.97 22.17 -2.09
N ALA B 291 51.00 21.26 -2.03
CA ALA B 291 50.34 20.72 -3.22
C ALA B 291 48.86 21.04 -3.14
N ASP B 292 48.36 21.73 -4.16
CA ASP B 292 46.98 22.22 -4.16
C ASP B 292 46.13 21.43 -5.15
N THR B 293 44.88 21.18 -4.75
CA THR B 293 43.86 20.64 -5.64
C THR B 293 43.02 21.80 -6.20
N ALA B 294 42.01 21.45 -7.00
CA ALA B 294 41.12 22.47 -7.53
C ALA B 294 40.29 23.16 -6.45
N TRP B 295 40.17 22.56 -5.27
CA TRP B 295 39.29 23.08 -4.23
C TRP B 295 39.92 23.12 -2.84
N LEU B 296 41.16 22.66 -2.67
CA LEU B 296 41.78 22.60 -1.36
C LEU B 296 43.20 23.13 -1.43
N ARG B 297 43.55 24.02 -0.49
CA ARG B 297 44.94 24.39 -0.28
C ARG B 297 45.65 23.29 0.50
N GLY B 298 46.81 22.88 0.01
CA GLY B 298 47.56 21.82 0.66
C GLY B 298 48.31 22.29 1.89
N VAL B 299 48.65 21.32 2.74
CA VAL B 299 49.43 21.58 3.95
C VAL B 299 50.88 21.81 3.57
N TRP B 300 51.52 22.78 4.20
CA TRP B 300 52.91 23.08 3.94
C TRP B 300 53.83 21.98 4.45
N SER B 301 54.92 21.74 3.73
CA SER B 301 55.97 20.87 4.21
C SER B 301 56.74 21.55 5.35
N GLN B 302 57.53 20.76 6.07
CA GLN B 302 58.42 21.32 7.06
C GLN B 302 59.43 22.26 6.39
N PRO B 303 59.73 23.40 7.01
CA PRO B 303 60.60 24.37 6.36
C PRO B 303 62.04 23.90 6.26
N GLN B 304 62.69 24.22 5.14
CA GLN B 304 64.10 23.92 4.91
C GLN B 304 64.92 25.19 5.03
N ARG B 305 65.94 25.16 5.87
CA ARG B 305 66.85 26.29 6.06
C ARG B 305 68.09 26.10 5.20
N PHE B 306 68.51 27.16 4.52
CA PHE B 306 69.66 27.08 3.64
C PHE B 306 70.24 28.46 3.41
N SER B 307 71.43 28.48 2.81
CA SER B 307 72.09 29.70 2.35
C SER B 307 72.89 29.36 1.10
N ILE B 308 73.20 30.40 0.33
CA ILE B 308 73.96 30.20 -0.91
C ILE B 308 75.35 29.66 -0.62
N VAL C 2 3.51 22.42 -20.70
CA VAL C 2 3.54 21.64 -21.93
C VAL C 2 2.19 21.70 -22.63
N GLN C 3 2.19 22.03 -23.92
CA GLN C 3 0.97 22.13 -24.69
C GLN C 3 1.19 21.55 -26.09
N LEU C 4 0.14 20.93 -26.62
CA LEU C 4 0.12 20.45 -28.00
C LEU C 4 -1.18 20.92 -28.63
N VAL C 5 -1.08 21.68 -29.72
CA VAL C 5 -2.23 22.28 -30.37
C VAL C 5 -2.27 21.81 -31.81
N GLU C 6 -3.33 21.09 -32.18
CA GLU C 6 -3.53 20.61 -33.54
C GLU C 6 -4.37 21.60 -34.34
N SER C 7 -4.17 21.58 -35.65
CA SER C 7 -4.98 22.39 -36.57
C SER C 7 -4.91 21.77 -37.95
N GLY C 8 -5.71 22.32 -38.86
CA GLY C 8 -5.80 21.82 -40.22
C GLY C 8 -7.01 20.93 -40.49
N GLY C 9 -7.78 20.59 -39.46
CA GLY C 9 -8.95 19.77 -39.66
C GLY C 9 -10.05 20.50 -40.42
N GLY C 10 -11.06 19.73 -40.81
CA GLY C 10 -12.20 20.26 -41.52
C GLY C 10 -12.80 19.20 -42.41
N VAL C 11 -13.49 19.65 -43.46
CA VAL C 11 -14.16 18.78 -44.41
C VAL C 11 -13.27 18.61 -45.64
N VAL C 12 -13.17 17.38 -46.12
CA VAL C 12 -12.34 17.07 -47.29
C VAL C 12 -13.02 15.96 -48.07
N GLN C 13 -12.99 16.07 -49.40
CA GLN C 13 -13.64 15.10 -50.24
C GLN C 13 -12.80 13.83 -50.36
N PRO C 14 -13.43 12.68 -50.58
CA PRO C 14 -12.67 11.43 -50.73
C PRO C 14 -11.70 11.52 -51.90
N GLY C 15 -10.53 10.91 -51.71
CA GLY C 15 -9.48 10.94 -52.71
C GLY C 15 -8.61 12.17 -52.70
N ARG C 16 -9.00 13.23 -51.99
CA ARG C 16 -8.22 14.45 -51.92
C ARG C 16 -7.18 14.34 -50.82
N SER C 17 -6.50 15.45 -50.52
CA SER C 17 -5.41 15.45 -49.55
C SER C 17 -5.66 16.53 -48.50
N LEU C 18 -5.05 16.33 -47.34
CA LEU C 18 -5.15 17.27 -46.24
C LEU C 18 -3.89 17.15 -45.38
N ARG C 19 -3.46 18.28 -44.83
CA ARG C 19 -2.22 18.36 -44.07
C ARG C 19 -2.50 18.90 -42.69
N LEU C 20 -2.21 18.11 -41.67
CA LEU C 20 -2.41 18.48 -40.28
C LEU C 20 -1.11 18.99 -39.67
N SER C 21 -1.23 19.88 -38.69
CA SER C 21 -0.08 20.46 -38.01
C SER C 21 -0.29 20.41 -36.50
N CYS C 22 0.81 20.26 -35.78
CA CYS C 22 0.82 20.24 -34.32
C CYS C 22 1.87 21.23 -33.83
N ALA C 23 1.45 22.18 -33.00
CA ALA C 23 2.34 23.21 -32.47
C ALA C 23 2.68 22.87 -31.02
N ALA C 24 3.95 22.58 -30.78
CA ALA C 24 4.42 22.17 -29.46
C ALA C 24 5.05 23.35 -28.73
N SER C 25 4.81 23.42 -27.42
CA SER C 25 5.40 24.44 -26.57
C SER C 25 5.51 23.91 -25.15
N GLY C 26 6.41 24.51 -24.38
CA GLY C 26 6.60 24.15 -22.99
C GLY C 26 7.63 23.08 -22.74
N PHE C 27 8.35 22.62 -23.77
CA PHE C 27 9.38 21.61 -23.61
C PHE C 27 10.31 21.64 -24.81
N THR C 28 11.38 20.86 -24.73
CA THR C 28 12.37 20.78 -25.81
C THR C 28 11.85 19.82 -26.87
N PHE C 29 11.26 20.38 -27.93
CA PHE C 29 10.65 19.55 -28.97
C PHE C 29 11.66 18.62 -29.64
N THR C 30 12.93 19.02 -29.71
CA THR C 30 13.93 18.24 -30.42
C THR C 30 14.36 16.97 -29.70
N SER C 31 13.90 16.75 -28.47
CA SER C 31 14.38 15.64 -27.66
C SER C 31 13.36 14.51 -27.50
N TYR C 32 12.20 14.60 -28.13
CA TYR C 32 11.15 13.62 -27.92
C TYR C 32 10.60 13.12 -29.25
N GLY C 33 10.26 11.84 -29.30
CA GLY C 33 9.50 11.32 -30.42
C GLY C 33 8.05 11.77 -30.38
N MET C 34 7.43 11.79 -31.55
CA MET C 34 6.07 12.27 -31.70
C MET C 34 5.25 11.28 -32.52
N SER C 35 3.95 11.23 -32.24
CA SER C 35 3.05 10.30 -32.91
C SER C 35 1.71 10.96 -33.17
N TRP C 36 0.98 10.40 -34.14
CA TRP C 36 -0.41 10.77 -34.40
C TRP C 36 -1.30 9.59 -34.05
N VAL C 37 -2.39 9.86 -33.32
CA VAL C 37 -3.37 8.85 -32.97
C VAL C 37 -4.75 9.41 -33.31
N ARG C 38 -5.58 8.61 -33.97
CA ARG C 38 -6.90 9.03 -34.38
C ARG C 38 -7.96 8.17 -33.70
N GLN C 39 -9.18 8.73 -33.63
CA GLN C 39 -10.32 8.06 -33.01
C GLN C 39 -11.55 8.32 -33.84
N ALA C 40 -12.05 7.30 -34.53
CA ALA C 40 -13.27 7.44 -35.31
C ALA C 40 -14.43 7.80 -34.39
N PRO C 41 -15.48 8.46 -34.92
CA PRO C 41 -16.61 8.85 -34.06
C PRO C 41 -17.23 7.67 -33.32
N GLY C 42 -17.26 7.76 -32.00
CA GLY C 42 -17.82 6.71 -31.19
C GLY C 42 -17.04 5.41 -31.22
N LYS C 43 -15.78 5.45 -31.64
CA LYS C 43 -14.96 4.26 -31.76
C LYS C 43 -13.72 4.38 -30.87
N GLY C 44 -12.83 3.39 -30.97
CA GLY C 44 -11.64 3.34 -30.15
C GLY C 44 -10.45 4.05 -30.77
N LEU C 45 -9.34 4.01 -30.04
CA LEU C 45 -8.11 4.68 -30.48
C LEU C 45 -7.37 3.84 -31.51
N GLU C 46 -6.75 4.52 -32.47
CA GLU C 46 -5.95 3.89 -33.50
C GLU C 46 -4.68 4.68 -33.71
N TRP C 47 -3.54 4.07 -33.40
CA TRP C 47 -2.25 4.72 -33.63
C TRP C 47 -1.98 4.81 -35.14
N VAL C 48 -1.64 6.01 -35.60
CA VAL C 48 -1.52 6.26 -37.03
C VAL C 48 -0.05 6.18 -37.47
N ALA C 49 0.80 7.04 -36.89
CA ALA C 49 2.19 7.12 -37.31
C ALA C 49 3.01 7.75 -36.20
N GLY C 50 4.31 7.49 -36.25
CA GLY C 50 5.23 8.05 -35.28
C GLY C 50 6.55 8.42 -35.92
N ILE C 51 7.25 9.37 -35.30
CA ILE C 51 8.52 9.86 -35.81
C ILE C 51 9.45 10.11 -34.63
N SER C 52 10.73 9.77 -34.82
CA SER C 52 11.73 9.91 -33.77
C SER C 52 12.11 11.37 -33.57
N TYR C 53 13.06 11.61 -32.66
CA TYR C 53 13.43 12.97 -32.29
C TYR C 53 14.19 13.67 -33.41
N ASP C 54 15.03 12.94 -34.14
CA ASP C 54 15.81 13.50 -35.23
C ASP C 54 15.20 13.22 -36.59
N ALA C 55 13.96 12.71 -36.63
CA ALA C 55 13.19 12.44 -37.85
C ALA C 55 13.81 11.35 -38.70
N SER C 56 14.78 10.59 -38.19
CA SER C 56 15.38 9.52 -38.95
C SER C 56 14.51 8.27 -38.99
N ASP C 57 13.70 8.05 -37.95
CA ASP C 57 12.84 6.88 -37.87
C ASP C 57 11.39 7.30 -38.05
N THR C 58 10.68 6.62 -38.96
CA THR C 58 9.26 6.83 -39.17
C THR C 58 8.57 5.47 -39.26
N GLU C 59 7.39 5.37 -38.63
CA GLU C 59 6.60 4.15 -38.66
C GLU C 59 5.15 4.53 -38.92
N TYR C 60 4.43 3.62 -39.58
CA TYR C 60 3.06 3.89 -39.99
C TYR C 60 2.19 2.66 -39.73
N ALA C 61 0.92 2.91 -39.46
CA ALA C 61 -0.05 1.83 -39.37
C ALA C 61 -0.30 1.24 -40.76
N ASP C 62 -0.83 0.01 -40.76
CA ASP C 62 -1.03 -0.71 -42.01
C ASP C 62 -2.03 0.00 -42.92
N SER C 63 -3.13 0.49 -42.34
CA SER C 63 -4.20 1.09 -43.14
C SER C 63 -3.79 2.41 -43.78
N VAL C 64 -2.72 3.04 -43.30
CA VAL C 64 -2.26 4.32 -43.81
C VAL C 64 -0.90 4.22 -44.49
N LYS C 65 -0.30 3.03 -44.52
CA LYS C 65 1.00 2.85 -45.15
C LYS C 65 0.94 3.24 -46.62
N GLY C 66 1.91 4.07 -47.03
CA GLY C 66 1.97 4.55 -48.40
C GLY C 66 1.07 5.73 -48.72
N ARG C 67 0.07 6.00 -47.89
CA ARG C 67 -0.85 7.11 -48.13
C ARG C 67 -0.60 8.30 -47.21
N PHE C 68 -0.10 8.07 -46.00
CA PHE C 68 0.17 9.14 -45.04
C PHE C 68 1.67 9.35 -44.90
N THR C 69 2.05 10.57 -44.55
CA THR C 69 3.46 10.91 -44.35
C THR C 69 3.58 11.81 -43.12
N ILE C 70 4.33 11.35 -42.13
CA ILE C 70 4.65 12.14 -40.95
C ILE C 70 6.02 12.78 -41.16
N SER C 71 6.16 14.02 -40.69
CA SER C 71 7.40 14.77 -40.89
C SER C 71 7.61 15.70 -39.70
N ARG C 72 8.81 16.25 -39.61
CA ARG C 72 9.20 17.07 -38.47
C ARG C 72 9.87 18.35 -38.93
N ASP C 73 9.65 19.41 -38.16
CA ASP C 73 10.30 20.71 -38.35
C ASP C 73 10.81 21.15 -36.99
N ASN C 74 12.03 20.73 -36.64
CA ASN C 74 12.56 21.00 -35.31
C ASN C 74 12.87 22.48 -35.09
N SER C 75 13.08 23.24 -36.17
CA SER C 75 13.35 24.67 -36.01
C SER C 75 12.11 25.46 -35.60
N LYS C 76 10.92 24.98 -35.98
CA LYS C 76 9.68 25.66 -35.64
C LYS C 76 8.83 24.88 -34.64
N ASN C 77 9.35 23.76 -34.13
CA ASN C 77 8.65 22.94 -33.14
C ASN C 77 7.26 22.54 -33.64
N THR C 78 7.21 22.05 -34.88
CA THR C 78 5.95 21.68 -35.52
C THR C 78 6.00 20.25 -36.00
N LEU C 79 4.95 19.49 -35.72
CA LEU C 79 4.77 18.14 -36.24
C LEU C 79 3.72 18.15 -37.34
N TYR C 80 3.95 17.37 -38.38
CA TYR C 80 3.08 17.36 -39.54
C TYR C 80 2.58 15.94 -39.82
N LEU C 81 1.39 15.86 -40.39
CA LEU C 81 0.84 14.62 -40.94
C LEU C 81 0.26 14.93 -42.31
N GLN C 82 0.91 14.43 -43.35
CA GLN C 82 0.46 14.64 -44.71
C GLN C 82 -0.41 13.46 -45.13
N MET C 83 -1.69 13.71 -45.37
CA MET C 83 -2.66 12.67 -45.69
C MET C 83 -2.98 12.75 -47.18
N ASN C 84 -2.76 11.64 -47.89
CA ASN C 84 -3.04 11.54 -49.32
C ASN C 84 -3.95 10.35 -49.57
N SER C 85 -4.68 10.42 -50.68
CA SER C 85 -5.63 9.37 -51.09
C SER C 85 -6.61 9.05 -49.96
N LEU C 86 -7.20 10.12 -49.40
CA LEU C 86 -8.09 9.97 -48.25
C LEU C 86 -9.31 9.15 -48.61
N ARG C 87 -9.66 8.22 -47.71
CA ARG C 87 -10.87 7.43 -47.82
C ARG C 87 -11.84 7.82 -46.72
N ALA C 88 -13.08 7.30 -46.83
CA ALA C 88 -14.11 7.63 -45.85
C ALA C 88 -13.74 7.13 -44.45
N GLU C 89 -12.99 6.04 -44.35
CA GLU C 89 -12.63 5.48 -43.05
C GLU C 89 -11.72 6.40 -42.25
N ASP C 90 -11.08 7.38 -42.88
CA ASP C 90 -10.19 8.31 -42.19
C ASP C 90 -10.94 9.37 -41.38
N THR C 91 -12.27 9.36 -41.38
CA THR C 91 -13.03 10.29 -40.57
C THR C 91 -12.79 9.99 -39.10
N ALA C 92 -12.13 10.90 -38.38
CA ALA C 92 -11.77 10.69 -36.99
C ALA C 92 -11.28 12.00 -36.41
N VAL C 93 -11.13 12.02 -35.09
CA VAL C 93 -10.40 13.07 -34.39
C VAL C 93 -8.94 12.65 -34.32
N TYR C 94 -8.05 13.51 -34.79
CA TYR C 94 -6.63 13.18 -34.89
C TYR C 94 -5.87 13.88 -33.77
N TYR C 95 -5.23 13.09 -32.91
CA TYR C 95 -4.55 13.60 -31.73
C TYR C 95 -3.04 13.68 -31.97
N CYS C 96 -2.42 14.66 -31.32
CA CYS C 96 -0.98 14.83 -31.30
C CYS C 96 -0.46 14.33 -29.96
N ALA C 97 0.52 13.42 -30.00
CA ALA C 97 0.95 12.72 -28.79
C ALA C 97 2.47 12.70 -28.73
N ARG C 98 3.01 12.90 -27.54
CA ARG C 98 4.45 12.90 -27.29
C ARG C 98 4.89 11.59 -26.67
N SER C 99 6.01 11.05 -27.14
CA SER C 99 6.74 9.91 -26.60
C SER C 99 7.85 10.39 -25.68
N PRO C 100 8.14 9.69 -24.58
CA PRO C 100 9.08 10.23 -23.59
C PRO C 100 10.54 10.08 -23.98
N ASP C 101 10.87 9.38 -25.06
CA ASP C 101 12.25 9.08 -25.40
C ASP C 101 12.55 9.58 -26.80
N TYR C 102 13.83 9.46 -27.19
CA TYR C 102 14.24 9.79 -28.54
C TYR C 102 13.45 9.00 -29.58
N ILE C 103 13.29 7.71 -29.35
CA ILE C 103 12.71 6.81 -30.32
C ILE C 103 11.23 6.59 -30.00
N ILE C 104 10.52 5.93 -30.91
CA ILE C 104 9.13 5.59 -30.71
C ILE C 104 9.07 4.43 -29.70
N ASP C 105 8.65 4.72 -28.47
CA ASP C 105 8.75 3.77 -27.39
C ASP C 105 7.92 4.27 -26.21
N TYR C 106 7.58 3.34 -25.32
CA TYR C 106 6.83 3.63 -24.10
C TYR C 106 5.47 4.23 -24.42
N GLY C 107 4.78 4.76 -23.41
CA GLY C 107 3.45 5.31 -23.60
C GLY C 107 3.48 6.77 -24.01
N PHE C 108 2.29 7.31 -24.24
CA PHE C 108 2.12 8.71 -24.62
C PHE C 108 1.72 9.49 -23.38
N ASP C 109 2.62 10.33 -22.89
CA ASP C 109 2.43 11.07 -21.65
C ASP C 109 1.79 12.44 -21.84
N TYR C 110 1.66 12.92 -23.08
CA TYR C 110 1.10 14.24 -23.34
C TYR C 110 0.30 14.19 -24.63
N TRP C 111 -0.91 14.73 -24.60
CA TRP C 111 -1.81 14.73 -25.74
C TRP C 111 -2.30 16.15 -26.01
N GLY C 112 -2.71 16.38 -27.24
CA GLY C 112 -3.40 17.60 -27.62
C GLY C 112 -4.90 17.42 -27.57
N ARG C 113 -5.61 18.44 -28.08
CA ARG C 113 -7.06 18.37 -28.14
C ARG C 113 -7.56 17.61 -29.35
N GLY C 114 -6.82 17.62 -30.45
CA GLY C 114 -7.26 16.93 -31.64
C GLY C 114 -8.00 17.86 -32.60
N THR C 115 -8.03 17.46 -33.85
CA THR C 115 -8.77 18.17 -34.88
C THR C 115 -9.68 17.19 -35.60
N LEU C 116 -10.91 17.62 -35.85
CA LEU C 116 -11.88 16.77 -36.51
C LEU C 116 -11.62 16.77 -38.00
N VAL C 117 -11.55 15.57 -38.58
CA VAL C 117 -11.39 15.40 -40.02
C VAL C 117 -12.55 14.54 -40.50
N THR C 118 -13.43 15.12 -41.31
CA THR C 118 -14.58 14.42 -41.87
C THR C 118 -14.33 14.24 -43.36
N VAL C 119 -14.26 12.98 -43.80
CA VAL C 119 -14.05 12.66 -45.20
C VAL C 119 -15.39 12.26 -45.80
N SER C 120 -15.93 13.13 -46.66
CA SER C 120 -17.23 12.92 -47.27
C SER C 120 -17.40 13.90 -48.41
N SER C 121 -18.09 13.46 -49.47
CA SER C 121 -18.37 14.28 -50.63
C SER C 121 -19.67 15.06 -50.50
N ALA C 122 -20.29 15.03 -49.32
CA ALA C 122 -21.53 15.78 -49.12
C ALA C 122 -21.27 17.28 -49.09
N SER C 123 -22.33 18.04 -49.38
CA SER C 123 -22.30 19.49 -49.37
C SER C 123 -23.14 20.00 -48.20
N THR C 124 -22.79 21.20 -47.72
CA THR C 124 -23.49 21.78 -46.58
C THR C 124 -24.97 21.93 -46.88
N LYS C 125 -25.81 21.45 -45.97
CA LYS C 125 -27.24 21.40 -46.20
C LYS C 125 -27.97 21.44 -44.87
N GLY C 126 -28.98 22.30 -44.77
CA GLY C 126 -29.78 22.40 -43.58
C GLY C 126 -30.71 21.22 -43.40
N PRO C 127 -31.14 20.98 -42.16
CA PRO C 127 -31.97 19.81 -41.87
C PRO C 127 -33.46 20.06 -42.06
N SER C 128 -34.17 18.99 -42.36
CA SER C 128 -35.63 18.98 -42.31
C SER C 128 -36.07 18.55 -40.91
N VAL C 129 -37.03 19.29 -40.35
CA VAL C 129 -37.48 19.07 -38.98
C VAL C 129 -38.94 18.62 -39.04
N PHE C 130 -39.19 17.39 -38.60
CA PHE C 130 -40.52 16.81 -38.61
C PHE C 130 -40.98 16.53 -37.19
N PRO C 131 -42.27 16.72 -36.89
CA PRO C 131 -42.74 16.50 -35.52
C PRO C 131 -42.95 15.02 -35.19
N LEU C 132 -42.57 14.65 -33.98
CA LEU C 132 -42.93 13.35 -33.40
C LEU C 132 -44.04 13.61 -32.38
N ALA C 133 -45.27 13.48 -32.83
CA ALA C 133 -46.46 13.87 -32.09
C ALA C 133 -46.84 12.78 -31.10
N PRO C 134 -47.49 13.14 -29.99
CA PRO C 134 -48.03 12.08 -29.12
C PRO C 134 -49.35 11.57 -29.68
N SER C 135 -49.41 10.27 -29.92
CA SER C 135 -50.57 9.56 -30.42
C SER C 135 -51.57 9.30 -29.30
N SER C 136 -52.84 9.13 -29.69
CA SER C 136 -53.98 8.76 -28.85
C SER C 136 -54.36 9.83 -27.85
N LYS C 137 -53.62 10.92 -27.75
CA LYS C 137 -53.87 11.99 -26.79
C LYS C 137 -53.79 11.49 -25.35
N GLY C 141 -51.88 6.72 -19.38
CA GLY C 141 -52.01 7.40 -18.10
C GLY C 141 -51.54 8.84 -18.11
N GLY C 142 -50.73 9.22 -17.13
CA GLY C 142 -50.23 10.56 -16.97
C GLY C 142 -48.93 10.88 -17.68
N THR C 143 -48.37 9.93 -18.44
CA THR C 143 -47.09 10.12 -19.08
C THR C 143 -47.27 10.03 -20.60
N ALA C 144 -46.76 11.05 -21.30
CA ALA C 144 -46.81 11.12 -22.75
C ALA C 144 -45.45 11.53 -23.28
N ALA C 145 -45.05 10.94 -24.41
CA ALA C 145 -43.78 11.27 -25.05
C ALA C 145 -44.02 11.92 -26.41
N LEU C 146 -43.12 12.85 -26.76
CA LEU C 146 -43.13 13.51 -28.05
C LEU C 146 -41.71 14.01 -28.33
N GLY C 147 -41.47 14.44 -29.56
CA GLY C 147 -40.14 14.88 -29.92
C GLY C 147 -40.09 15.44 -31.33
N CYS C 148 -38.85 15.60 -31.81
CA CYS C 148 -38.58 16.23 -33.09
C CYS C 148 -37.54 15.41 -33.86
N LEU C 149 -37.79 15.17 -35.14
CA LEU C 149 -36.86 14.45 -36.00
C LEU C 149 -36.07 15.45 -36.84
N VAL C 150 -34.76 15.50 -36.60
CA VAL C 150 -33.86 16.40 -37.31
C VAL C 150 -33.12 15.55 -38.35
N LYS C 151 -33.54 15.65 -39.61
CA LYS C 151 -33.14 14.72 -40.64
C LYS C 151 -32.37 15.41 -41.75
N ASP C 152 -31.29 14.76 -42.21
CA ASP C 152 -30.59 15.11 -43.44
C ASP C 152 -29.91 16.47 -43.39
N TYR C 153 -28.95 16.64 -42.48
CA TYR C 153 -28.09 17.81 -42.45
C TYR C 153 -26.63 17.41 -42.60
N PHE C 154 -25.80 18.40 -42.97
CA PHE C 154 -24.37 18.20 -43.09
C PHE C 154 -23.72 19.56 -43.12
N PRO C 155 -22.58 19.76 -42.43
CA PRO C 155 -21.97 18.76 -41.56
C PRO C 155 -22.43 18.85 -40.11
N GLU C 156 -21.69 18.20 -39.21
CA GLU C 156 -21.95 18.32 -37.79
C GLU C 156 -21.58 19.72 -37.31
N PRO C 157 -22.24 20.23 -36.25
CA PRO C 157 -23.39 19.64 -35.57
C PRO C 157 -24.64 20.49 -35.70
N VAL C 158 -25.77 19.99 -35.19
CA VAL C 158 -26.95 20.80 -34.96
C VAL C 158 -27.17 20.92 -33.46
N THR C 159 -27.82 22.00 -33.05
CA THR C 159 -28.22 22.20 -31.66
C THR C 159 -29.73 22.23 -31.58
N VAL C 160 -30.28 21.56 -30.57
CA VAL C 160 -31.72 21.44 -30.37
C VAL C 160 -32.05 21.93 -28.97
N SER C 161 -33.07 22.76 -28.86
CA SER C 161 -33.63 23.17 -27.58
C SER C 161 -35.15 23.01 -27.63
N TRP C 162 -35.77 23.10 -26.47
CA TRP C 162 -37.22 22.96 -26.34
C TRP C 162 -37.78 24.15 -25.59
N ASN C 163 -38.78 24.80 -26.19
CA ASN C 163 -39.41 26.00 -25.62
C ASN C 163 -38.37 27.06 -25.27
N SER C 164 -37.43 27.28 -26.20
CA SER C 164 -36.39 28.31 -26.05
C SER C 164 -35.53 28.04 -24.82
N GLY C 165 -35.29 26.76 -24.53
CA GLY C 165 -34.49 26.38 -23.38
C GLY C 165 -35.24 26.30 -22.07
N ALA C 166 -36.50 26.73 -22.02
CA ALA C 166 -37.27 26.68 -20.78
C ALA C 166 -37.61 25.26 -20.38
N LEU C 167 -37.53 24.30 -21.30
CA LEU C 167 -37.84 22.90 -21.03
C LEU C 167 -36.58 22.09 -21.31
N THR C 168 -35.88 21.68 -20.24
CA THR C 168 -34.68 20.86 -20.36
C THR C 168 -34.71 19.60 -19.52
N SER C 169 -35.52 19.54 -18.47
CA SER C 169 -35.61 18.35 -17.64
C SER C 169 -36.36 17.25 -18.39
N GLY C 170 -35.75 16.08 -18.49
CA GLY C 170 -36.32 14.98 -19.24
C GLY C 170 -36.06 15.03 -20.73
N VAL C 171 -35.22 15.94 -21.18
CA VAL C 171 -34.89 16.06 -22.60
C VAL C 171 -33.73 15.14 -22.92
N HIS C 172 -33.88 14.33 -23.96
CA HIS C 172 -32.82 13.45 -24.43
C HIS C 172 -32.62 13.69 -25.92
N THR C 173 -31.43 14.19 -26.27
CA THR C 173 -31.05 14.44 -27.65
C THR C 173 -30.00 13.41 -28.05
N PHE C 174 -30.32 12.60 -29.05
CA PHE C 174 -29.45 11.49 -29.39
C PHE C 174 -28.29 11.96 -30.26
N PRO C 175 -27.15 11.26 -30.19
CA PRO C 175 -26.05 11.58 -31.10
C PRO C 175 -26.44 11.33 -32.54
N ALA C 176 -25.82 12.09 -33.45
CA ALA C 176 -26.17 11.98 -34.86
C ALA C 176 -25.79 10.62 -35.41
N VAL C 177 -26.50 10.20 -36.45
CA VAL C 177 -26.19 8.99 -37.20
C VAL C 177 -25.84 9.38 -38.62
N LEU C 178 -24.84 8.73 -39.19
CA LEU C 178 -24.44 8.95 -40.57
C LEU C 178 -25.25 8.01 -41.45
N GLN C 179 -26.18 8.57 -42.22
CA GLN C 179 -27.04 7.77 -43.07
C GLN C 179 -26.31 7.35 -44.35
N SER C 180 -26.92 6.42 -45.08
CA SER C 180 -26.32 5.93 -46.31
C SER C 180 -26.21 7.01 -47.38
N SER C 181 -27.00 8.08 -47.26
CA SER C 181 -26.93 9.19 -48.21
C SER C 181 -25.74 10.11 -47.98
N GLY C 182 -25.04 9.96 -46.87
CA GLY C 182 -23.94 10.84 -46.52
C GLY C 182 -24.32 11.99 -45.60
N LEU C 183 -25.60 12.17 -45.31
CA LEU C 183 -26.07 13.22 -44.43
C LEU C 183 -26.36 12.67 -43.04
N TYR C 184 -26.32 13.56 -42.06
CA TYR C 184 -26.55 13.17 -40.67
C TYR C 184 -28.01 13.36 -40.29
N SER C 185 -28.42 12.68 -39.22
CA SER C 185 -29.78 12.78 -38.72
C SER C 185 -29.78 12.41 -37.24
N LEU C 186 -30.71 13.01 -36.49
CA LEU C 186 -30.87 12.70 -35.08
C LEU C 186 -32.30 13.03 -34.68
N SER C 187 -32.66 12.62 -33.46
CA SER C 187 -33.95 12.94 -32.87
C SER C 187 -33.73 13.51 -31.47
N SER C 188 -34.66 14.36 -31.05
CA SER C 188 -34.69 14.88 -29.69
C SER C 188 -36.09 14.70 -29.14
N VAL C 189 -36.20 14.11 -27.95
CA VAL C 189 -37.49 13.75 -27.38
C VAL C 189 -37.59 14.30 -25.95
N VAL C 190 -38.82 14.51 -25.51
CA VAL C 190 -39.13 14.94 -24.16
C VAL C 190 -40.34 14.16 -23.67
N THR C 191 -40.31 13.76 -22.40
CA THR C 191 -41.47 13.17 -21.74
C THR C 191 -42.18 14.24 -20.94
N VAL C 192 -43.50 14.33 -21.10
CA VAL C 192 -44.30 15.40 -20.47
C VAL C 192 -45.56 14.78 -19.88
N PRO C 193 -46.19 15.49 -18.95
CA PRO C 193 -47.46 15.02 -18.40
C PRO C 193 -48.55 15.02 -19.46
N SER C 194 -49.43 14.01 -19.40
CA SER C 194 -50.52 13.92 -20.36
C SER C 194 -51.53 15.04 -20.16
N SER C 195 -51.72 15.49 -18.91
CA SER C 195 -52.64 16.59 -18.65
C SER C 195 -52.14 17.91 -19.20
N SER C 196 -50.85 18.02 -19.50
CA SER C 196 -50.26 19.25 -20.01
C SER C 196 -50.28 19.33 -21.54
N LEU C 197 -50.75 18.27 -22.22
CA LEU C 197 -50.82 18.33 -23.67
C LEU C 197 -51.84 19.36 -24.13
N GLY C 198 -52.92 19.53 -23.37
CA GLY C 198 -53.93 20.52 -23.71
C GLY C 198 -53.58 21.93 -23.30
N THR C 199 -52.81 22.09 -22.22
CA THR C 199 -52.57 23.41 -21.66
C THR C 199 -51.29 24.05 -22.17
N GLN C 200 -50.24 23.27 -22.41
CA GLN C 200 -48.92 23.80 -22.77
C GLN C 200 -48.60 23.46 -24.22
N THR C 201 -48.01 24.42 -24.92
CA THR C 201 -47.54 24.23 -26.28
C THR C 201 -46.04 23.95 -26.26
N TYR C 202 -45.60 22.98 -27.06
CA TYR C 202 -44.22 22.53 -27.08
C TYR C 202 -43.61 22.81 -28.44
N ILE C 203 -42.48 23.51 -28.46
CA ILE C 203 -41.80 23.91 -29.69
C ILE C 203 -40.33 23.58 -29.55
N CYS C 204 -39.81 22.78 -30.47
CA CYS C 204 -38.39 22.46 -30.53
C CYS C 204 -37.67 23.41 -31.49
N ASN C 205 -36.48 23.84 -31.10
CA ASN C 205 -35.71 24.82 -31.86
C ASN C 205 -34.44 24.16 -32.37
N VAL C 206 -34.38 23.94 -33.69
CA VAL C 206 -33.24 23.30 -34.33
C VAL C 206 -32.38 24.39 -34.98
N ASN C 207 -31.09 24.39 -34.66
CA ASN C 207 -30.16 25.37 -35.18
C ASN C 207 -28.97 24.66 -35.81
N HIS C 208 -28.61 25.06 -37.03
CA HIS C 208 -27.52 24.47 -37.79
C HIS C 208 -26.62 25.61 -38.25
N LYS C 209 -25.58 25.89 -37.47
CA LYS C 209 -24.69 27.00 -37.79
C LYS C 209 -23.99 26.87 -39.14
N PRO C 210 -23.52 25.69 -39.58
CA PRO C 210 -22.89 25.63 -40.92
C PRO C 210 -23.77 26.12 -42.05
N SER C 211 -25.09 25.99 -41.93
CA SER C 211 -26.00 26.48 -42.95
C SER C 211 -26.85 27.65 -42.49
N ASN C 212 -26.64 28.12 -41.25
CA ASN C 212 -27.39 29.26 -40.70
C ASN C 212 -28.90 29.08 -40.83
N THR C 213 -29.37 27.87 -40.51
CA THR C 213 -30.78 27.55 -40.56
C THR C 213 -31.32 27.41 -39.13
N LYS C 214 -32.39 28.14 -38.84
CA LYS C 214 -33.06 28.07 -37.54
C LYS C 214 -34.53 27.79 -37.79
N VAL C 215 -35.02 26.69 -37.23
CA VAL C 215 -36.39 26.25 -37.44
C VAL C 215 -37.03 25.96 -36.09
N ASP C 216 -38.26 26.44 -35.89
CA ASP C 216 -39.04 26.17 -34.69
C ASP C 216 -40.26 25.38 -35.14
N LYS C 217 -40.28 24.10 -34.82
CA LYS C 217 -41.33 23.19 -35.29
C LYS C 217 -42.24 22.87 -34.11
N ARG C 218 -43.50 23.25 -34.23
CA ARG C 218 -44.48 22.97 -33.19
C ARG C 218 -44.99 21.54 -33.30
N VAL C 219 -45.01 20.83 -32.19
CA VAL C 219 -45.40 19.42 -32.13
C VAL C 219 -46.81 19.37 -31.58
N GLU C 220 -47.77 18.97 -32.43
CA GLU C 220 -49.17 18.95 -32.05
C GLU C 220 -49.69 17.52 -32.00
N PRO C 221 -50.52 17.16 -31.01
CA PRO C 221 -51.09 15.81 -30.91
C PRO C 221 -52.06 15.51 -32.05
N ILE D 2 -0.06 -7.12 -34.13
CA ILE D 2 -0.41 -7.64 -32.81
C ILE D 2 -1.80 -7.16 -32.41
N GLN D 3 -2.67 -8.10 -32.07
CA GLN D 3 -4.02 -7.79 -31.64
C GLN D 3 -4.10 -7.70 -30.12
N MET D 4 -4.80 -6.67 -29.63
CA MET D 4 -4.96 -6.42 -28.21
C MET D 4 -6.43 -6.53 -27.86
N THR D 5 -6.77 -7.48 -27.00
CA THR D 5 -8.15 -7.79 -26.66
C THR D 5 -8.38 -7.54 -25.17
N GLN D 6 -9.31 -6.65 -24.85
CA GLN D 6 -9.68 -6.34 -23.48
C GLN D 6 -10.94 -7.09 -23.08
N SER D 7 -11.10 -7.30 -21.77
CA SER D 7 -12.27 -7.98 -21.25
C SER D 7 -12.55 -7.42 -19.85
N PRO D 8 -13.82 -7.05 -19.56
CA PRO D 8 -14.92 -7.09 -20.52
C PRO D 8 -14.97 -5.84 -21.40
N SER D 9 -15.92 -5.80 -22.34
CA SER D 9 -16.07 -4.60 -23.16
C SER D 9 -16.70 -3.47 -22.35
N SER D 10 -17.58 -3.81 -21.41
CA SER D 10 -18.16 -2.85 -20.50
C SER D 10 -18.47 -3.53 -19.18
N LEU D 11 -18.64 -2.73 -18.13
CA LEU D 11 -19.00 -3.25 -16.83
C LEU D 11 -19.59 -2.12 -16.00
N SER D 12 -20.54 -2.49 -15.14
CA SER D 12 -21.18 -1.55 -14.24
C SER D 12 -20.70 -1.81 -12.82
N ALA D 13 -20.41 -0.73 -12.10
CA ALA D 13 -19.92 -0.82 -10.73
C ALA D 13 -20.48 0.34 -9.92
N SER D 14 -20.22 0.30 -8.62
CA SER D 14 -20.63 1.34 -7.70
C SER D 14 -19.40 1.97 -7.07
N VAL D 15 -19.59 3.19 -6.56
CA VAL D 15 -18.51 3.87 -5.86
C VAL D 15 -18.07 3.04 -4.66
N GLY D 16 -16.77 2.77 -4.58
CA GLY D 16 -16.21 1.95 -3.54
C GLY D 16 -15.86 0.54 -3.97
N ASP D 17 -16.39 0.09 -5.11
CA ASP D 17 -16.10 -1.25 -5.58
C ASP D 17 -14.65 -1.38 -6.04
N ARG D 18 -14.17 -2.62 -6.07
CA ARG D 18 -12.87 -2.96 -6.63
C ARG D 18 -13.07 -3.41 -8.06
N VAL D 19 -12.48 -2.69 -9.01
CA VAL D 19 -12.67 -2.92 -10.44
C VAL D 19 -11.37 -3.45 -11.02
N THR D 20 -11.47 -4.51 -11.82
CA THR D 20 -10.31 -5.12 -12.46
C THR D 20 -10.61 -5.31 -13.95
N ILE D 21 -9.78 -4.70 -14.80
CA ILE D 21 -9.88 -4.84 -16.25
C ILE D 21 -8.68 -5.65 -16.74
N THR D 22 -8.92 -6.55 -17.68
CA THR D 22 -7.87 -7.42 -18.21
C THR D 22 -7.61 -7.08 -19.68
N CYS D 23 -6.35 -7.27 -20.08
CA CYS D 23 -5.90 -7.02 -21.44
C CYS D 23 -4.98 -8.15 -21.87
N ARG D 24 -5.29 -8.78 -23.01
CA ARG D 24 -4.53 -9.90 -23.51
C ARG D 24 -4.01 -9.60 -24.90
N ALA D 25 -2.80 -10.07 -25.20
CA ALA D 25 -2.09 -9.77 -26.43
C ALA D 25 -1.92 -11.03 -27.27
N SER D 26 -2.07 -10.86 -28.59
CA SER D 26 -1.97 -12.01 -29.49
C SER D 26 -0.56 -12.59 -29.53
N GLN D 27 0.46 -11.77 -29.23
CA GLN D 27 1.83 -12.24 -29.15
C GLN D 27 2.45 -11.77 -27.84
N GLY D 28 3.60 -12.34 -27.51
CA GLY D 28 4.31 -11.92 -26.31
C GLY D 28 4.87 -10.52 -26.47
N ILE D 29 4.65 -9.67 -25.47
CA ILE D 29 5.08 -8.28 -25.54
C ILE D 29 5.84 -7.92 -24.28
N SER D 30 6.28 -8.95 -23.53
CA SER D 30 7.00 -8.76 -22.28
C SER D 30 6.26 -7.83 -21.34
N SER D 31 6.82 -6.66 -21.06
CA SER D 31 6.19 -5.66 -20.20
C SER D 31 5.87 -4.37 -20.93
N ASP D 32 6.02 -4.35 -22.26
CA ASP D 32 5.82 -3.13 -23.05
C ASP D 32 4.32 -2.89 -23.26
N LEU D 33 3.66 -2.50 -22.18
CA LEU D 33 2.22 -2.29 -22.18
C LEU D 33 1.87 -1.06 -21.35
N ALA D 34 0.95 -0.24 -21.87
CA ALA D 34 0.49 0.95 -21.19
C ALA D 34 -1.01 0.90 -20.96
N TRP D 35 -1.48 1.72 -20.03
CA TRP D 35 -2.90 1.87 -19.73
C TRP D 35 -3.29 3.34 -19.79
N TYR D 36 -4.45 3.62 -20.40
CA TYR D 36 -4.94 4.99 -20.53
C TYR D 36 -6.35 5.09 -19.98
N GLN D 37 -6.71 6.30 -19.55
CA GLN D 37 -8.08 6.65 -19.20
C GLN D 37 -8.55 7.74 -20.15
N GLN D 38 -9.74 7.58 -20.70
CA GLN D 38 -10.33 8.57 -21.59
C GLN D 38 -11.75 8.87 -21.15
N LYS D 39 -12.06 10.14 -21.01
CA LYS D 39 -13.43 10.54 -20.74
C LYS D 39 -14.07 11.10 -22.00
N PRO D 40 -15.38 10.95 -22.16
CA PRO D 40 -16.03 11.38 -23.40
C PRO D 40 -15.73 12.84 -23.73
N GLY D 41 -15.25 13.08 -24.95
CA GLY D 41 -14.91 14.41 -25.39
C GLY D 41 -13.61 14.95 -24.86
N LYS D 42 -12.69 14.07 -24.42
CA LYS D 42 -11.40 14.49 -23.88
C LYS D 42 -10.32 13.59 -24.44
N ALA D 43 -9.09 14.09 -24.41
CA ALA D 43 -7.95 13.29 -24.81
C ALA D 43 -7.66 12.22 -23.75
N PRO D 44 -7.09 11.08 -24.16
CA PRO D 44 -6.72 10.06 -23.18
C PRO D 44 -5.64 10.56 -22.24
N LYS D 45 -5.62 9.98 -21.04
CA LYS D 45 -4.62 10.30 -20.02
C LYS D 45 -3.89 9.02 -19.64
N LEU D 46 -2.56 9.05 -19.73
CA LEU D 46 -1.76 7.84 -19.50
C LEU D 46 -1.70 7.56 -18.00
N LEU D 47 -2.04 6.33 -17.63
CA LEU D 47 -2.09 5.92 -16.23
C LEU D 47 -0.91 5.07 -15.81
N ILE D 48 -0.50 4.11 -16.63
CA ILE D 48 0.49 3.12 -16.23
C ILE D 48 1.34 2.76 -17.45
N TYR D 49 2.64 2.63 -17.22
CA TYR D 49 3.59 2.17 -18.23
C TYR D 49 4.40 1.03 -17.64
N ASP D 50 5.09 0.30 -18.53
CA ASP D 50 5.88 -0.86 -18.14
C ASP D 50 5.03 -1.88 -17.37
N ALA D 51 3.76 -1.97 -17.75
CA ALA D 51 2.79 -2.93 -17.22
C ALA D 51 2.38 -2.66 -15.77
N SER D 52 3.29 -2.11 -14.95
CA SER D 52 3.00 -1.97 -13.53
C SER D 52 3.54 -0.69 -12.90
N SER D 53 4.11 0.23 -13.68
CA SER D 53 4.64 1.47 -13.13
C SER D 53 3.59 2.57 -13.18
N LEU D 54 3.32 3.18 -12.03
CA LEU D 54 2.29 4.20 -11.92
C LEU D 54 2.84 5.54 -12.42
N GLN D 55 2.19 6.08 -13.45
CA GLN D 55 2.60 7.37 -14.01
C GLN D 55 2.50 8.47 -12.96
N SER D 56 3.46 9.40 -13.00
CA SER D 56 3.49 10.51 -12.05
C SER D 56 2.20 11.32 -12.16
N GLY D 57 1.61 11.63 -11.01
CA GLY D 57 0.39 12.40 -10.94
C GLY D 57 -0.89 11.58 -10.98
N VAL D 58 -0.79 10.28 -11.22
CA VAL D 58 -1.95 9.40 -11.25
C VAL D 58 -2.22 8.94 -9.82
N PRO D 59 -3.47 8.95 -9.36
CA PRO D 59 -3.76 8.52 -7.97
C PRO D 59 -3.30 7.09 -7.71
N SER D 60 -2.96 6.82 -6.45
CA SER D 60 -2.38 5.55 -6.07
C SER D 60 -3.41 4.42 -6.01
N ARG D 61 -4.70 4.71 -6.12
CA ARG D 61 -5.70 3.66 -6.23
C ARG D 61 -5.61 2.90 -7.54
N PHE D 62 -4.85 3.41 -8.51
CA PHE D 62 -4.61 2.71 -9.76
C PHE D 62 -3.36 1.85 -9.64
N SER D 63 -3.38 0.69 -10.28
CA SER D 63 -2.23 -0.21 -10.27
C SER D 63 -2.40 -1.23 -11.39
N GLY D 64 -1.28 -1.61 -12.00
CA GLY D 64 -1.28 -2.62 -13.04
C GLY D 64 -0.34 -3.76 -12.72
N SER D 65 -0.51 -4.89 -13.39
CA SER D 65 0.38 -6.03 -13.20
C SER D 65 0.30 -6.93 -14.41
N GLY D 66 1.20 -7.90 -14.46
CA GLY D 66 1.24 -8.87 -15.53
C GLY D 66 2.46 -8.70 -16.42
N SER D 67 2.78 -9.76 -17.15
CA SER D 67 3.87 -9.75 -18.10
C SER D 67 3.63 -10.88 -19.10
N GLY D 68 4.23 -10.73 -20.27
CA GLY D 68 4.06 -11.71 -21.33
C GLY D 68 2.85 -11.46 -22.19
N THR D 69 1.71 -12.07 -21.85
CA THR D 69 0.50 -11.96 -22.65
C THR D 69 -0.75 -11.57 -21.88
N ASP D 70 -0.74 -11.61 -20.55
CA ASP D 70 -1.92 -11.31 -19.74
C ASP D 70 -1.61 -10.17 -18.77
N PHE D 71 -2.42 -9.12 -18.83
CA PHE D 71 -2.22 -7.93 -18.01
C PHE D 71 -3.54 -7.52 -17.39
N THR D 72 -3.46 -6.85 -16.24
CA THR D 72 -4.64 -6.41 -15.51
C THR D 72 -4.46 -4.99 -15.01
N LEU D 73 -5.50 -4.17 -15.17
CA LEU D 73 -5.59 -2.87 -14.52
C LEU D 73 -6.56 -2.98 -13.36
N THR D 74 -6.18 -2.42 -12.21
CA THR D 74 -6.97 -2.54 -11.00
C THR D 74 -7.19 -1.16 -10.38
N ILE D 75 -8.43 -0.87 -10.01
CA ILE D 75 -8.79 0.29 -9.21
C ILE D 75 -9.27 -0.23 -7.88
N SER D 76 -8.52 0.06 -6.80
CA SER D 76 -8.79 -0.57 -5.52
C SER D 76 -10.14 -0.15 -4.97
N SER D 77 -10.42 1.14 -4.99
CA SER D 77 -11.70 1.67 -4.51
C SER D 77 -12.20 2.69 -5.53
N LEU D 78 -13.23 2.31 -6.29
CA LEU D 78 -13.73 3.16 -7.36
C LEU D 78 -14.24 4.49 -6.79
N GLN D 79 -13.89 5.57 -7.47
CA GLN D 79 -14.28 6.92 -7.08
C GLN D 79 -15.21 7.52 -8.11
N PRO D 80 -15.98 8.55 -7.75
CA PRO D 80 -16.95 9.13 -8.70
C PRO D 80 -16.35 9.56 -10.03
N GLU D 81 -15.17 10.16 -10.03
CA GLU D 81 -14.56 10.63 -11.27
C GLU D 81 -13.86 9.53 -12.06
N ASP D 82 -13.97 8.28 -11.62
CA ASP D 82 -13.33 7.17 -12.31
C ASP D 82 -14.21 6.49 -13.35
N PHE D 83 -15.48 6.84 -13.43
CA PHE D 83 -16.35 6.26 -14.45
C PHE D 83 -15.95 6.79 -15.82
N ALA D 84 -15.48 5.90 -16.69
CA ALA D 84 -14.92 6.28 -17.98
C ALA D 84 -14.53 5.04 -18.78
N THR D 85 -13.85 5.24 -19.91
CA THR D 85 -13.34 4.15 -20.72
C THR D 85 -11.83 4.03 -20.52
N TYR D 86 -11.34 2.79 -20.49
CA TYR D 86 -9.94 2.51 -20.25
C TYR D 86 -9.38 1.65 -21.38
N TYR D 87 -8.21 2.03 -21.88
CA TYR D 87 -7.57 1.35 -23.00
C TYR D 87 -6.19 0.85 -22.58
N CYS D 88 -5.82 -0.33 -23.07
CA CYS D 88 -4.45 -0.78 -23.01
C CYS D 88 -3.78 -0.58 -24.37
N GLN D 89 -2.45 -0.50 -24.34
CA GLN D 89 -1.68 -0.26 -25.55
C GLN D 89 -0.31 -0.90 -25.42
N GLN D 90 0.06 -1.69 -26.41
CA GLN D 90 1.39 -2.27 -26.47
C GLN D 90 2.32 -1.35 -27.25
N TYR D 91 3.54 -1.17 -26.72
CA TYR D 91 4.60 -0.49 -27.43
C TYR D 91 5.78 -1.42 -27.65
N TRP D 92 5.50 -2.73 -27.71
CA TRP D 92 6.54 -3.72 -27.95
C TRP D 92 7.11 -3.59 -29.34
N TRP D 93 6.25 -3.53 -30.36
CA TRP D 93 6.69 -3.43 -31.74
C TRP D 93 5.62 -2.73 -32.56
N TYR D 94 6.02 -2.28 -33.75
CA TYR D 94 5.18 -1.50 -34.66
C TYR D 94 4.37 -2.44 -35.56
N PRO D 95 3.12 -2.07 -35.89
CA PRO D 95 2.47 -0.84 -35.43
C PRO D 95 1.95 -0.92 -34.00
N PHE D 96 2.09 0.15 -33.23
CA PHE D 96 1.51 0.19 -31.90
C PHE D 96 0.00 0.03 -32.01
N THR D 97 -0.57 -0.81 -31.15
CA THR D 97 -1.98 -1.16 -31.23
C THR D 97 -2.63 -0.98 -29.86
N PHE D 98 -3.83 -0.41 -29.88
CA PHE D 98 -4.65 -0.23 -28.69
C PHE D 98 -5.65 -1.37 -28.55
N GLY D 99 -6.16 -1.54 -27.35
CA GLY D 99 -7.30 -2.39 -27.14
C GLY D 99 -8.60 -1.68 -27.53
N GLN D 100 -9.66 -2.47 -27.63
CA GLN D 100 -10.95 -1.90 -28.03
C GLN D 100 -11.58 -1.04 -26.95
N GLY D 101 -11.08 -1.11 -25.72
CA GLY D 101 -11.56 -0.29 -24.63
C GLY D 101 -12.47 -1.05 -23.68
N THR D 102 -12.57 -0.53 -22.46
CA THR D 102 -13.44 -1.09 -21.44
C THR D 102 -14.15 0.07 -20.75
N LYS D 103 -15.47 0.14 -20.89
CA LYS D 103 -16.26 1.23 -20.34
C LYS D 103 -16.73 0.85 -18.94
N VAL D 104 -16.40 1.69 -17.96
CA VAL D 104 -16.80 1.48 -16.57
C VAL D 104 -17.99 2.40 -16.31
N GLU D 105 -19.17 1.81 -16.28
CA GLU D 105 -20.43 2.53 -16.07
C GLU D 105 -20.86 2.43 -14.61
N ILE D 106 -21.79 3.30 -14.23
CA ILE D 106 -22.26 3.37 -12.85
C ILE D 106 -23.48 2.47 -12.71
N LYS D 107 -23.47 1.63 -11.68
CA LYS D 107 -24.52 0.64 -11.48
C LYS D 107 -25.73 1.24 -10.79
N ARG D 108 -26.92 0.77 -11.18
CA ARG D 108 -28.17 1.11 -10.53
C ARG D 108 -29.10 -0.08 -10.65
N THR D 109 -30.29 0.05 -10.05
CA THR D 109 -31.27 -1.02 -10.14
C THR D 109 -31.87 -1.08 -11.56
N VAL D 110 -32.40 -2.25 -11.90
CA VAL D 110 -32.97 -2.46 -13.23
C VAL D 110 -34.20 -1.59 -13.41
N ALA D 111 -34.40 -1.09 -14.62
CA ALA D 111 -35.55 -0.25 -14.94
C ALA D 111 -36.03 -0.58 -16.35
N ALA D 112 -37.33 -0.84 -16.48
CA ALA D 112 -37.88 -1.20 -17.77
C ALA D 112 -38.12 0.05 -18.61
N PRO D 113 -37.86 0.00 -19.92
CA PRO D 113 -38.05 1.19 -20.75
C PRO D 113 -39.51 1.50 -20.97
N SER D 114 -39.81 2.80 -21.05
CA SER D 114 -41.09 3.26 -21.56
C SER D 114 -40.99 3.33 -23.08
N VAL D 115 -41.83 2.55 -23.75
CA VAL D 115 -41.71 2.35 -25.20
C VAL D 115 -42.74 3.22 -25.91
N PHE D 116 -42.26 4.02 -26.86
CA PHE D 116 -43.12 4.88 -27.67
C PHE D 116 -42.76 4.69 -29.13
N ILE D 117 -43.77 4.74 -30.00
CA ILE D 117 -43.58 4.59 -31.43
C ILE D 117 -44.23 5.78 -32.12
N PHE D 118 -43.60 6.26 -33.20
CA PHE D 118 -44.04 7.47 -33.87
C PHE D 118 -44.22 7.21 -35.36
N PRO D 119 -45.39 7.44 -35.92
CA PRO D 119 -45.56 7.38 -37.38
C PRO D 119 -44.84 8.54 -38.04
N PRO D 120 -44.55 8.44 -39.34
CA PRO D 120 -43.98 9.59 -40.04
C PRO D 120 -44.98 10.74 -40.11
N SER D 121 -44.45 11.95 -40.07
CA SER D 121 -45.29 13.14 -40.13
C SER D 121 -45.96 13.27 -41.49
N ASP D 122 -47.13 13.93 -41.49
CA ASP D 122 -47.81 14.23 -42.74
C ASP D 122 -46.93 15.08 -43.65
N GLU D 123 -46.14 16.00 -43.08
CA GLU D 123 -45.31 16.85 -43.92
C GLU D 123 -44.18 16.06 -44.58
N GLN D 124 -43.62 15.08 -43.88
CA GLN D 124 -42.53 14.28 -44.43
C GLN D 124 -43.01 13.35 -45.53
N LEU D 125 -44.25 12.86 -45.46
CA LEU D 125 -44.75 11.93 -46.46
C LEU D 125 -44.71 12.54 -47.86
N LYS D 126 -44.90 13.86 -47.97
CA LYS D 126 -44.80 14.52 -49.26
C LYS D 126 -43.42 14.32 -49.88
N SER D 127 -42.38 14.30 -49.05
CA SER D 127 -41.01 14.13 -49.54
C SER D 127 -40.74 12.75 -50.12
N GLY D 128 -41.68 11.81 -49.99
CA GLY D 128 -41.52 10.49 -50.55
C GLY D 128 -40.77 9.49 -49.72
N THR D 129 -40.43 9.83 -48.47
CA THR D 129 -39.83 8.89 -47.54
C THR D 129 -40.64 8.87 -46.25
N ALA D 130 -40.49 7.79 -45.49
CA ALA D 130 -41.22 7.60 -44.24
C ALA D 130 -40.24 7.11 -43.18
N SER D 131 -40.05 7.89 -42.14
CA SER D 131 -39.20 7.54 -41.02
C SER D 131 -40.09 7.20 -39.83
N VAL D 132 -40.05 5.94 -39.41
CA VAL D 132 -40.77 5.47 -38.23
C VAL D 132 -39.77 5.30 -37.09
N VAL D 133 -40.08 5.89 -35.94
CA VAL D 133 -39.14 6.01 -34.84
C VAL D 133 -39.72 5.30 -33.61
N CYS D 134 -38.91 4.48 -32.96
CA CYS D 134 -39.26 3.78 -31.73
C CYS D 134 -38.39 4.32 -30.60
N LEU D 135 -39.02 4.78 -29.53
CA LEU D 135 -38.32 5.43 -28.42
C LEU D 135 -38.37 4.54 -27.18
N LEU D 136 -37.20 4.24 -26.63
CA LEU D 136 -37.05 3.58 -25.33
C LEU D 136 -36.48 4.61 -24.37
N ASN D 137 -37.26 5.00 -23.35
CA ASN D 137 -36.91 6.10 -22.47
C ASN D 137 -36.61 5.59 -21.07
N ASN D 138 -35.43 5.98 -20.55
CA ASN D 138 -35.05 5.78 -19.16
C ASN D 138 -35.12 4.30 -18.76
N PHE D 139 -34.14 3.56 -19.27
CA PHE D 139 -34.04 2.13 -18.99
C PHE D 139 -32.60 1.79 -18.59
N TYR D 140 -32.48 0.63 -17.93
CA TYR D 140 -31.22 0.09 -17.48
C TYR D 140 -31.37 -1.44 -17.40
N PRO D 141 -30.39 -2.21 -17.87
CA PRO D 141 -29.11 -1.76 -18.44
C PRO D 141 -29.20 -1.39 -19.93
N ARG D 142 -28.04 -1.21 -20.56
CA ARG D 142 -28.00 -0.73 -21.94
C ARG D 142 -28.51 -1.77 -22.93
N GLU D 143 -28.32 -3.05 -22.64
CA GLU D 143 -28.66 -4.10 -23.60
C GLU D 143 -30.16 -4.19 -23.84
N ALA D 144 -30.55 -4.14 -25.11
CA ALA D 144 -31.93 -4.29 -25.53
C ALA D 144 -32.02 -4.47 -27.03
N LYS D 145 -32.71 -5.52 -27.49
CA LYS D 145 -32.90 -5.77 -28.91
C LYS D 145 -34.27 -5.25 -29.35
N VAL D 146 -34.28 -4.46 -30.42
CA VAL D 146 -35.50 -3.92 -31.00
C VAL D 146 -35.67 -4.49 -32.39
N GLN D 147 -36.93 -4.76 -32.77
CA GLN D 147 -37.24 -5.41 -34.04
C GLN D 147 -38.50 -4.79 -34.62
N TRP D 148 -38.40 -4.29 -35.85
CA TRP D 148 -39.52 -3.67 -36.53
C TRP D 148 -40.39 -4.70 -37.22
N LYS D 149 -41.69 -4.42 -37.26
CA LYS D 149 -42.66 -5.30 -37.91
C LYS D 149 -43.57 -4.47 -38.81
N VAL D 150 -43.67 -4.86 -40.07
CA VAL D 150 -44.55 -4.22 -41.03
C VAL D 150 -45.49 -5.29 -41.56
N ASP D 151 -46.79 -5.16 -41.24
CA ASP D 151 -47.76 -6.22 -41.46
C ASP D 151 -47.22 -7.57 -40.96
N ASN D 152 -46.61 -7.53 -39.79
CA ASN D 152 -46.03 -8.67 -39.06
C ASN D 152 -44.76 -9.21 -39.70
N ALA D 153 -44.33 -8.70 -40.85
CA ALA D 153 -43.08 -9.12 -41.44
C ALA D 153 -41.91 -8.42 -40.76
N LEU D 154 -41.00 -9.19 -40.16
CA LEU D 154 -39.84 -8.62 -39.48
C LEU D 154 -38.81 -8.18 -40.52
N GLN D 155 -38.47 -6.89 -40.51
CA GLN D 155 -37.54 -6.30 -41.45
C GLN D 155 -36.15 -6.20 -40.83
N SER D 156 -35.14 -6.07 -41.69
CA SER D 156 -33.75 -5.96 -41.26
C SER D 156 -32.96 -5.18 -42.29
N GLY D 157 -31.92 -4.49 -41.81
CA GLY D 157 -31.04 -3.72 -42.67
C GLY D 157 -31.51 -2.33 -43.05
N ASN D 158 -32.75 -1.98 -42.75
CA ASN D 158 -33.31 -0.68 -43.13
C ASN D 158 -33.60 0.19 -41.93
N SER D 159 -32.83 0.03 -40.85
CA SER D 159 -33.01 0.83 -39.64
C SER D 159 -31.66 1.10 -39.01
N GLN D 160 -31.59 2.20 -38.24
CA GLN D 160 -30.39 2.58 -37.51
C GLN D 160 -30.77 3.03 -36.11
N GLU D 161 -29.83 2.88 -35.18
CA GLU D 161 -30.07 3.15 -33.78
C GLU D 161 -29.10 4.20 -33.25
N SER D 162 -29.45 4.79 -32.10
CA SER D 162 -28.62 5.79 -31.46
C SER D 162 -28.91 5.76 -29.96
N VAL D 163 -27.87 5.78 -29.14
CA VAL D 163 -27.98 5.66 -27.70
C VAL D 163 -27.32 6.86 -27.04
N THR D 164 -27.97 7.41 -26.03
CA THR D 164 -27.38 8.45 -25.22
C THR D 164 -26.41 7.86 -24.19
N GLU D 165 -25.61 8.72 -23.59
CA GLU D 165 -24.80 8.31 -22.44
C GLU D 165 -25.67 8.19 -21.20
N GLN D 166 -25.08 7.69 -20.12
CA GLN D 166 -25.81 7.54 -18.87
C GLN D 166 -26.27 8.89 -18.37
N ASP D 167 -27.54 8.97 -17.98
CA ASP D 167 -28.08 10.21 -17.46
C ASP D 167 -27.37 10.60 -16.16
N SER D 168 -27.10 11.90 -16.03
CA SER D 168 -26.35 12.38 -14.87
C SER D 168 -27.15 12.24 -13.58
N LYS D 169 -28.48 12.24 -13.66
CA LYS D 169 -29.32 12.28 -12.47
C LYS D 169 -29.77 10.89 -12.01
N ASP D 170 -30.21 10.03 -12.92
CA ASP D 170 -30.70 8.71 -12.54
C ASP D 170 -29.95 7.55 -13.18
N SER D 171 -28.88 7.83 -13.94
CA SER D 171 -27.98 6.81 -14.48
C SER D 171 -28.67 5.89 -15.50
N THR D 172 -29.78 6.32 -16.09
CA THR D 172 -30.47 5.50 -17.07
C THR D 172 -29.96 5.80 -18.48
N TYR D 173 -30.39 4.96 -19.43
CA TYR D 173 -30.09 5.11 -20.85
C TYR D 173 -31.36 5.45 -21.61
N SER D 174 -31.16 5.95 -22.84
CA SER D 174 -32.25 6.16 -23.77
C SER D 174 -31.83 5.67 -25.15
N LEU D 175 -32.79 5.16 -25.91
CA LEU D 175 -32.52 4.54 -27.20
C LEU D 175 -33.59 4.95 -28.20
N SER D 176 -33.17 5.13 -29.45
CA SER D 176 -34.09 5.43 -30.55
C SER D 176 -33.68 4.60 -31.77
N SER D 177 -34.65 3.97 -32.42
CA SER D 177 -34.42 3.21 -33.63
C SER D 177 -35.34 3.74 -34.72
N THR D 178 -34.77 4.13 -35.85
CA THR D 178 -35.50 4.76 -36.93
C THR D 178 -35.60 3.80 -38.12
N LEU D 179 -36.83 3.41 -38.46
CA LEU D 179 -37.08 2.59 -39.64
C LEU D 179 -37.39 3.52 -40.82
N THR D 180 -36.63 3.38 -41.90
CA THR D 180 -36.75 4.23 -43.07
C THR D 180 -37.39 3.45 -44.21
N LEU D 181 -38.49 3.98 -44.75
CA LEU D 181 -39.18 3.38 -45.88
C LEU D 181 -39.47 4.46 -46.91
N SER D 182 -39.77 4.02 -48.13
CA SER D 182 -40.29 4.93 -49.14
C SER D 182 -41.79 5.16 -48.90
N LYS D 183 -42.29 6.29 -49.39
CA LYS D 183 -43.72 6.57 -49.28
C LYS D 183 -44.54 5.49 -49.98
N ALA D 184 -44.03 4.98 -51.11
CA ALA D 184 -44.76 3.95 -51.84
C ALA D 184 -44.88 2.68 -51.01
N ASP D 185 -43.78 2.26 -50.37
CA ASP D 185 -43.83 1.11 -49.47
C ASP D 185 -44.65 1.41 -48.22
N TYR D 186 -44.52 2.62 -47.69
CA TYR D 186 -45.26 2.97 -46.47
C TYR D 186 -46.77 2.93 -46.71
N GLU D 187 -47.23 3.46 -47.83
CA GLU D 187 -48.66 3.43 -48.16
C GLU D 187 -49.13 2.04 -48.57
N LYS D 188 -48.21 1.13 -48.83
CA LYS D 188 -48.56 -0.23 -49.21
C LYS D 188 -48.97 -1.10 -48.01
N HIS D 189 -48.66 -0.67 -46.80
CA HIS D 189 -48.86 -1.48 -45.61
C HIS D 189 -49.65 -0.70 -44.57
N LYS D 190 -50.21 -1.45 -43.61
CA LYS D 190 -51.10 -0.91 -42.59
C LYS D 190 -50.53 -0.91 -41.18
N VAL D 191 -50.01 -2.06 -40.72
CA VAL D 191 -49.64 -2.25 -39.32
C VAL D 191 -48.13 -2.16 -39.17
N TYR D 192 -47.68 -1.28 -38.28
CA TYR D 192 -46.27 -1.10 -37.96
C TYR D 192 -46.07 -1.33 -36.47
N ALA D 193 -45.13 -2.21 -36.13
CA ALA D 193 -44.92 -2.64 -34.74
C ALA D 193 -43.45 -2.60 -34.38
N CYS D 194 -43.18 -2.23 -33.12
CA CYS D 194 -41.83 -2.20 -32.56
C CYS D 194 -41.80 -3.14 -31.36
N GLU D 195 -40.95 -4.16 -31.43
CA GLU D 195 -40.85 -5.18 -30.39
C GLU D 195 -39.51 -5.04 -29.69
N VAL D 196 -39.55 -4.78 -28.37
CA VAL D 196 -38.27 -4.55 -27.62
C VAL D 196 -38.02 -5.76 -26.71
N THR D 197 -36.80 -6.29 -26.74
CA THR D 197 -36.47 -7.48 -25.92
C THR D 197 -35.29 -7.14 -24.99
N GLN D 198 -35.41 -7.48 -23.71
CA GLN D 198 -34.29 -7.26 -22.75
C GLN D 198 -34.34 -8.35 -21.67
N THR D 201 -37.11 -8.37 -20.52
CA THR D 201 -38.45 -8.87 -20.91
C THR D 201 -38.78 -8.43 -22.34
N SER D 202 -39.93 -8.87 -22.85
CA SER D 202 -40.35 -8.50 -24.23
C SER D 202 -41.65 -7.67 -24.19
N VAL D 203 -41.65 -6.51 -24.83
CA VAL D 203 -42.87 -5.65 -24.88
C VAL D 203 -43.03 -5.15 -26.32
N THR D 204 -44.27 -4.89 -26.75
CA THR D 204 -44.48 -4.51 -28.14
C THR D 204 -45.48 -3.37 -28.23
N LYS D 205 -45.10 -2.29 -28.91
CA LYS D 205 -45.95 -1.15 -29.16
C LYS D 205 -46.07 -0.95 -30.67
N SER D 206 -47.30 -0.67 -31.14
CA SER D 206 -47.58 -0.63 -32.57
C SER D 206 -48.58 0.47 -32.87
N PHE D 207 -48.74 0.76 -34.18
CA PHE D 207 -49.75 1.70 -34.64
C PHE D 207 -50.25 1.25 -36.01
N ASN D 208 -51.35 1.85 -36.43
CA ASN D 208 -51.96 1.57 -37.73
C ASN D 208 -51.88 2.82 -38.60
N ARG D 209 -51.44 2.64 -39.85
CA ARG D 209 -51.26 3.76 -40.78
C ARG D 209 -52.55 4.56 -40.94
N GLY D 210 -52.42 5.88 -40.88
CA GLY D 210 -53.54 6.79 -40.92
C GLY D 210 -53.79 7.40 -39.55
N GLU D 211 -54.48 6.67 -38.68
CA GLU D 211 -54.72 7.17 -37.32
C GLU D 211 -54.77 6.02 -36.32
N GLN E 1 7.09 -6.61 12.30
CA GLN E 1 6.35 -7.53 13.15
C GLN E 1 6.55 -7.21 14.63
N VAL E 2 5.46 -7.32 15.40
CA VAL E 2 5.53 -7.11 16.85
C VAL E 2 6.33 -8.24 17.48
N GLN E 3 7.27 -7.88 18.35
CA GLN E 3 8.09 -8.86 19.04
C GLN E 3 8.28 -8.46 20.49
N LEU E 4 8.29 -9.45 21.37
CA LEU E 4 8.60 -9.28 22.78
C LEU E 4 9.61 -10.34 23.18
N VAL E 5 10.77 -9.91 23.66
CA VAL E 5 11.87 -10.82 24.00
C VAL E 5 12.22 -10.62 25.47
N GLU E 6 12.06 -11.68 26.26
CA GLU E 6 12.39 -11.62 27.67
C GLU E 6 13.84 -12.05 27.90
N SER E 7 14.42 -11.55 28.98
CA SER E 7 15.76 -11.96 29.38
C SER E 7 15.91 -11.67 30.87
N GLY E 8 17.02 -12.15 31.43
CA GLY E 8 17.28 -12.00 32.86
C GLY E 8 16.94 -13.22 33.69
N GLY E 9 16.30 -14.24 33.10
CA GLY E 9 15.96 -15.43 33.83
C GLY E 9 17.18 -16.24 34.22
N GLY E 10 16.97 -17.21 35.07
CA GLY E 10 18.03 -18.08 35.53
C GLY E 10 17.73 -18.59 36.93
N VAL E 11 18.79 -18.94 37.63
CA VAL E 11 18.72 -19.50 38.97
C VAL E 11 18.96 -18.39 39.99
N VAL E 12 18.17 -18.40 41.05
CA VAL E 12 18.29 -17.43 42.14
C VAL E 12 17.95 -18.15 43.45
N GLN E 13 18.72 -17.85 44.49
CA GLN E 13 18.52 -18.52 45.76
C GLN E 13 17.33 -17.90 46.49
N PRO E 14 16.66 -18.68 47.34
CA PRO E 14 15.52 -18.15 48.10
C PRO E 14 15.93 -16.94 48.94
N GLY E 15 15.03 -15.96 49.00
CA GLY E 15 15.30 -14.73 49.71
C GLY E 15 16.10 -13.71 48.93
N ARG E 16 16.72 -14.09 47.81
CA ARG E 16 17.51 -13.17 47.02
C ARG E 16 16.60 -12.44 46.02
N SER E 17 17.23 -11.71 45.10
CA SER E 17 16.49 -10.86 44.15
C SER E 17 16.92 -11.19 42.73
N LEU E 18 16.03 -10.87 41.79
CA LEU E 18 16.27 -11.08 40.37
C LEU E 18 15.44 -10.06 39.59
N ARG E 19 16.00 -9.61 38.47
CA ARG E 19 15.40 -8.56 37.65
C ARG E 19 15.21 -9.07 36.23
N LEU E 20 13.97 -9.12 35.78
CA LEU E 20 13.65 -9.54 34.43
C LEU E 20 13.49 -8.34 33.51
N SER E 21 13.79 -8.55 32.23
CA SER E 21 13.69 -7.49 31.24
C SER E 21 12.96 -8.00 30.01
N CYS E 22 12.22 -7.08 29.37
CA CYS E 22 11.50 -7.36 28.14
C CYS E 22 11.84 -6.29 27.12
N ALA E 23 12.31 -6.70 25.95
CA ALA E 23 12.68 -5.79 24.88
C ALA E 23 11.58 -5.82 23.83
N ALA E 24 10.90 -4.69 23.65
CA ALA E 24 9.79 -4.58 22.73
C ALA E 24 10.24 -3.95 21.42
N SER E 25 9.70 -4.46 20.31
CA SER E 25 9.98 -3.91 18.99
C SER E 25 8.79 -4.19 18.08
N GLY E 26 8.69 -3.41 17.01
CA GLY E 26 7.64 -3.57 16.03
C GLY E 26 6.40 -2.75 16.28
N PHE E 27 6.39 -1.89 17.30
CA PHE E 27 5.25 -1.04 17.57
C PHE E 27 5.69 0.11 18.46
N THR E 28 4.78 1.05 18.69
CA THR E 28 5.05 2.22 19.53
C THR E 28 4.87 1.80 20.99
N PHE E 29 5.99 1.51 21.65
CA PHE E 29 5.96 1.00 23.02
C PHE E 29 5.26 1.96 23.97
N THR E 30 5.35 3.26 23.72
CA THR E 30 4.83 4.26 24.66
C THR E 30 3.31 4.34 24.68
N SER E 31 2.61 3.63 23.79
CA SER E 31 1.17 3.77 23.66
C SER E 31 0.38 2.59 24.22
N TYR E 32 1.05 1.59 24.81
CA TYR E 32 0.37 0.38 25.26
C TYR E 32 0.75 0.06 26.69
N GLY E 33 -0.22 -0.45 27.45
CA GLY E 33 0.10 -1.05 28.73
C GLY E 33 0.76 -2.40 28.57
N MET E 34 1.53 -2.78 29.60
CA MET E 34 2.29 -4.02 29.57
C MET E 34 2.08 -4.78 30.86
N SER E 35 2.18 -6.10 30.78
CA SER E 35 1.96 -6.96 31.93
C SER E 35 2.96 -8.12 31.91
N TRP E 36 3.14 -8.72 33.08
CA TRP E 36 3.89 -9.96 33.23
C TRP E 36 2.92 -11.07 33.63
N VAL E 37 3.03 -12.22 32.99
CA VAL E 37 2.24 -13.40 33.32
C VAL E 37 3.20 -14.57 33.48
N ARG E 38 3.04 -15.34 34.56
CA ARG E 38 3.91 -16.47 34.82
C ARG E 38 3.10 -17.77 34.83
N GLN E 39 3.80 -18.88 34.61
CA GLN E 39 3.19 -20.21 34.59
C GLN E 39 4.14 -21.19 35.24
N ALA E 40 3.79 -21.66 36.43
CA ALA E 40 4.57 -22.67 37.10
C ALA E 40 4.56 -23.97 36.28
N PRO E 41 5.59 -24.80 36.42
CA PRO E 41 5.63 -26.07 35.66
C PRO E 41 4.39 -26.91 35.90
N GLY E 42 3.71 -27.27 34.81
CA GLY E 42 2.52 -28.09 34.88
C GLY E 42 1.31 -27.43 35.51
N LYS E 43 1.31 -26.12 35.65
CA LYS E 43 0.22 -25.39 36.25
C LYS E 43 -0.37 -24.40 35.24
N GLY E 44 -1.35 -23.61 35.69
CA GLY E 44 -2.03 -22.67 34.83
C GLY E 44 -1.38 -21.30 34.85
N LEU E 45 -1.97 -20.38 34.09
CA LEU E 45 -1.44 -19.03 33.98
C LEU E 45 -1.80 -18.21 35.21
N GLU E 46 -0.88 -17.34 35.62
CA GLU E 46 -1.10 -16.47 36.77
C GLU E 46 -0.61 -15.08 36.40
N TRP E 47 -1.53 -14.12 36.37
CA TRP E 47 -1.18 -12.74 36.09
C TRP E 47 -0.37 -12.16 37.25
N VAL E 48 0.77 -11.56 36.94
CA VAL E 48 1.70 -11.11 37.98
C VAL E 48 1.50 -9.62 38.25
N ALA E 49 1.68 -8.80 37.23
CA ALA E 49 1.64 -7.35 37.40
C ALA E 49 1.37 -6.69 36.06
N GLY E 50 0.86 -5.47 36.13
CA GLY E 50 0.59 -4.69 34.93
C GLY E 50 0.90 -3.23 35.16
N ILE E 51 1.20 -2.53 34.07
CA ILE E 51 1.59 -1.12 34.12
C ILE E 51 0.98 -0.39 32.94
N SER E 52 0.52 0.83 33.18
CA SER E 52 -0.10 1.63 32.12
C SER E 52 0.96 2.15 31.16
N TYR E 53 0.52 2.91 30.15
CA TYR E 53 1.43 3.35 29.09
C TYR E 53 2.41 4.41 29.60
N ASP E 54 1.97 5.29 30.49
CA ASP E 54 2.80 6.36 31.02
C ASP E 54 3.39 6.03 32.38
N ALA E 55 3.28 4.78 32.82
CA ALA E 55 3.82 4.26 34.08
C ALA E 55 3.16 4.87 35.32
N SER E 56 2.03 5.55 35.16
CA SER E 56 1.35 6.13 36.32
C SER E 56 0.56 5.08 37.10
N ASP E 57 0.08 4.04 36.43
CA ASP E 57 -0.71 2.99 37.06
C ASP E 57 0.11 1.71 37.15
N THR E 58 0.16 1.11 38.34
CA THR E 58 0.77 -0.19 38.55
C THR E 58 -0.16 -1.04 39.40
N GLU E 59 -0.29 -2.32 39.04
CA GLU E 59 -1.14 -3.26 39.76
C GLU E 59 -0.39 -4.57 39.92
N TYR E 60 -0.69 -5.27 41.02
CA TYR E 60 0.03 -6.49 41.35
C TYR E 60 -0.93 -7.56 41.84
N ALA E 61 -0.59 -8.81 41.57
CA ALA E 61 -1.31 -9.92 42.16
C ALA E 61 -1.04 -9.99 43.66
N ASP E 62 -1.93 -10.69 44.38
CA ASP E 62 -1.83 -10.75 45.83
C ASP E 62 -0.54 -11.43 46.28
N SER E 63 -0.15 -12.51 45.60
CA SER E 63 1.00 -13.30 46.03
C SER E 63 2.33 -12.55 45.83
N VAL E 64 2.36 -11.51 45.01
CA VAL E 64 3.59 -10.78 44.74
C VAL E 64 3.55 -9.35 45.26
N LYS E 65 2.42 -8.90 45.82
CA LYS E 65 2.32 -7.54 46.31
C LYS E 65 3.35 -7.28 47.41
N GLY E 66 4.06 -6.15 47.29
CA GLY E 66 5.09 -5.78 48.23
C GLY E 66 6.44 -6.42 47.98
N ARG E 67 6.50 -7.49 47.18
CA ARG E 67 7.76 -8.14 46.85
C ARG E 67 8.24 -7.85 45.44
N PHE E 68 7.33 -7.60 44.51
CA PHE E 68 7.66 -7.35 43.11
C PHE E 68 7.42 -5.88 42.78
N THR E 69 8.17 -5.39 41.79
CA THR E 69 8.01 -4.02 41.30
C THR E 69 8.11 -4.04 39.79
N ILE E 70 7.04 -3.61 39.11
CA ILE E 70 7.04 -3.49 37.66
C ILE E 70 7.36 -2.05 37.27
N SER E 71 8.15 -1.88 36.22
CA SER E 71 8.54 -0.56 35.75
C SER E 71 8.83 -0.63 34.26
N ARG E 72 8.87 0.54 33.63
CA ARG E 72 9.10 0.65 32.20
C ARG E 72 10.05 1.80 31.93
N ASP E 73 10.80 1.69 30.83
CA ASP E 73 11.71 2.72 30.35
C ASP E 73 11.32 2.98 28.90
N ASN E 74 10.43 3.95 28.70
CA ASN E 74 9.83 4.19 27.39
C ASN E 74 10.85 4.71 26.38
N SER E 75 11.96 5.29 26.84
CA SER E 75 12.98 5.74 25.89
C SER E 75 13.74 4.56 25.30
N LYS E 76 13.79 3.44 26.01
CA LYS E 76 14.52 2.25 25.57
C LYS E 76 13.60 1.09 25.19
N ASN E 77 12.28 1.30 25.19
CA ASN E 77 11.31 0.26 24.83
C ASN E 77 11.54 -1.01 25.65
N THR E 78 11.70 -0.85 26.96
CA THR E 78 12.03 -1.96 27.84
C THR E 78 11.02 -2.02 28.98
N LEU E 79 10.54 -3.23 29.27
CA LEU E 79 9.71 -3.49 30.43
C LEU E 79 10.52 -4.26 31.47
N TYR E 80 10.34 -3.92 32.73
CA TYR E 80 11.12 -4.51 33.81
C TYR E 80 10.20 -5.13 34.85
N LEU E 81 10.71 -6.18 35.51
CA LEU E 81 10.08 -6.76 36.68
C LEU E 81 11.15 -7.01 37.73
N GLN E 82 11.10 -6.26 38.83
CA GLN E 82 12.04 -6.41 39.93
C GLN E 82 11.44 -7.36 40.96
N MET E 83 12.06 -8.51 41.14
CA MET E 83 11.58 -9.55 42.05
C MET E 83 12.47 -9.60 43.28
N ASN E 84 11.88 -9.43 44.46
CA ASN E 84 12.61 -9.48 45.71
C ASN E 84 11.99 -10.51 46.65
N SER E 85 12.81 -11.03 47.56
CA SER E 85 12.40 -12.03 48.54
C SER E 85 11.76 -13.22 47.85
N LEU E 86 12.44 -13.71 46.82
CA LEU E 86 11.90 -14.80 46.01
C LEU E 86 11.76 -16.08 46.84
N ARG E 87 10.62 -16.74 46.68
CA ARG E 87 10.35 -18.03 47.29
C ARG E 87 10.31 -19.11 46.22
N ALA E 88 10.26 -20.36 46.67
CA ALA E 88 10.22 -21.48 45.74
C ALA E 88 8.97 -21.44 44.87
N GLU E 89 7.87 -20.91 45.40
CA GLU E 89 6.62 -20.82 44.65
C GLU E 89 6.73 -19.87 43.46
N ASP E 90 7.71 -18.97 43.46
CA ASP E 90 7.91 -18.06 42.34
C ASP E 90 8.60 -18.72 41.15
N THR E 91 8.96 -20.00 41.26
CA THR E 91 9.55 -20.73 40.15
C THR E 91 8.52 -20.91 39.04
N ALA E 92 8.78 -20.30 37.88
CA ALA E 92 7.82 -20.34 36.78
C ALA E 92 8.50 -19.81 35.52
N VAL E 93 7.82 -19.99 34.40
CA VAL E 93 8.17 -19.31 33.16
C VAL E 93 7.44 -17.98 33.14
N TYR E 94 8.19 -16.89 32.97
CA TYR E 94 7.64 -15.54 33.03
C TYR E 94 7.50 -14.98 31.62
N TYR E 95 6.27 -14.65 31.24
CA TYR E 95 5.96 -14.15 29.91
C TYR E 95 5.79 -12.63 29.94
N CYS E 96 6.15 -12.00 28.83
CA CYS E 96 5.94 -10.58 28.60
C CYS E 96 4.72 -10.44 27.68
N ALA E 97 3.75 -9.61 28.09
CA ALA E 97 2.48 -9.52 27.39
C ALA E 97 2.07 -8.08 27.21
N ARG E 98 1.53 -7.75 26.03
CA ARG E 98 1.08 -6.40 25.71
C ARG E 98 -0.43 -6.29 25.83
N SER E 99 -0.89 -5.20 26.41
CA SER E 99 -2.27 -4.74 26.52
C SER E 99 -2.58 -3.77 25.39
N PRO E 100 -3.81 -3.79 24.84
CA PRO E 100 -4.09 -3.02 23.62
C PRO E 100 -4.38 -1.53 23.85
N ASP E 101 -4.48 -1.06 25.09
CA ASP E 101 -4.89 0.31 25.36
C ASP E 101 -3.85 1.02 26.23
N TYR E 102 -4.07 2.33 26.42
CA TYR E 102 -3.24 3.11 27.33
C TYR E 102 -3.22 2.48 28.73
N ILE E 103 -4.38 2.09 29.23
CA ILE E 103 -4.52 1.65 30.61
C ILE E 103 -4.45 0.13 30.66
N ILE E 104 -4.36 -0.41 31.86
CA ILE E 104 -4.36 -1.85 32.09
C ILE E 104 -5.79 -2.35 31.90
N ASP E 105 -6.05 -3.02 30.78
CA ASP E 105 -7.42 -3.35 30.41
C ASP E 105 -7.41 -4.35 29.28
N TYR E 106 -8.54 -5.03 29.10
CA TYR E 106 -8.75 -6.00 28.03
C TYR E 106 -7.77 -7.17 28.09
N GLY E 107 -7.73 -7.97 27.02
CA GLY E 107 -6.88 -9.14 26.98
C GLY E 107 -5.49 -8.82 26.48
N PHE E 108 -4.66 -9.87 26.43
CA PHE E 108 -3.27 -9.76 25.97
C PHE E 108 -3.19 -10.26 24.54
N ASP E 109 -2.94 -9.34 23.60
CA ASP E 109 -2.91 -9.67 22.18
C ASP E 109 -1.52 -10.06 21.68
N TYR E 110 -0.48 -9.85 22.48
CA TYR E 110 0.88 -10.14 22.06
C TYR E 110 1.68 -10.63 23.26
N TRP E 111 2.41 -11.72 23.07
CA TRP E 111 3.16 -12.36 24.14
C TRP E 111 4.61 -12.52 23.71
N GLY E 112 5.47 -12.69 24.70
CA GLY E 112 6.86 -13.01 24.47
C GLY E 112 7.07 -14.52 24.43
N ARG E 113 8.35 -14.90 24.38
CA ARG E 113 8.69 -16.31 24.29
C ARG E 113 8.68 -16.97 25.68
N GLY E 114 8.95 -16.19 26.71
CA GLY E 114 9.04 -16.59 28.10
C GLY E 114 10.47 -16.91 28.52
N THR E 115 10.74 -16.72 29.80
CA THR E 115 12.02 -17.07 30.39
C THR E 115 11.81 -17.83 31.69
N LEU E 116 12.61 -18.87 31.89
CA LEU E 116 12.51 -19.70 33.09
C LEU E 116 13.24 -19.05 34.26
N VAL E 117 12.57 -19.00 35.40
CA VAL E 117 13.13 -18.49 36.65
C VAL E 117 12.98 -19.60 37.68
N THR E 118 14.10 -20.14 38.14
CA THR E 118 14.11 -21.21 39.14
C THR E 118 14.63 -20.66 40.47
N VAL E 119 13.79 -20.71 41.50
CA VAL E 119 14.17 -20.26 42.83
C VAL E 119 14.47 -21.50 43.66
N SER E 120 15.73 -21.70 44.00
CA SER E 120 16.19 -22.89 44.69
C SER E 120 17.61 -22.66 45.19
N SER E 121 17.93 -23.26 46.34
CA SER E 121 19.27 -23.15 46.88
C SER E 121 20.21 -24.22 46.33
N ALA E 122 19.74 -25.01 45.36
CA ALA E 122 20.60 -25.98 44.71
C ALA E 122 21.61 -25.28 43.79
N SER E 123 22.69 -25.98 43.49
CA SER E 123 23.73 -25.44 42.62
C SER E 123 23.68 -26.13 41.26
N THR E 124 24.07 -25.38 40.23
CA THR E 124 24.03 -25.88 38.86
C THR E 124 24.93 -27.09 38.72
N LYS E 125 24.39 -28.15 38.11
CA LYS E 125 25.07 -29.42 38.04
C LYS E 125 24.59 -30.20 36.83
N GLY E 126 25.53 -30.74 36.05
CA GLY E 126 25.22 -31.57 34.92
C GLY E 126 24.69 -32.92 35.37
N PRO E 127 23.99 -33.61 34.49
CA PRO E 127 23.31 -34.85 34.88
C PRO E 127 24.19 -36.09 34.78
N SER E 128 23.86 -37.07 35.62
CA SER E 128 24.37 -38.43 35.45
C SER E 128 23.38 -39.20 34.57
N VAL E 129 23.91 -39.93 33.59
CA VAL E 129 23.09 -40.63 32.61
C VAL E 129 23.34 -42.13 32.78
N PHE E 130 22.28 -42.85 33.16
CA PHE E 130 22.40 -44.29 33.38
C PHE E 130 21.58 -45.05 32.37
N PRO E 131 22.04 -46.22 31.93
CA PRO E 131 21.30 -46.97 30.92
C PRO E 131 20.11 -47.70 31.53
N LEU E 132 19.02 -47.70 30.77
CA LEU E 132 17.89 -48.60 31.04
C LEU E 132 18.04 -49.70 30.00
N ALA E 133 18.74 -50.76 30.38
CA ALA E 133 19.16 -51.73 29.38
C ALA E 133 18.06 -52.75 29.06
N PRO E 134 17.99 -53.19 27.81
CA PRO E 134 17.17 -54.34 27.43
C PRO E 134 17.94 -55.63 27.64
N SER E 135 17.22 -56.70 27.97
CA SER E 135 17.91 -57.97 28.11
C SER E 135 18.30 -58.50 26.75
N SER E 136 19.39 -59.27 26.70
CA SER E 136 19.81 -59.87 25.44
C SER E 136 18.91 -61.02 25.02
N LYS E 137 18.00 -61.45 25.88
CA LYS E 137 17.07 -62.53 25.60
C LYS E 137 15.67 -61.92 25.69
N SER E 138 15.02 -61.76 24.54
CA SER E 138 13.76 -61.03 24.50
C SER E 138 12.72 -61.69 25.38
N THR E 139 12.06 -60.89 26.21
CA THR E 139 10.98 -61.36 27.05
C THR E 139 9.66 -60.65 26.77
N SER E 140 9.61 -59.79 25.76
CA SER E 140 8.42 -59.05 25.38
C SER E 140 8.04 -59.32 23.94
N GLY E 141 8.24 -60.55 23.49
CA GLY E 141 7.95 -60.90 22.10
C GLY E 141 8.97 -60.27 21.17
N GLY E 142 8.48 -59.67 20.09
CA GLY E 142 9.33 -59.08 19.10
C GLY E 142 9.70 -57.63 19.31
N THR E 143 9.22 -57.03 20.40
CA THR E 143 9.45 -55.62 20.70
C THR E 143 10.25 -55.49 21.98
N ALA E 144 11.28 -54.65 21.95
CA ALA E 144 12.15 -54.43 23.09
C ALA E 144 12.23 -52.95 23.39
N ALA E 145 12.28 -52.61 24.67
CA ALA E 145 12.39 -51.23 25.12
C ALA E 145 13.75 -50.99 25.75
N LEU E 146 14.26 -49.78 25.59
CA LEU E 146 15.50 -49.36 26.20
C LEU E 146 15.46 -47.86 26.36
N GLY E 147 16.38 -47.33 27.15
CA GLY E 147 16.36 -45.90 27.39
C GLY E 147 17.51 -45.43 28.25
N CYS E 148 17.37 -44.19 28.71
CA CYS E 148 18.39 -43.49 29.46
C CYS E 148 17.75 -42.81 30.65
N LEU E 149 18.36 -42.97 31.82
CA LEU E 149 17.91 -42.30 33.03
C LEU E 149 18.79 -41.07 33.24
N VAL E 150 18.20 -39.89 33.12
CA VAL E 150 18.91 -38.63 33.25
C VAL E 150 18.64 -38.11 34.65
N LYS E 151 19.58 -38.31 35.57
CA LYS E 151 19.34 -38.12 36.99
C LYS E 151 20.24 -37.03 37.56
N ASP E 152 19.65 -36.22 38.45
CA ASP E 152 20.37 -35.29 39.30
C ASP E 152 21.04 -34.18 38.53
N TYR E 153 20.26 -33.38 37.82
CA TYR E 153 20.74 -32.17 37.18
C TYR E 153 19.97 -30.97 37.73
N PHE E 154 20.55 -29.79 37.52
CA PHE E 154 19.92 -28.55 37.95
C PHE E 154 20.54 -27.39 37.20
N PRO E 155 19.75 -26.43 36.69
CA PRO E 155 18.29 -26.50 36.68
C PRO E 155 17.74 -27.10 35.39
N GLU E 156 16.45 -26.90 35.16
CA GLU E 156 15.85 -27.25 33.88
C GLU E 156 16.35 -26.32 32.78
N PRO E 157 16.37 -26.77 31.51
CA PRO E 157 16.02 -28.13 31.12
C PRO E 157 17.18 -28.91 30.53
N VAL E 158 16.94 -30.19 30.27
CA VAL E 158 17.80 -31.01 29.42
C VAL E 158 17.02 -31.36 28.16
N THR E 159 17.76 -31.59 27.08
CA THR E 159 17.21 -32.10 25.84
C THR E 159 17.82 -33.46 25.57
N VAL E 160 16.99 -34.40 25.09
CA VAL E 160 17.44 -35.76 24.80
C VAL E 160 17.10 -36.08 23.36
N SER E 161 18.07 -36.64 22.65
CA SER E 161 17.88 -37.17 21.31
C SER E 161 18.50 -38.56 21.26
N TRP E 162 18.20 -39.29 20.19
CA TRP E 162 18.71 -40.64 20.03
C TRP E 162 19.42 -40.77 18.69
N ASN E 163 20.65 -41.28 18.73
CA ASN E 163 21.48 -41.46 17.54
C ASN E 163 21.60 -40.16 16.76
N SER E 164 21.86 -39.07 17.48
CA SER E 164 22.07 -37.75 16.89
C SER E 164 20.83 -37.31 16.10
N GLY E 165 19.66 -37.66 16.60
CA GLY E 165 18.40 -37.32 15.96
C GLY E 165 17.95 -38.27 14.87
N ALA E 166 18.79 -39.24 14.50
CA ALA E 166 18.41 -40.20 13.47
C ALA E 166 17.33 -41.16 13.93
N LEU E 167 17.09 -41.27 15.23
CA LEU E 167 16.10 -42.19 15.79
C LEU E 167 15.02 -41.38 16.50
N THR E 168 13.83 -41.31 15.90
CA THR E 168 12.71 -40.61 16.50
C THR E 168 11.45 -41.45 16.61
N SER E 169 11.31 -42.52 15.84
CA SER E 169 10.11 -43.35 15.93
C SER E 169 10.13 -44.18 17.21
N GLY E 170 9.07 -44.08 17.99
CA GLY E 170 8.97 -44.81 19.24
C GLY E 170 9.66 -44.17 20.41
N VAL E 171 10.14 -42.94 20.29
CA VAL E 171 10.87 -42.25 21.35
C VAL E 171 9.87 -41.57 22.28
N HIS E 172 10.03 -41.79 23.58
CA HIS E 172 9.23 -41.13 24.60
C HIS E 172 10.17 -40.49 25.62
N THR E 173 10.18 -39.17 25.69
CA THR E 173 10.96 -38.44 26.68
C THR E 173 10.01 -37.82 27.69
N PHE E 174 10.11 -38.24 28.94
CA PHE E 174 9.15 -37.85 29.94
C PHE E 174 9.50 -36.49 30.54
N PRO E 175 8.50 -35.75 31.02
CA PRO E 175 8.80 -34.50 31.72
C PRO E 175 9.56 -34.78 33.01
N ALA E 176 10.39 -33.82 33.40
CA ALA E 176 11.23 -33.96 34.57
C ALA E 176 10.39 -33.96 35.86
N VAL E 177 10.93 -34.58 36.89
CA VAL E 177 10.36 -34.53 38.23
C VAL E 177 11.37 -33.88 39.15
N LEU E 178 10.88 -33.08 40.10
CA LEU E 178 11.73 -32.47 41.12
C LEU E 178 11.83 -33.42 42.31
N GLN E 179 13.01 -33.97 42.53
CA GLN E 179 13.21 -34.92 43.62
C GLN E 179 13.32 -34.16 44.95
N SER E 180 13.26 -34.93 46.04
CA SER E 180 13.35 -34.33 47.37
C SER E 180 14.71 -33.70 47.64
N SER E 181 15.73 -34.08 46.88
CA SER E 181 17.06 -33.51 47.05
C SER E 181 17.21 -32.13 46.42
N GLY E 182 16.22 -31.69 45.66
CA GLY E 182 16.30 -30.43 44.95
C GLY E 182 16.79 -30.54 43.52
N LEU E 183 17.20 -31.73 43.09
CA LEU E 183 17.67 -31.96 41.74
C LEU E 183 16.57 -32.60 40.91
N TYR E 184 16.67 -32.41 39.60
CA TYR E 184 15.69 -32.91 38.65
C TYR E 184 16.10 -34.26 38.07
N SER E 185 15.12 -34.97 37.52
CA SER E 185 15.40 -36.26 36.89
C SER E 185 14.31 -36.56 35.88
N LEU E 186 14.69 -37.26 34.82
CA LEU E 186 13.74 -37.73 33.83
C LEU E 186 14.33 -38.94 33.13
N SER E 187 13.49 -39.61 32.33
CA SER E 187 13.91 -40.74 31.52
C SER E 187 13.46 -40.53 30.09
N SER E 188 14.21 -41.11 29.16
CA SER E 188 13.84 -41.16 27.76
C SER E 188 13.96 -42.60 27.30
N VAL E 189 12.91 -43.12 26.65
CA VAL E 189 12.87 -44.53 26.26
C VAL E 189 12.49 -44.63 24.79
N VAL E 190 12.88 -45.74 24.18
CA VAL E 190 12.56 -46.08 22.80
C VAL E 190 12.22 -47.55 22.73
N THR E 191 11.20 -47.89 21.96
CA THR E 191 10.88 -49.28 21.63
C THR E 191 11.45 -49.63 20.26
N VAL E 192 12.17 -50.73 20.19
CA VAL E 192 12.87 -51.15 18.97
C VAL E 192 12.67 -52.65 18.77
N PRO E 193 12.92 -53.16 17.56
CA PRO E 193 12.85 -54.61 17.37
C PRO E 193 13.92 -55.32 18.17
N SER E 194 13.55 -56.47 18.75
CA SER E 194 14.49 -57.24 19.56
C SER E 194 15.59 -57.88 18.72
N SER E 195 15.30 -58.23 17.47
CA SER E 195 16.31 -58.85 16.62
C SER E 195 17.43 -57.89 16.24
N SER E 196 17.21 -56.58 16.37
CA SER E 196 18.22 -55.58 16.02
C SER E 196 19.13 -55.20 17.18
N LEU E 197 18.93 -55.77 18.37
CA LEU E 197 19.74 -55.41 19.51
C LEU E 197 21.21 -55.77 19.34
N GLY E 198 21.51 -56.86 18.63
CA GLY E 198 22.89 -57.25 18.44
C GLY E 198 23.63 -56.47 17.37
N THR E 199 22.91 -56.02 16.35
CA THR E 199 23.53 -55.38 15.19
C THR E 199 23.54 -53.86 15.26
N GLN E 200 22.55 -53.25 15.91
CA GLN E 200 22.36 -51.81 15.88
C GLN E 200 22.78 -51.19 17.21
N THR E 201 23.44 -50.04 17.13
CA THR E 201 23.86 -49.30 18.32
C THR E 201 22.86 -48.19 18.62
N TYR E 202 22.52 -48.04 19.89
CA TYR E 202 21.60 -47.02 20.36
C TYR E 202 22.33 -46.11 21.34
N ILE E 203 22.30 -44.80 21.05
CA ILE E 203 23.01 -43.81 21.85
C ILE E 203 22.07 -42.65 22.12
N CYS E 204 21.84 -42.35 23.39
CA CYS E 204 21.05 -41.19 23.76
C CYS E 204 21.97 -40.00 23.97
N ASN E 205 21.54 -38.83 23.52
CA ASN E 205 22.34 -37.61 23.55
C ASN E 205 21.67 -36.62 24.49
N VAL E 206 22.26 -36.43 25.66
CA VAL E 206 21.72 -35.54 26.67
C VAL E 206 22.53 -34.26 26.65
N ASN E 207 21.83 -33.13 26.55
CA ASN E 207 22.47 -31.82 26.52
C ASN E 207 21.86 -30.98 27.62
N HIS E 208 22.70 -30.37 28.44
CA HIS E 208 22.27 -29.54 29.58
C HIS E 208 23.00 -28.21 29.46
N LYS E 209 22.37 -27.26 28.75
CA LYS E 209 22.99 -25.97 28.53
C LYS E 209 23.28 -25.17 29.79
N PRO E 210 22.45 -25.18 30.84
CA PRO E 210 22.79 -24.39 32.04
C PRO E 210 24.14 -24.72 32.62
N SER E 211 24.63 -25.95 32.47
CA SER E 211 25.93 -26.34 32.96
C SER E 211 26.93 -26.62 31.84
N ASN E 212 26.53 -26.37 30.58
CA ASN E 212 27.39 -26.61 29.43
C ASN E 212 27.92 -28.05 29.43
N THR E 213 27.05 -28.98 29.78
CA THR E 213 27.37 -30.40 29.81
C THR E 213 26.58 -31.12 28.72
N LYS E 214 27.28 -31.93 27.94
CA LYS E 214 26.67 -32.76 26.90
C LYS E 214 27.14 -34.20 27.16
N VAL E 215 26.20 -35.14 27.25
CA VAL E 215 26.52 -36.52 27.60
C VAL E 215 25.96 -37.45 26.53
N ASP E 216 26.79 -38.37 26.05
CA ASP E 216 26.40 -39.39 25.07
C ASP E 216 26.59 -40.78 25.67
N LYS E 217 25.49 -41.46 25.95
CA LYS E 217 25.50 -42.77 26.60
C LYS E 217 25.09 -43.86 25.61
N ARG E 218 26.01 -44.80 25.37
CA ARG E 218 25.68 -45.97 24.55
C ARG E 218 24.92 -46.97 25.41
N VAL E 219 23.77 -47.41 24.93
CA VAL E 219 22.89 -48.32 25.67
C VAL E 219 23.02 -49.70 25.03
N GLU E 220 23.63 -50.62 25.76
CA GLU E 220 23.91 -51.98 25.30
C GLU E 220 23.09 -52.99 26.09
N PRO E 221 22.64 -54.07 25.45
CA PRO E 221 21.84 -55.06 26.16
C PRO E 221 22.64 -55.75 27.26
N LYS E 222 21.94 -56.16 28.31
CA LYS E 222 22.56 -56.87 29.43
C LYS E 222 21.98 -58.27 29.56
N ALA F 1 -9.62 -11.00 45.66
CA ALA F 1 -9.48 -11.26 44.23
C ALA F 1 -10.64 -12.09 43.70
N ILE F 2 -10.99 -11.86 42.44
CA ILE F 2 -12.07 -12.59 41.80
C ILE F 2 -11.58 -13.98 41.41
N GLN F 3 -12.33 -15.00 41.83
CA GLN F 3 -11.98 -16.38 41.50
C GLN F 3 -12.67 -16.79 40.21
N MET F 4 -11.93 -17.46 39.34
CA MET F 4 -12.42 -17.90 38.05
C MET F 4 -12.34 -19.42 38.01
N THR F 5 -13.50 -20.07 37.88
CA THR F 5 -13.60 -21.52 37.94
C THR F 5 -14.11 -22.03 36.60
N GLN F 6 -13.33 -22.89 35.96
CA GLN F 6 -13.71 -23.48 34.68
C GLN F 6 -14.24 -24.89 34.88
N SER F 7 -15.07 -25.32 33.93
CA SER F 7 -15.66 -26.65 33.96
C SER F 7 -15.86 -27.12 32.53
N PRO F 8 -15.43 -28.34 32.19
CA PRO F 8 -14.71 -29.24 33.11
C PRO F 8 -13.22 -28.93 33.14
N SER F 9 -12.47 -29.64 33.98
CA SER F 9 -11.02 -29.45 33.99
C SER F 9 -10.36 -30.10 32.78
N SER F 10 -10.93 -31.21 32.29
CA SER F 10 -10.45 -31.83 31.07
C SER F 10 -11.61 -32.55 30.42
N LEU F 11 -11.45 -32.83 29.12
CA LEU F 11 -12.46 -33.56 28.38
C LEU F 11 -11.83 -34.15 27.14
N SER F 12 -12.35 -35.29 26.72
CA SER F 12 -11.90 -35.96 25.50
C SER F 12 -12.99 -35.83 24.44
N ALA F 13 -12.56 -35.54 23.21
CA ALA F 13 -13.50 -35.36 22.11
C ALA F 13 -12.87 -35.87 20.83
N SER F 14 -13.67 -35.89 19.77
CA SER F 14 -13.24 -36.33 18.45
C SER F 14 -13.40 -35.18 17.45
N VAL F 15 -12.67 -35.29 16.34
CA VAL F 15 -12.80 -34.29 15.28
C VAL F 15 -14.24 -34.25 14.78
N GLY F 16 -14.81 -33.05 14.75
CA GLY F 16 -16.18 -32.86 14.36
C GLY F 16 -17.14 -32.63 15.51
N ASP F 17 -16.73 -32.96 16.73
CA ASP F 17 -17.59 -32.79 17.88
C ASP F 17 -17.83 -31.31 18.20
N ARG F 18 -18.92 -31.04 18.89
CA ARG F 18 -19.22 -29.72 19.42
C ARG F 18 -18.79 -29.68 20.87
N VAL F 19 -17.84 -28.81 21.19
CA VAL F 19 -17.24 -28.73 22.52
C VAL F 19 -17.69 -27.45 23.20
N THR F 20 -18.07 -27.57 24.47
CA THR F 20 -18.53 -26.44 25.26
C THR F 20 -17.79 -26.41 26.59
N ILE F 21 -17.07 -25.32 26.84
CA ILE F 21 -16.37 -25.09 28.09
C ILE F 21 -17.06 -23.94 28.82
N THR F 22 -17.20 -24.07 30.14
CA THR F 22 -17.86 -23.05 30.94
C THR F 22 -16.86 -22.41 31.91
N CYS F 23 -17.10 -21.13 32.20
CA CYS F 23 -16.26 -20.35 33.10
C CYS F 23 -17.19 -19.57 34.01
N ARG F 24 -16.98 -19.69 35.32
CA ARG F 24 -17.82 -19.05 36.32
C ARG F 24 -16.96 -18.16 37.21
N ALA F 25 -17.51 -17.00 37.58
CA ALA F 25 -16.78 -15.97 38.30
C ALA F 25 -17.38 -15.76 39.67
N SER F 26 -16.51 -15.55 40.67
CA SER F 26 -16.98 -15.37 42.04
C SER F 26 -17.78 -14.07 42.20
N GLN F 27 -17.53 -13.08 41.36
CA GLN F 27 -18.27 -11.83 41.36
C GLN F 27 -18.71 -11.51 39.93
N GLY F 28 -19.62 -10.56 39.82
CA GLY F 28 -20.06 -10.11 38.50
C GLY F 28 -18.96 -9.32 37.81
N ILE F 29 -18.72 -9.64 36.54
CA ILE F 29 -17.66 -8.99 35.79
C ILE F 29 -18.20 -8.48 34.46
N SER F 30 -19.53 -8.37 34.36
CA SER F 30 -20.20 -7.93 33.14
C SER F 30 -19.74 -8.73 31.92
N SER F 31 -19.06 -8.06 30.98
CA SER F 31 -18.54 -8.72 29.80
C SER F 31 -17.02 -8.66 29.71
N ASP F 32 -16.35 -8.19 30.76
CA ASP F 32 -14.89 -8.04 30.75
C ASP F 32 -14.23 -9.40 30.98
N LEU F 33 -14.31 -10.25 29.95
CA LEU F 33 -13.81 -11.61 30.03
C LEU F 33 -13.15 -12.00 28.71
N ALA F 34 -12.00 -12.66 28.81
CA ALA F 34 -11.25 -13.12 27.65
C ALA F 34 -11.09 -14.64 27.69
N TRP F 35 -10.78 -15.20 26.52
CA TRP F 35 -10.48 -16.62 26.36
C TRP F 35 -9.17 -16.78 25.62
N TYR F 36 -8.34 -17.71 26.10
CA TYR F 36 -7.04 -17.98 25.49
C TYR F 36 -6.91 -19.45 25.15
N GLN F 37 -6.10 -19.73 24.13
CA GLN F 37 -5.67 -21.09 23.80
C GLN F 37 -4.17 -21.19 23.98
N GLN F 38 -3.72 -22.25 24.66
CA GLN F 38 -2.31 -22.50 24.87
C GLN F 38 -1.98 -23.94 24.50
N LYS F 39 -0.94 -24.12 23.71
CA LYS F 39 -0.37 -25.41 23.37
C LYS F 39 0.92 -25.63 24.13
N PRO F 40 1.28 -26.88 24.42
CA PRO F 40 2.46 -27.15 25.27
C PRO F 40 3.73 -26.45 24.78
N GLY F 41 4.37 -25.72 25.69
CA GLY F 41 5.60 -25.04 25.37
C GLY F 41 5.45 -23.78 24.54
N LYS F 42 4.26 -23.17 24.53
CA LYS F 42 4.03 -21.98 23.74
C LYS F 42 3.26 -20.96 24.57
N ALA F 43 3.36 -19.71 24.15
CA ALA F 43 2.60 -18.66 24.80
C ALA F 43 1.11 -18.78 24.45
N PRO F 44 0.23 -18.32 25.32
CA PRO F 44 -1.20 -18.32 25.01
C PRO F 44 -1.50 -17.42 23.82
N LYS F 45 -2.59 -17.74 23.12
CA LYS F 45 -3.09 -16.94 22.01
C LYS F 45 -4.51 -16.51 22.32
N LEU F 46 -4.76 -15.20 22.20
CA LEU F 46 -6.07 -14.67 22.55
C LEU F 46 -7.09 -15.04 21.48
N LEU F 47 -8.20 -15.63 21.91
CA LEU F 47 -9.27 -16.07 21.01
C LEU F 47 -10.48 -15.16 21.05
N ILE F 48 -10.89 -14.72 22.23
CA ILE F 48 -12.16 -14.01 22.40
C ILE F 48 -11.97 -12.99 23.51
N TYR F 49 -12.49 -11.79 23.28
CA TYR F 49 -12.52 -10.73 24.27
C TYR F 49 -13.93 -10.17 24.35
N ASP F 50 -14.19 -9.39 25.40
CA ASP F 50 -15.52 -8.82 25.64
C ASP F 50 -16.59 -9.91 25.66
N ALA F 51 -16.21 -11.09 26.17
CA ALA F 51 -17.10 -12.24 26.37
C ALA F 51 -17.55 -12.87 25.05
N SER F 52 -17.72 -12.08 23.99
CA SER F 52 -18.28 -12.62 22.77
C SER F 52 -17.66 -12.06 21.49
N SER F 53 -16.62 -11.23 21.58
CA SER F 53 -15.99 -10.66 20.39
C SER F 53 -14.86 -11.57 19.94
N LEU F 54 -14.93 -12.00 18.68
CA LEU F 54 -13.95 -12.93 18.12
C LEU F 54 -12.69 -12.16 17.72
N GLN F 55 -11.57 -12.51 18.33
CA GLN F 55 -10.30 -11.88 17.99
C GLN F 55 -9.98 -12.12 16.51
N SER F 56 -9.38 -11.11 15.88
CA SER F 56 -9.02 -11.19 14.47
C SER F 56 -8.11 -12.37 14.19
N GLY F 57 -8.42 -13.12 13.13
CA GLY F 57 -7.63 -14.27 12.73
C GLY F 57 -8.07 -15.59 13.32
N VAL F 58 -9.00 -15.59 14.27
CA VAL F 58 -9.48 -16.82 14.88
C VAL F 58 -10.60 -17.41 14.01
N PRO F 59 -10.58 -18.71 13.75
CA PRO F 59 -11.63 -19.31 12.92
C PRO F 59 -13.02 -19.11 13.52
N SER F 60 -14.03 -19.11 12.65
CA SER F 60 -15.39 -18.80 13.06
C SER F 60 -16.05 -19.95 13.81
N ARG F 61 -15.44 -21.13 13.85
CA ARG F 61 -15.96 -22.20 14.69
C ARG F 61 -15.84 -21.90 16.17
N PHE F 62 -15.05 -20.89 16.55
CA PHE F 62 -14.96 -20.44 17.92
C PHE F 62 -15.99 -19.35 18.17
N SER F 63 -16.55 -19.34 19.38
CA SER F 63 -17.53 -18.34 19.76
C SER F 63 -17.70 -18.36 21.27
N GLY F 64 -17.92 -17.19 21.84
CA GLY F 64 -18.17 -17.08 23.27
C GLY F 64 -19.48 -16.39 23.57
N SER F 65 -19.98 -16.57 24.79
CA SER F 65 -21.23 -15.93 25.21
C SER F 65 -21.26 -15.87 26.72
N GLY F 66 -22.24 -15.13 27.23
CA GLY F 66 -22.43 -14.99 28.66
C GLY F 66 -22.14 -13.58 29.13
N SER F 67 -22.66 -13.26 30.32
CA SER F 67 -22.43 -11.97 30.95
C SER F 67 -22.70 -12.12 32.44
N GLY F 68 -22.08 -11.24 33.22
CA GLY F 68 -22.23 -11.29 34.66
C GLY F 68 -21.26 -12.22 35.34
N THR F 69 -21.68 -13.47 35.57
CA THR F 69 -20.85 -14.44 36.26
C THR F 69 -20.68 -15.77 35.53
N ASP F 70 -21.48 -16.05 34.50
CA ASP F 70 -21.44 -17.33 33.81
C ASP F 70 -21.13 -17.09 32.34
N PHE F 71 -20.08 -17.75 31.84
CA PHE F 71 -19.61 -17.59 30.48
C PHE F 71 -19.33 -18.96 29.89
N THR F 72 -19.44 -19.06 28.56
CA THR F 72 -19.22 -20.31 27.85
C THR F 72 -18.38 -20.07 26.61
N LEU F 73 -17.39 -20.94 26.39
CA LEU F 73 -16.65 -21.03 25.15
C LEU F 73 -17.14 -22.24 24.37
N THR F 74 -17.38 -22.07 23.08
CA THR F 74 -17.94 -23.12 22.25
C THR F 74 -17.10 -23.29 21.00
N ILE F 75 -16.79 -24.54 20.66
CA ILE F 75 -16.18 -24.90 19.39
C ILE F 75 -17.19 -25.74 18.63
N SER F 76 -17.72 -25.18 17.54
CA SER F 76 -18.84 -25.82 16.85
C SER F 76 -18.44 -27.16 16.23
N SER F 77 -17.31 -27.19 15.53
CA SER F 77 -16.79 -28.42 14.92
C SER F 77 -15.31 -28.52 15.24
N LEU F 78 -14.96 -29.40 16.17
CA LEU F 78 -13.59 -29.52 16.62
C LEU F 78 -12.67 -29.96 15.48
N GLN F 79 -11.53 -29.31 15.37
CA GLN F 79 -10.52 -29.60 14.36
C GLN F 79 -9.25 -30.12 15.01
N PRO F 80 -8.39 -30.81 14.26
CA PRO F 80 -7.17 -31.38 14.86
C PRO F 80 -6.30 -30.38 15.58
N GLU F 81 -6.14 -29.17 15.05
CA GLU F 81 -5.29 -28.18 15.70
C GLU F 81 -5.97 -27.47 16.86
N ASP F 82 -7.19 -27.86 17.22
CA ASP F 82 -7.90 -27.25 18.33
C ASP F 82 -7.69 -27.98 19.66
N PHE F 83 -7.05 -29.16 19.64
CA PHE F 83 -6.74 -29.87 20.87
C PHE F 83 -5.65 -29.14 21.63
N ALA F 84 -5.99 -28.66 22.83
CA ALA F 84 -5.10 -27.79 23.61
C ALA F 84 -5.75 -27.49 24.96
N THR F 85 -5.15 -26.56 25.71
CA THR F 85 -5.72 -26.09 26.96
C THR F 85 -6.31 -24.70 26.74
N TYR F 86 -7.44 -24.43 27.38
CA TYR F 86 -8.16 -23.18 27.21
C TYR F 86 -8.37 -22.52 28.56
N TYR F 87 -8.08 -21.23 28.63
CA TYR F 87 -8.17 -20.45 29.86
C TYR F 87 -9.14 -19.29 29.67
N CYS F 88 -9.92 -19.00 30.70
CA CYS F 88 -10.64 -17.74 30.75
C CYS F 88 -9.91 -16.76 31.66
N GLN F 89 -10.14 -15.47 31.44
CA GLN F 89 -9.47 -14.45 32.21
C GLN F 89 -10.37 -13.23 32.31
N GLN F 90 -10.61 -12.77 33.54
CA GLN F 90 -11.36 -11.55 33.75
C GLN F 90 -10.41 -10.37 33.80
N TYR F 91 -10.78 -9.29 33.12
CA TYR F 91 -10.10 -8.01 33.23
C TYR F 91 -11.03 -6.93 33.76
N TRP F 92 -12.03 -7.36 34.54
CA TRP F 92 -12.98 -6.42 35.13
C TRP F 92 -12.30 -5.52 36.16
N TRP F 93 -11.53 -6.12 37.06
CA TRP F 93 -10.84 -5.35 38.08
C TRP F 93 -9.57 -6.08 38.50
N TYR F 94 -8.69 -5.36 39.17
CA TYR F 94 -7.37 -5.86 39.57
C TYR F 94 -7.46 -6.58 40.92
N PRO F 95 -6.69 -7.66 41.11
CA PRO F 95 -5.76 -8.23 40.13
C PRO F 95 -6.46 -9.08 39.07
N PHE F 96 -5.99 -8.97 37.82
CA PHE F 96 -6.49 -9.84 36.77
C PHE F 96 -6.22 -11.31 37.12
N THR F 97 -7.22 -12.15 36.91
CA THR F 97 -7.15 -13.55 37.32
C THR F 97 -7.55 -14.45 36.17
N PHE F 98 -6.82 -15.55 36.00
CA PHE F 98 -7.12 -16.58 35.02
C PHE F 98 -7.89 -17.71 35.67
N GLY F 99 -8.55 -18.50 34.82
CA GLY F 99 -9.10 -19.77 35.26
C GLY F 99 -8.03 -20.84 35.34
N GLN F 100 -8.39 -21.96 35.97
CA GLN F 100 -7.40 -23.03 36.14
C GLN F 100 -7.09 -23.76 34.85
N GLY F 101 -7.88 -23.56 33.80
CA GLY F 101 -7.63 -24.17 32.52
C GLY F 101 -8.53 -25.36 32.25
N THR F 102 -8.69 -25.66 30.96
CA THR F 102 -9.45 -26.83 30.51
C THR F 102 -8.69 -27.47 29.36
N LYS F 103 -8.22 -28.70 29.56
CA LYS F 103 -7.44 -29.41 28.55
C LYS F 103 -8.40 -30.23 27.69
N VAL F 104 -8.37 -29.99 26.38
CA VAL F 104 -9.21 -30.70 25.42
C VAL F 104 -8.33 -31.75 24.74
N GLU F 105 -8.50 -33.00 25.14
CA GLU F 105 -7.73 -34.12 24.60
C GLU F 105 -8.54 -34.88 23.56
N ILE F 106 -7.82 -35.69 22.77
CA ILE F 106 -8.42 -36.44 21.67
C ILE F 106 -8.83 -37.84 22.14
N LYS F 107 -10.07 -38.21 21.84
CA LYS F 107 -10.63 -39.49 22.27
C LYS F 107 -10.22 -40.59 21.30
N ARG F 108 -9.94 -41.78 21.84
CA ARG F 108 -9.68 -42.95 21.02
C ARG F 108 -10.15 -44.19 21.78
N THR F 109 -10.00 -45.34 21.14
CA THR F 109 -10.38 -46.60 21.76
C THR F 109 -9.37 -46.99 22.84
N VAL F 110 -9.82 -47.85 23.76
CA VAL F 110 -8.97 -48.28 24.87
C VAL F 110 -7.80 -49.08 24.33
N ALA F 111 -6.64 -48.92 24.97
CA ALA F 111 -5.43 -49.64 24.59
C ALA F 111 -4.66 -50.01 25.85
N ALA F 112 -4.27 -51.28 25.94
CA ALA F 112 -3.56 -51.76 27.12
C ALA F 112 -2.08 -51.42 27.01
N PRO F 113 -1.45 -51.03 28.12
CA PRO F 113 -0.03 -50.68 28.07
C PRO F 113 0.84 -51.91 27.91
N SER F 114 1.94 -51.75 27.18
CA SER F 114 3.04 -52.71 27.21
C SER F 114 3.95 -52.34 28.37
N VAL F 115 4.13 -53.27 29.31
CA VAL F 115 4.79 -53.00 30.58
C VAL F 115 6.21 -53.56 30.54
N PHE F 116 7.18 -52.70 30.86
CA PHE F 116 8.59 -53.06 30.94
C PHE F 116 9.15 -52.60 32.28
N ILE F 117 10.07 -53.39 32.83
CA ILE F 117 10.71 -53.05 34.09
C ILE F 117 12.23 -53.10 33.89
N PHE F 118 12.95 -52.18 34.54
CA PHE F 118 14.39 -52.06 34.37
C PHE F 118 15.07 -52.08 35.73
N PRO F 119 15.99 -53.00 35.98
CA PRO F 119 16.80 -52.93 37.19
C PRO F 119 17.75 -51.75 37.14
N PRO F 120 18.24 -51.28 38.28
CA PRO F 120 19.25 -50.23 38.25
C PRO F 120 20.54 -50.75 37.64
N SER F 121 21.24 -49.86 36.95
CA SER F 121 22.52 -50.22 36.37
C SER F 121 23.55 -50.44 37.47
N ASP F 122 24.53 -51.30 37.18
CA ASP F 122 25.67 -51.44 38.08
C ASP F 122 26.41 -50.11 38.26
N GLU F 123 26.41 -49.28 37.22
CA GLU F 123 27.09 -47.99 37.30
C GLU F 123 26.46 -47.08 38.36
N GLN F 124 25.13 -47.13 38.47
CA GLN F 124 24.44 -46.22 39.44
C GLN F 124 24.60 -46.77 40.86
N LEU F 125 24.68 -48.10 41.01
CA LEU F 125 24.74 -48.69 42.37
C LEU F 125 26.00 -48.20 43.09
N LYS F 126 27.10 -48.05 42.35
CA LYS F 126 28.34 -47.50 42.95
C LYS F 126 28.00 -46.22 43.72
N SER F 127 27.24 -45.32 43.10
CA SER F 127 26.90 -44.06 43.76
C SER F 127 26.12 -44.26 45.06
N GLY F 128 25.70 -45.47 45.38
CA GLY F 128 25.00 -45.75 46.61
C GLY F 128 23.50 -45.55 46.56
N THR F 129 22.92 -45.31 45.39
CA THR F 129 21.47 -45.28 45.23
C THR F 129 21.07 -46.23 44.11
N ALA F 130 19.80 -46.62 44.14
CA ALA F 130 19.24 -47.58 43.18
C ALA F 130 17.92 -47.05 42.67
N SER F 131 17.85 -46.80 41.37
CA SER F 131 16.61 -46.36 40.71
C SER F 131 16.05 -47.52 39.91
N VAL F 132 14.86 -47.98 40.29
CA VAL F 132 14.14 -49.01 39.54
C VAL F 132 13.02 -48.32 38.75
N VAL F 133 12.93 -48.63 37.45
CA VAL F 133 12.08 -47.89 36.52
C VAL F 133 11.06 -48.86 35.90
N CYS F 134 9.80 -48.45 35.91
CA CYS F 134 8.70 -49.17 35.28
C CYS F 134 8.13 -48.34 34.15
N LEU F 135 8.03 -48.94 32.96
CA LEU F 135 7.56 -48.24 31.76
C LEU F 135 6.20 -48.77 31.35
N LEU F 136 5.22 -47.88 31.23
CA LEU F 136 3.92 -48.18 30.65
C LEU F 136 3.85 -47.48 29.31
N ASN F 137 3.82 -48.25 28.23
CA ASN F 137 4.00 -47.71 26.88
C ASN F 137 2.71 -47.83 26.08
N ASN F 138 2.26 -46.69 25.53
CA ASN F 138 1.18 -46.62 24.55
C ASN F 138 -0.12 -47.24 25.08
N PHE F 139 -0.74 -46.52 26.01
CA PHE F 139 -1.99 -46.95 26.60
C PHE F 139 -3.00 -45.80 26.55
N TYR F 140 -4.28 -46.17 26.68
CA TYR F 140 -5.37 -45.21 26.70
C TYR F 140 -6.52 -45.88 27.44
N PRO F 141 -7.23 -45.14 28.32
CA PRO F 141 -7.03 -43.73 28.61
C PRO F 141 -5.90 -43.46 29.61
N ARG F 142 -5.81 -42.23 30.10
CA ARG F 142 -4.67 -41.84 30.93
C ARG F 142 -4.69 -42.54 32.28
N GLU F 143 -5.86 -42.87 32.80
CA GLU F 143 -5.97 -43.43 34.14
C GLU F 143 -5.32 -44.81 34.19
N ALA F 144 -4.44 -45.00 35.17
CA ALA F 144 -3.76 -46.27 35.38
C ALA F 144 -3.11 -46.29 36.76
N LYS F 145 -3.34 -47.36 37.52
CA LYS F 145 -2.75 -47.51 38.84
C LYS F 145 -1.45 -48.29 38.74
N VAL F 146 -0.38 -47.74 39.31
CA VAL F 146 0.91 -48.40 39.36
C VAL F 146 1.23 -48.67 40.82
N GLN F 147 1.77 -49.86 41.10
CA GLN F 147 2.03 -50.28 42.46
C GLN F 147 3.32 -51.08 42.48
N TRP F 148 4.29 -50.62 43.28
CA TRP F 148 5.57 -51.29 43.41
C TRP F 148 5.51 -52.35 44.51
N LYS F 149 6.21 -53.46 44.27
CA LYS F 149 6.33 -54.55 45.22
C LYS F 149 7.78 -54.99 45.30
N VAL F 150 8.31 -55.07 46.51
CA VAL F 150 9.66 -55.54 46.78
C VAL F 150 9.56 -56.74 47.70
N ASP F 151 9.93 -57.92 47.19
CA ASP F 151 9.67 -59.19 47.88
C ASP F 151 8.24 -59.26 48.40
N ASN F 152 7.29 -58.83 47.57
CA ASN F 152 5.85 -58.80 47.81
C ASN F 152 5.41 -57.72 48.79
N ALA F 153 6.33 -56.95 49.34
CA ALA F 153 5.97 -55.85 50.23
C ALA F 153 5.47 -54.67 49.40
N LEU F 154 4.27 -54.20 49.70
CA LEU F 154 3.68 -53.07 48.99
C LEU F 154 4.42 -51.78 49.35
N GLN F 155 4.90 -51.08 48.33
CA GLN F 155 5.71 -49.90 48.55
C GLN F 155 4.84 -48.64 48.54
N SER F 156 5.30 -47.61 49.24
CA SER F 156 4.61 -46.34 49.26
C SER F 156 5.60 -45.24 49.64
N GLY F 157 5.38 -44.06 49.08
CA GLY F 157 6.19 -42.90 49.41
C GLY F 157 7.55 -42.83 48.75
N ASN F 158 8.01 -43.91 48.11
CA ASN F 158 9.34 -43.97 47.53
C ASN F 158 9.32 -44.09 46.01
N SER F 159 8.29 -43.54 45.36
CA SER F 159 8.19 -43.60 43.90
C SER F 159 7.59 -42.30 43.39
N GLN F 160 7.91 -41.99 42.13
CA GLN F 160 7.38 -40.82 41.45
C GLN F 160 7.00 -41.21 40.03
N GLU F 161 6.02 -40.49 39.47
CA GLU F 161 5.49 -40.81 38.15
C GLU F 161 5.65 -39.61 37.22
N SER F 162 5.58 -39.91 35.92
CA SER F 162 5.69 -38.90 34.88
C SER F 162 4.96 -39.42 33.65
N VAL F 163 4.14 -38.55 33.04
CA VAL F 163 3.31 -38.94 31.90
C VAL F 163 3.63 -38.03 30.73
N THR F 164 3.73 -38.61 29.54
CA THR F 164 3.88 -37.83 28.32
C THR F 164 2.54 -37.23 27.90
N GLU F 165 2.61 -36.30 26.97
CA GLU F 165 1.40 -35.82 26.32
C GLU F 165 0.93 -36.87 25.31
N GLN F 166 -0.26 -36.68 24.77
CA GLN F 166 -0.79 -37.62 23.80
C GLN F 166 0.12 -37.68 22.58
N ASP F 167 0.45 -38.91 22.17
CA ASP F 167 1.30 -39.10 21.01
C ASP F 167 0.62 -38.56 19.77
N SER F 168 1.40 -37.91 18.91
CA SER F 168 0.85 -37.29 17.71
C SER F 168 0.33 -38.32 16.72
N LYS F 169 0.86 -39.55 16.76
CA LYS F 169 0.52 -40.53 15.74
C LYS F 169 -0.64 -41.43 16.15
N ASP F 170 -0.65 -41.95 17.38
CA ASP F 170 -1.70 -42.86 17.81
C ASP F 170 -2.50 -42.37 19.01
N SER F 171 -2.22 -41.17 19.53
CA SER F 171 -3.01 -40.51 20.57
C SER F 171 -2.97 -41.25 21.90
N THR F 172 -1.99 -42.12 22.11
CA THR F 172 -1.87 -42.82 23.38
C THR F 172 -0.99 -42.03 24.34
N TYR F 173 -0.96 -42.49 25.59
CA TYR F 173 -0.07 -41.95 26.61
C TYR F 173 1.00 -42.98 26.94
N SER F 174 2.06 -42.49 27.57
CA SER F 174 3.10 -43.35 28.12
C SER F 174 3.45 -42.82 29.50
N LEU F 175 3.83 -43.74 30.39
CA LEU F 175 4.04 -43.42 31.78
C LEU F 175 5.30 -44.13 32.27
N SER F 176 5.99 -43.48 33.20
CA SER F 176 7.17 -44.05 33.83
C SER F 176 7.06 -43.84 35.34
N SER F 177 7.37 -44.89 36.09
CA SER F 177 7.37 -44.84 37.54
C SER F 177 8.75 -45.25 38.02
N THR F 178 9.38 -44.40 38.82
CA THR F 178 10.74 -44.62 39.29
C THR F 178 10.72 -44.91 40.78
N LEU F 179 11.14 -46.12 41.16
CA LEU F 179 11.31 -46.49 42.56
C LEU F 179 12.75 -46.22 42.96
N THR F 180 12.95 -45.40 43.99
CA THR F 180 14.27 -45.01 44.45
C THR F 180 14.57 -45.70 45.77
N LEU F 181 15.68 -46.44 45.82
CA LEU F 181 16.11 -47.13 47.02
C LEU F 181 17.59 -46.83 47.26
N SER F 182 18.03 -47.09 48.48
CA SER F 182 19.45 -47.07 48.75
C SER F 182 20.09 -48.37 48.25
N LYS F 183 21.39 -48.30 47.97
CA LYS F 183 22.10 -49.51 47.56
C LYS F 183 21.97 -50.60 48.62
N ALA F 184 22.02 -50.23 49.90
CA ALA F 184 21.91 -51.22 50.96
C ALA F 184 20.54 -51.90 50.96
N ASP F 185 19.46 -51.12 50.83
CA ASP F 185 18.13 -51.70 50.78
C ASP F 185 17.93 -52.53 49.53
N TYR F 186 18.44 -52.05 48.39
CA TYR F 186 18.26 -52.78 47.13
C TYR F 186 18.93 -54.15 47.20
N GLU F 187 20.13 -54.23 47.76
CA GLU F 187 20.84 -55.51 47.84
C GLU F 187 20.25 -56.45 48.88
N LYS F 188 19.35 -55.96 49.75
CA LYS F 188 18.72 -56.79 50.76
C LYS F 188 17.56 -57.64 50.24
N HIS F 189 17.05 -57.34 49.04
CA HIS F 189 15.85 -57.99 48.55
C HIS F 189 16.11 -58.58 47.16
N LYS F 190 15.23 -59.49 46.77
CA LYS F 190 15.42 -60.28 45.56
C LYS F 190 14.44 -59.94 44.45
N VAL F 191 13.13 -59.91 44.75
CA VAL F 191 12.12 -59.79 43.73
C VAL F 191 11.61 -58.36 43.72
N TYR F 192 11.66 -57.72 42.55
CA TYR F 192 11.15 -56.37 42.36
C TYR F 192 10.08 -56.44 41.28
N ALA F 193 8.89 -55.94 41.60
CA ALA F 193 7.74 -56.11 40.74
C ALA F 193 7.01 -54.79 40.57
N CYS F 194 6.48 -54.59 39.36
CA CYS F 194 5.67 -53.43 39.01
C CYS F 194 4.30 -53.95 38.56
N GLU F 195 3.25 -53.54 39.28
CA GLU F 195 1.89 -54.00 39.02
C GLU F 195 1.07 -52.86 38.47
N VAL F 196 0.50 -53.05 37.28
CA VAL F 196 -0.28 -52.03 36.60
C VAL F 196 -1.73 -52.51 36.48
N THR F 197 -2.66 -51.66 36.91
CA THR F 197 -4.08 -51.98 36.89
C THR F 197 -4.81 -51.02 35.96
N GLN F 198 -5.63 -51.58 35.08
CA GLN F 198 -6.44 -50.80 34.15
C GLN F 198 -7.72 -51.58 33.91
N GLY F 199 -8.84 -51.03 34.35
CA GLY F 199 -10.10 -51.75 34.24
C GLY F 199 -10.08 -53.00 35.08
N THR F 200 -10.52 -54.12 34.49
CA THR F 200 -10.58 -55.40 35.17
C THR F 200 -9.29 -56.21 35.02
N THR F 201 -8.20 -55.58 34.61
CA THR F 201 -6.96 -56.27 34.32
C THR F 201 -5.82 -55.68 35.14
N SER F 202 -5.10 -56.55 35.85
CA SER F 202 -3.86 -56.20 36.51
C SER F 202 -2.74 -56.99 35.86
N VAL F 203 -1.63 -56.32 35.55
CA VAL F 203 -0.48 -56.93 34.91
C VAL F 203 0.74 -56.62 35.76
N THR F 204 1.51 -57.65 36.08
CA THR F 204 2.69 -57.51 36.92
C THR F 204 3.90 -57.99 36.14
N LYS F 205 4.92 -57.15 36.06
CA LYS F 205 6.19 -57.47 35.44
C LYS F 205 7.26 -57.34 36.49
N SER F 206 8.16 -58.31 36.56
CA SER F 206 9.10 -58.37 37.66
C SER F 206 10.45 -58.91 37.18
N PHE F 207 11.44 -58.78 38.04
CA PHE F 207 12.76 -59.36 37.82
C PHE F 207 13.32 -59.77 39.16
N ASN F 208 14.38 -60.58 39.10
CA ASN F 208 15.08 -61.03 40.29
C ASN F 208 16.47 -60.44 40.29
N ARG F 209 16.84 -59.77 41.38
CA ARG F 209 18.15 -59.14 41.46
C ARG F 209 19.24 -60.18 41.28
N GLY F 210 20.12 -59.96 40.31
CA GLY F 210 21.18 -60.91 40.04
C GLY F 210 20.91 -61.88 38.92
N GLU F 211 19.90 -61.64 38.08
CA GLU F 211 19.56 -62.56 37.00
C GLU F 211 19.09 -61.80 35.76
#